data_3W3K
#
_entry.id   3W3K
#
_cell.length_a   72.410
_cell.length_b   154.020
_cell.length_c   86.860
_cell.angle_alpha   90.000
_cell.angle_beta   103.030
_cell.angle_gamma   90.000
#
_symmetry.space_group_name_H-M   'P 1 21 1'
#
loop_
_entity.id
_entity.type
_entity.pdbx_description
1 polymer 'Toll-like receptor 8'
2 branched alpha-D-mannopyranose-(1-3)-[alpha-D-mannopyranose-(1-6)]beta-D-mannopyranose-(1-4)-2-acetamido-2-deoxy-beta-D-glucopyranose-(1-4)-2-acetamido-2-deoxy-beta-D-glucopyranose
3 branched beta-D-mannopyranose-(1-4)-2-acetamido-2-deoxy-beta-D-glucopyranose-(1-4)-2-acetamido-2-deoxy-beta-D-glucopyranose
4 branched 2-acetamido-2-deoxy-beta-D-glucopyranose-(1-4)-2-acetamido-2-deoxy-beta-D-glucopyranose
5 non-polymer 2-propyl[1,3]thiazolo[4,5-c]quinolin-4-amine
6 non-polymer 2-acetamido-2-deoxy-beta-D-glucopyranose
7 water water
#
_entity_poly.entity_id   1
_entity_poly.type   'polypeptide(L)'
_entity_poly.pdbx_seq_one_letter_code
;RSPWEENFSRSYPCDEKKQNDSVIAECSNRRLQEVPQTVGKYVTELDLSDNFITHITNESFQGLQNLTKINLNHNPNVQH
QNGNPGIQSNGLNITDGAFLNLKNLRELLLEDNQLPQIPSGLPESLTELSLIQNNIYNITKEGISRLINLKNLYLAWNCY
FNKVCEKTNIEDGVFETLTNLELLSLSFNSLSHVPPKLPSSLRKLFLSNTQIKYISEEDFKGLINLTLLDLSGNCPRCFN
APFPCVPCDGGASINIDRFAFQNLTQLRYLNLSSTSLRKINAAWFKNMPHLKVLDLEFNYLVGEIASGAFLTMLPRLEIL
DLSFNYIKGSYPQHINISRNFSKLLSLRALHLRGYVFQELREDDFQPLMQLPNLSTINLGINFIKQIDFKLFQNFSNLEI
IYLSENRISPLVKDTRQSYANSSSFQRHIRKRRSTDFEFDPHSNFYHFTRPLIKPQCAAYGKALDLSLNSIFFIGPNQFE
NLPDIACLNLSANSNAQVLSGTEFSAIPHVKYLDLTNNRLDFDNASALTELSDLEVLDLSYNSHYFRIAGVTHHLEFIQN
FTNLKVLNLSHNNIYTLTDKYNLESKSLVELVFSGNRLDILWNDDDNRYISIFKGLKNLTRLDLSLNRLKHIPNEAFLNL
PASLTELHINDNMLKFFNWTLLQQFPRLELLDLRGNKLLFLTDSLSDFTSSLRTLLLSHNRISHLPSGFLSEVSSLKHLD
LSSNLLKTINKSALETKTTTKLSMLELHGNPFECTCDIGDFRRWMDEHLNVKIPRLVDVICASPGDQRGKSIVSLELTTC
VSDVTEFLVPR
;
_entity_poly.pdbx_strand_id   A,B
#
# COMPACT_ATOMS: atom_id res chain seq x y z
N SER A 9 7.36 2.21 44.54
CA SER A 9 6.41 2.91 43.69
C SER A 9 7.10 3.52 42.46
N ARG A 10 6.64 3.12 41.28
CA ARG A 10 7.16 3.68 40.03
C ARG A 10 6.54 5.05 39.79
N SER A 11 7.20 5.88 39.00
CA SER A 11 6.67 7.20 38.69
C SER A 11 5.39 7.10 37.85
N TYR A 12 4.53 8.09 37.99
CA TYR A 12 3.24 8.10 37.34
C TYR A 12 2.58 9.45 37.61
N PRO A 13 1.95 10.05 36.59
CA PRO A 13 1.85 9.60 35.19
C PRO A 13 3.13 9.75 34.37
N CYS A 14 4.05 10.59 34.85
CA CYS A 14 5.28 10.84 34.10
C CYS A 14 6.22 9.64 34.06
N ASP A 15 7.11 9.61 33.07
CA ASP A 15 8.23 8.69 33.07
C ASP A 15 9.45 9.51 33.48
N GLU A 16 9.93 9.29 34.70
CA GLU A 16 11.12 9.98 35.20
C GLU A 16 12.37 9.17 34.89
N LYS A 17 13.40 9.84 34.38
CA LYS A 17 14.64 9.15 34.04
C LYS A 17 15.86 10.06 34.19
N VAL A 23 17.73 15.11 36.00
CA VAL A 23 16.64 14.16 35.82
C VAL A 23 15.41 14.85 35.25
N ILE A 24 14.87 14.30 34.16
CA ILE A 24 13.71 14.87 33.48
C ILE A 24 12.50 13.97 33.59
N ALA A 25 11.32 14.57 33.55
CA ALA A 25 10.06 13.85 33.52
C ALA A 25 9.41 14.00 32.14
N GLU A 26 9.06 12.88 31.52
CA GLU A 26 8.32 12.96 30.26
C GLU A 26 6.86 12.68 30.57
N CYS A 27 6.08 13.74 30.59
CA CYS A 27 4.65 13.65 30.82
C CYS A 27 3.82 13.81 29.56
N SER A 28 4.48 13.97 28.42
CA SER A 28 3.78 14.28 27.17
C SER A 28 2.80 13.21 26.72
N ASN A 29 1.76 13.65 26.02
CA ASN A 29 0.84 12.74 25.34
C ASN A 29 0.12 11.73 26.26
N ARG A 30 -0.01 12.11 27.54
CA ARG A 30 -0.62 11.23 28.54
C ARG A 30 -2.09 11.50 28.85
N ARG A 31 -2.70 12.41 28.11
CA ARG A 31 -4.11 12.78 28.29
C ARG A 31 -4.38 13.43 29.64
N LEU A 32 -3.37 14.07 30.21
CA LEU A 32 -3.51 14.73 31.50
C LEU A 32 -4.50 15.90 31.40
N GLN A 33 -5.38 16.02 32.39
CA GLN A 33 -6.33 17.12 32.41
C GLN A 33 -5.73 18.35 33.09
N GLU A 34 -4.60 18.17 33.77
CA GLU A 34 -4.05 19.19 34.65
C GLU A 34 -2.68 18.73 35.14
N VAL A 35 -1.90 19.67 35.66
CA VAL A 35 -0.55 19.39 36.13
C VAL A 35 -0.56 18.40 37.30
N PRO A 36 0.18 17.30 37.17
CA PRO A 36 0.23 16.27 38.21
C PRO A 36 0.90 16.74 39.50
N GLN A 37 0.44 16.24 40.63
CA GLN A 37 1.06 16.52 41.93
C GLN A 37 2.09 15.44 42.25
N THR A 38 2.08 14.39 41.43
CA THR A 38 2.83 13.18 41.70
C THR A 38 4.25 13.20 41.15
N VAL A 39 4.66 14.35 40.62
CA VAL A 39 6.01 14.50 40.07
C VAL A 39 7.09 14.56 41.17
N GLY A 40 8.18 13.82 40.97
CA GLY A 40 9.27 13.78 41.93
C GLY A 40 9.93 15.12 42.18
N LYS A 41 10.48 15.30 43.37
CA LYS A 41 11.04 16.58 43.80
C LYS A 41 12.48 16.76 43.30
N TYR A 42 13.11 15.68 42.84
CA TYR A 42 14.42 15.83 42.22
C TYR A 42 14.29 16.29 40.76
N VAL A 43 13.06 16.27 40.25
CA VAL A 43 12.80 16.62 38.86
C VAL A 43 13.22 18.03 38.49
N THR A 44 13.96 18.13 37.39
CA THR A 44 14.48 19.40 36.89
C THR A 44 13.61 19.91 35.74
N GLU A 45 13.52 19.11 34.69
CA GLU A 45 12.76 19.47 33.49
C GLU A 45 11.46 18.66 33.33
N LEU A 46 10.37 19.37 33.05
CA LEU A 46 9.06 18.75 33.00
C LEU A 46 8.41 18.99 31.65
N ASP A 47 8.12 17.92 30.92
CA ASP A 47 7.54 18.06 29.59
C ASP A 47 6.07 17.64 29.60
N LEU A 48 5.21 18.66 29.59
CA LEU A 48 3.75 18.52 29.63
C LEU A 48 3.07 18.70 28.27
N SER A 49 3.88 18.76 27.21
CA SER A 49 3.37 18.97 25.87
C SER A 49 2.30 17.94 25.46
N ASP A 50 1.37 18.37 24.62
CA ASP A 50 0.37 17.47 24.03
C ASP A 50 -0.54 16.78 25.03
N ASN A 51 -0.98 17.52 26.04
CA ASN A 51 -1.96 17.03 27.00
C ASN A 51 -3.26 17.84 26.91
N PHE A 52 -4.19 17.57 27.81
CA PHE A 52 -5.49 18.24 27.79
C PHE A 52 -5.64 19.41 28.77
N ILE A 53 -4.55 19.83 29.41
CA ILE A 53 -4.62 20.88 30.42
C ILE A 53 -5.06 22.25 29.86
N THR A 54 -6.14 22.76 30.43
CA THR A 54 -6.66 24.08 30.07
C THR A 54 -6.08 25.29 30.81
N HIS A 55 -5.88 25.15 32.12
CA HIS A 55 -5.63 26.31 32.98
C HIS A 55 -4.33 26.29 33.79
N ILE A 56 -3.53 27.35 33.64
CA ILE A 56 -2.33 27.52 34.43
C ILE A 56 -2.49 28.70 35.40
N THR A 57 -2.29 28.42 36.68
CA THR A 57 -2.43 29.42 37.73
C THR A 57 -1.19 29.39 38.61
N ASN A 58 -1.06 30.38 39.50
CA ASN A 58 0.13 30.45 40.36
C ASN A 58 0.33 29.22 41.26
N GLU A 59 -0.72 28.43 41.45
CA GLU A 59 -0.63 27.20 42.26
C GLU A 59 -0.40 25.95 41.42
N SER A 60 -0.32 26.11 40.11
CA SER A 60 -0.14 24.97 39.21
C SER A 60 1.15 24.23 39.50
N PHE A 61 2.26 24.96 39.43
CA PHE A 61 3.59 24.39 39.61
C PHE A 61 4.13 24.55 41.03
N GLN A 62 3.31 25.05 41.94
CA GLN A 62 3.74 25.44 43.29
C GLN A 62 4.63 24.44 44.02
N GLY A 63 4.25 23.16 43.96
CA GLY A 63 5.02 22.12 44.64
C GLY A 63 6.39 21.91 44.03
N LEU A 64 6.63 22.49 42.86
CA LEU A 64 7.91 22.32 42.19
C LEU A 64 8.67 23.63 42.08
N GLN A 65 9.67 23.81 42.94
CA GLN A 65 10.55 24.98 42.84
C GLN A 65 11.82 24.65 42.08
N ASN A 66 12.05 23.36 41.84
CA ASN A 66 13.28 22.88 41.25
C ASN A 66 13.22 22.99 39.74
N LEU A 67 12.06 23.39 39.23
CA LEU A 67 11.86 23.38 37.80
C LEU A 67 12.71 24.45 37.11
N THR A 68 13.40 24.01 36.07
CA THR A 68 14.21 24.86 35.23
C THR A 68 13.54 25.02 33.88
N LYS A 69 13.26 23.89 33.24
CA LYS A 69 12.62 23.86 31.93
C LYS A 69 11.22 23.24 31.96
N ILE A 70 10.23 23.97 31.44
CA ILE A 70 8.86 23.48 31.35
C ILE A 70 8.34 23.55 29.91
N ASN A 71 7.85 22.43 29.40
CA ASN A 71 7.26 22.39 28.06
C ASN A 71 5.74 22.19 28.14
N LEU A 72 5.00 23.26 27.87
CA LEU A 72 3.54 23.24 27.79
C LEU A 72 3.00 23.18 26.36
N ASN A 73 3.87 22.92 25.38
CA ASN A 73 3.49 22.97 23.98
C ASN A 73 2.19 22.22 23.68
N HIS A 74 1.35 22.86 22.87
CA HIS A 74 0.08 22.29 22.41
C HIS A 74 -0.83 21.81 23.53
N ASN A 75 -1.29 22.73 24.38
CA ASN A 75 -2.35 22.39 25.31
C ASN A 75 -3.53 23.34 25.18
N PRO A 76 -4.75 22.79 25.17
CA PRO A 76 -5.07 21.36 25.04
C PRO A 76 -4.86 20.88 23.61
N ASN A 77 -4.85 19.57 23.40
CA ASN A 77 -4.71 19.01 22.06
C ASN A 77 -6.01 19.19 21.28
N VAL A 78 -5.95 19.89 20.15
CA VAL A 78 -7.15 20.18 19.36
C VAL A 78 -6.81 20.69 17.96
N GLY A 91 -8.44 26.88 24.12
CA GLY A 91 -7.18 27.60 24.25
C GLY A 91 -6.58 27.40 25.64
N LEU A 92 -5.39 27.93 25.85
CA LEU A 92 -4.71 27.79 27.14
C LEU A 92 -4.84 29.08 27.94
N ASN A 93 -5.45 29.00 29.11
CA ASN A 93 -5.59 30.18 29.96
C ASN A 93 -4.51 30.28 31.03
N ILE A 94 -3.70 31.34 30.94
CA ILE A 94 -2.61 31.56 31.89
C ILE A 94 -2.80 32.86 32.67
N THR A 95 -3.01 32.73 33.98
CA THR A 95 -3.23 33.89 34.82
C THR A 95 -2.00 34.77 34.88
N ASP A 96 -2.20 36.05 35.20
CA ASP A 96 -1.10 36.98 35.40
C ASP A 96 -0.19 36.50 36.50
N GLY A 97 1.10 36.36 36.18
CA GLY A 97 2.10 36.00 37.16
C GLY A 97 1.96 34.57 37.64
N ALA A 98 1.34 33.73 36.83
CA ALA A 98 1.21 32.31 37.15
C ALA A 98 2.57 31.63 37.35
N PHE A 99 3.55 32.01 36.54
CA PHE A 99 4.87 31.40 36.58
C PHE A 99 5.84 32.19 37.47
N LEU A 100 5.34 33.27 38.07
CA LEU A 100 6.20 34.23 38.78
C LEU A 100 6.99 33.64 39.96
N ASN A 101 6.33 32.83 40.77
CA ASN A 101 6.92 32.25 41.97
C ASN A 101 8.07 31.27 41.69
N LEU A 102 8.33 30.97 40.42
CA LEU A 102 9.41 30.06 40.06
C LEU A 102 10.70 30.84 39.83
N LYS A 103 11.64 30.71 40.76
CA LYS A 103 12.86 31.48 40.70
C LYS A 103 13.92 30.85 39.80
N ASN A 104 13.80 29.55 39.58
CA ASN A 104 14.74 28.80 38.75
C ASN A 104 14.32 28.52 37.32
N LEU A 105 13.16 29.04 36.91
CA LEU A 105 12.67 28.73 35.58
C LEU A 105 13.54 29.41 34.52
N ARG A 106 14.08 28.61 33.60
CA ARG A 106 14.95 29.12 32.56
C ARG A 106 14.24 29.05 31.22
N GLU A 107 13.88 27.83 30.85
CA GLU A 107 13.27 27.58 29.55
C GLU A 107 11.78 27.30 29.70
N LEU A 108 10.97 28.11 29.01
CA LEU A 108 9.53 27.92 29.03
C LEU A 108 9.02 27.85 27.60
N LEU A 109 8.54 26.68 27.20
CA LEU A 109 8.07 26.49 25.85
C LEU A 109 6.55 26.45 25.81
N LEU A 110 5.93 27.53 25.34
CA LEU A 110 4.49 27.51 25.10
C LEU A 110 4.24 27.74 23.62
N GLU A 111 3.96 26.67 22.88
CA GLU A 111 3.69 26.79 21.45
C GLU A 111 2.31 26.20 21.19
N ASP A 112 1.68 26.64 20.11
CA ASP A 112 0.41 26.09 19.68
C ASP A 112 -0.65 26.13 20.77
N ASN A 113 -0.60 27.16 21.60
CA ASN A 113 -1.52 27.32 22.73
C ASN A 113 -2.68 28.30 22.50
N GLN A 114 -2.75 28.84 21.29
CA GLN A 114 -3.73 29.87 20.94
C GLN A 114 -3.72 31.08 21.90
N LEU A 115 -2.52 31.46 22.36
CA LEU A 115 -2.39 32.58 23.28
C LEU A 115 -2.65 33.89 22.55
N PRO A 116 -3.58 34.70 23.09
CA PRO A 116 -3.96 36.05 22.63
C PRO A 116 -2.89 37.11 22.94
N GLN A 117 -2.10 36.87 23.98
CA GLN A 117 -1.08 37.83 24.42
C GLN A 117 0.11 37.08 25.01
N ILE A 118 1.28 37.71 24.98
CA ILE A 118 2.41 37.27 25.78
C ILE A 118 1.99 37.32 27.24
N PRO A 119 2.02 36.16 27.91
CA PRO A 119 1.55 36.03 29.29
C PRO A 119 2.18 37.06 30.21
N SER A 120 1.37 37.65 31.07
CA SER A 120 1.81 38.72 31.94
C SER A 120 2.61 38.20 33.12
N GLY A 121 3.56 39.01 33.57
CA GLY A 121 4.39 38.67 34.71
C GLY A 121 5.13 37.35 34.58
N LEU A 122 5.83 37.15 33.48
CA LEU A 122 6.72 36.00 33.35
C LEU A 122 7.94 36.20 34.27
N PRO A 123 8.55 35.09 34.74
CA PRO A 123 9.64 35.26 35.70
C PRO A 123 10.91 35.80 35.05
N GLU A 124 11.59 36.70 35.76
CA GLU A 124 12.77 37.38 35.24
C GLU A 124 13.99 36.44 35.02
N SER A 125 13.94 35.25 35.59
CA SER A 125 14.99 34.26 35.40
C SER A 125 15.05 33.63 33.99
N LEU A 126 14.03 33.86 33.17
CA LEU A 126 13.94 33.16 31.88
C LEU A 126 15.08 33.48 30.91
N THR A 127 15.77 32.44 30.46
CA THR A 127 16.71 32.51 29.34
C THR A 127 16.12 32.26 27.95
N GLU A 128 15.24 31.26 27.86
CA GLU A 128 14.64 30.87 26.58
C GLU A 128 13.12 30.82 26.63
N LEU A 129 12.49 31.59 25.75
CA LEU A 129 11.04 31.65 25.71
C LEU A 129 10.56 31.34 24.31
N SER A 130 9.65 30.39 24.18
CA SER A 130 9.08 30.10 22.88
C SER A 130 7.58 30.34 22.87
N LEU A 131 7.18 31.38 22.14
CA LEU A 131 5.79 31.71 21.89
C LEU A 131 5.26 31.31 20.50
N ILE A 132 6.06 30.52 19.77
CA ILE A 132 5.77 30.15 18.38
C ILE A 132 4.34 29.69 18.20
N GLN A 133 3.72 30.09 17.09
CA GLN A 133 2.44 29.55 16.65
C GLN A 133 1.27 29.83 17.60
N ASN A 134 1.14 31.11 17.95
CA ASN A 134 0.02 31.56 18.76
C ASN A 134 -0.77 32.67 18.07
N ASN A 135 -1.67 33.28 18.84
CA ASN A 135 -2.45 34.45 18.43
C ASN A 135 -1.92 35.82 18.88
N ILE A 136 -0.67 35.86 19.30
CA ILE A 136 -0.10 37.12 19.80
C ILE A 136 0.27 38.05 18.65
N TYR A 137 -0.45 39.17 18.58
CA TYR A 137 -0.21 40.23 17.61
C TYR A 137 0.46 41.48 18.20
N ASN A 138 0.69 41.45 19.51
CA ASN A 138 1.16 42.62 20.22
C ASN A 138 2.40 42.31 21.06
N ILE A 139 3.54 42.93 20.71
CA ILE A 139 4.75 42.73 21.50
C ILE A 139 4.99 43.94 22.36
N THR A 140 4.78 43.81 23.67
CA THR A 140 4.77 44.99 24.55
C THR A 140 5.84 44.94 25.64
N LYS A 141 6.16 46.10 26.20
CA LYS A 141 7.15 46.21 27.26
C LYS A 141 6.77 45.46 28.54
N GLU A 142 5.49 45.47 28.90
CA GLU A 142 5.07 44.82 30.14
C GLU A 142 5.29 43.31 30.15
N GLY A 143 5.12 42.67 28.99
CA GLY A 143 5.42 41.25 28.87
C GLY A 143 6.90 40.91 28.72
N ILE A 144 7.56 41.61 27.81
CA ILE A 144 8.96 41.35 27.45
C ILE A 144 10.11 42.04 28.23
N SER A 145 9.97 43.33 28.51
CA SER A 145 11.14 44.12 28.88
C SER A 145 11.66 43.86 30.29
N ARG A 146 10.87 43.19 31.10
CA ARG A 146 11.30 42.86 32.46
C ARG A 146 12.32 41.73 32.47
N LEU A 147 12.42 40.97 31.38
CA LEU A 147 13.24 39.77 31.40
C LEU A 147 14.58 40.06 30.78
N ILE A 148 15.56 40.27 31.64
CA ILE A 148 16.87 40.77 31.25
C ILE A 148 17.76 39.62 30.83
N ASN A 149 17.36 38.43 31.27
CA ASN A 149 18.18 37.24 31.08
C ASN A 149 17.81 36.46 29.82
N LEU A 150 16.92 37.01 29.00
CA LEU A 150 16.53 36.33 27.76
C LEU A 150 17.68 36.15 26.79
N LYS A 151 17.89 34.91 26.37
CA LYS A 151 18.91 34.54 25.41
C LYS A 151 18.23 34.28 24.06
N ASN A 152 17.35 33.28 24.02
CA ASN A 152 16.58 32.99 22.83
C ASN A 152 15.09 33.31 23.02
N LEU A 153 14.55 34.09 22.10
CA LEU A 153 13.14 34.49 22.14
C LEU A 153 12.52 34.14 20.81
N TYR A 154 11.54 33.23 20.83
CA TYR A 154 10.92 32.72 19.61
C TYR A 154 9.47 33.20 19.50
N LEU A 155 9.23 34.15 18.59
CA LEU A 155 7.89 34.68 18.30
C LEU A 155 7.20 34.23 17.01
N ALA A 156 7.81 33.32 16.27
CA ALA A 156 7.39 33.05 14.90
C ALA A 156 5.97 32.51 14.69
N TRP A 157 5.47 32.67 13.47
CA TRP A 157 4.25 32.01 12.99
C TRP A 157 3.01 32.38 13.76
N ASN A 158 2.93 33.62 14.24
CA ASN A 158 1.69 34.10 14.84
C ASN A 158 0.65 34.64 13.85
N CYS A 159 1.10 35.41 12.86
CA CYS A 159 0.19 35.92 11.83
C CYS A 159 0.76 35.71 10.42
N TYR A 160 0.13 34.82 9.66
CA TYR A 160 0.72 34.35 8.41
C TYR A 160 -0.34 33.79 7.46
N PHE A 161 0.00 33.67 6.18
CA PHE A 161 -0.88 33.09 5.16
C PHE A 161 -2.31 33.68 5.16
N ASN A 162 -3.29 32.79 5.06
CA ASN A 162 -4.69 33.19 5.08
C ASN A 162 -5.31 33.13 6.48
N LYS A 163 -4.48 32.94 7.50
CA LYS A 163 -4.97 32.99 8.89
C LYS A 163 -5.68 34.31 9.13
N VAL A 164 -6.74 34.29 9.92
CA VAL A 164 -7.39 35.54 10.29
C VAL A 164 -6.57 36.05 11.44
N CYS A 165 -5.90 37.16 11.24
CA CYS A 165 -4.95 37.65 12.22
C CYS A 165 -4.64 39.13 12.04
N GLU A 166 -4.05 39.72 13.08
CA GLU A 166 -3.76 41.14 13.06
C GLU A 166 -2.28 41.41 12.76
N LYS A 167 -2.03 42.53 12.08
CA LYS A 167 -0.68 43.02 11.84
C LYS A 167 0.05 43.18 13.17
N THR A 168 1.34 42.87 13.20
CA THR A 168 2.04 42.78 14.49
C THR A 168 2.56 44.14 14.96
N ASN A 169 2.04 44.58 16.10
CA ASN A 169 2.46 45.83 16.70
C ASN A 169 3.61 45.56 17.64
N ILE A 170 4.77 46.12 17.30
CA ILE A 170 5.95 45.97 18.13
C ILE A 170 6.28 47.32 18.75
N GLU A 171 6.09 47.41 20.06
CA GLU A 171 6.25 48.66 20.78
C GLU A 171 7.69 49.16 20.67
N ASP A 172 7.85 50.46 20.43
CA ASP A 172 9.16 51.04 20.28
C ASP A 172 10.04 50.78 21.49
N GLY A 173 11.18 50.15 21.23
CA GLY A 173 12.16 49.84 22.27
C GLY A 173 11.94 48.59 23.10
N VAL A 174 10.99 47.73 22.73
CA VAL A 174 10.72 46.50 23.50
C VAL A 174 11.95 45.64 23.77
N PHE A 175 12.81 45.48 22.76
CA PHE A 175 13.96 44.59 22.86
C PHE A 175 15.20 45.31 23.38
N GLU A 176 15.11 46.63 23.48
CA GLU A 176 16.26 47.47 23.78
C GLU A 176 16.87 47.09 25.12
N THR A 177 16.03 46.57 26.00
CA THR A 177 16.45 46.25 27.35
C THR A 177 16.97 44.82 27.49
N LEU A 178 16.94 44.03 26.42
CA LEU A 178 17.46 42.68 26.53
C LEU A 178 18.87 42.72 26.00
N THR A 179 19.81 42.79 26.93
CA THR A 179 21.20 43.03 26.59
C THR A 179 21.93 41.71 26.43
N ASN A 180 21.27 40.63 26.85
CA ASN A 180 21.78 39.28 26.65
C ASN A 180 21.16 38.53 25.47
N LEU A 181 20.25 39.19 24.74
CA LEU A 181 19.48 38.48 23.74
C LEU A 181 20.39 38.15 22.55
N GLU A 182 20.57 36.86 22.30
CA GLU A 182 21.35 36.39 21.16
C GLU A 182 20.55 35.87 19.96
N LEU A 183 19.28 35.55 20.17
CA LEU A 183 18.43 35.04 19.10
C LEU A 183 17.02 35.59 19.19
N LEU A 184 16.57 36.18 18.09
CA LEU A 184 15.23 36.72 17.99
C LEU A 184 14.64 36.20 16.70
N SER A 185 13.53 35.46 16.81
CA SER A 185 12.85 34.94 15.63
C SER A 185 11.46 35.53 15.52
N LEU A 186 11.29 36.44 14.57
CA LEU A 186 10.01 37.10 14.28
C LEU A 186 9.28 36.59 13.02
N SER A 187 9.82 35.56 12.39
CA SER A 187 9.33 35.10 11.09
C SER A 187 7.85 34.75 11.05
N PHE A 188 7.27 34.91 9.87
CA PHE A 188 5.84 34.60 9.65
C PHE A 188 4.95 35.40 10.59
N ASN A 189 5.16 36.70 10.58
CA ASN A 189 4.32 37.68 11.23
C ASN A 189 4.30 38.85 10.27
N SER A 190 3.35 39.77 10.40
CA SER A 190 3.40 40.90 9.48
C SER A 190 4.03 42.08 10.21
N LEU A 191 5.32 42.32 9.94
CA LEU A 191 6.08 43.41 10.53
C LEU A 191 6.02 44.73 9.74
N SER A 192 6.13 44.60 8.43
CA SER A 192 6.23 45.72 7.48
C SER A 192 7.55 46.51 7.56
N HIS A 193 8.28 46.39 8.66
CA HIS A 193 9.66 46.87 8.70
C HIS A 193 10.40 46.24 9.87
N VAL A 194 11.72 46.24 9.82
CA VAL A 194 12.47 45.68 10.93
C VAL A 194 12.26 46.58 12.16
N PRO A 195 12.12 45.97 13.33
CA PRO A 195 11.98 46.79 14.54
C PRO A 195 13.26 47.57 14.78
N PRO A 196 13.14 48.86 15.12
CA PRO A 196 14.33 49.63 15.50
C PRO A 196 14.77 49.27 16.91
N LYS A 197 15.86 49.85 17.36
CA LYS A 197 16.39 49.63 18.71
C LYS A 197 16.54 48.14 19.06
N LEU A 198 17.24 47.40 18.20
CA LEU A 198 17.60 46.03 18.51
C LEU A 198 18.91 45.99 19.28
N PRO A 199 19.02 45.08 20.26
CA PRO A 199 20.23 44.93 21.07
C PRO A 199 21.43 44.43 20.27
N SER A 200 22.63 44.85 20.66
CA SER A 200 23.83 44.56 19.89
C SER A 200 24.44 43.22 20.26
N SER A 201 23.77 42.52 21.17
CA SER A 201 24.15 41.16 21.54
C SER A 201 23.60 40.14 20.54
N LEU A 202 22.76 40.60 19.62
CA LEU A 202 22.16 39.71 18.63
C LEU A 202 23.16 38.94 17.74
N ARG A 203 22.89 37.65 17.61
CA ARG A 203 23.73 36.71 16.90
C ARG A 203 22.96 36.28 15.67
N LYS A 204 21.75 35.79 15.93
CA LYS A 204 20.86 35.32 14.87
C LYS A 204 19.56 36.12 14.85
N LEU A 205 19.17 36.60 13.68
CA LEU A 205 17.96 37.40 13.52
C LEU A 205 17.12 36.80 12.39
N PHE A 206 15.94 36.29 12.73
CA PHE A 206 15.06 35.70 11.73
C PHE A 206 13.85 36.62 11.44
N LEU A 207 13.91 37.23 10.26
CA LEU A 207 12.86 38.07 9.68
C LEU A 207 12.04 37.47 8.51
N SER A 208 12.13 36.17 8.28
CA SER A 208 11.46 35.57 7.13
C SER A 208 9.94 35.80 7.04
N ASN A 209 9.45 35.94 5.81
CA ASN A 209 8.02 36.15 5.55
C ASN A 209 7.39 37.22 6.46
N THR A 210 8.05 38.37 6.56
CA THR A 210 7.54 39.47 7.40
C THR A 210 6.84 40.64 6.71
N GLN A 211 6.73 40.58 5.39
CA GLN A 211 6.19 41.66 4.58
C GLN A 211 7.03 42.93 4.66
N ILE A 212 8.35 42.76 4.77
CA ILE A 212 9.27 43.88 4.78
C ILE A 212 9.75 44.17 3.37
N LYS A 213 9.31 45.31 2.83
CA LYS A 213 9.64 45.67 1.46
C LYS A 213 11.04 46.25 1.32
N TYR A 214 11.46 47.02 2.31
CA TYR A 214 12.67 47.82 2.19
C TYR A 214 13.60 47.62 3.38
N ILE A 215 14.89 47.47 3.10
CA ILE A 215 15.88 47.43 4.15
C ILE A 215 16.76 48.67 4.03
N SER A 216 16.73 49.51 5.07
CA SER A 216 17.47 50.76 5.03
C SER A 216 18.84 50.55 5.61
N GLU A 217 19.67 51.59 5.56
CA GLU A 217 21.05 51.44 5.99
C GLU A 217 21.17 51.46 7.51
N GLU A 218 20.12 51.95 8.18
CA GLU A 218 20.13 52.00 9.64
C GLU A 218 19.38 50.84 10.31
N ASP A 219 18.77 49.97 9.52
CA ASP A 219 18.05 48.84 10.09
C ASP A 219 18.98 47.93 10.92
N PHE A 220 20.10 47.55 10.31
CA PHE A 220 21.06 46.67 10.97
C PHE A 220 22.35 47.30 11.53
N LYS A 221 22.51 48.61 11.39
CA LYS A 221 23.80 49.27 11.60
C LYS A 221 24.47 48.99 12.96
N GLY A 222 23.68 48.62 13.96
CA GLY A 222 24.23 48.37 15.27
C GLY A 222 24.51 46.92 15.62
N LEU A 223 24.30 45.99 14.69
CA LEU A 223 24.52 44.60 15.08
C LEU A 223 25.87 44.10 14.57
N ILE A 224 26.86 44.16 15.44
CA ILE A 224 28.21 43.78 15.07
C ILE A 224 28.53 42.34 15.45
N ASN A 225 27.64 41.72 16.21
CA ASN A 225 27.80 40.29 16.51
C ASN A 225 26.94 39.33 15.68
N LEU A 226 26.17 39.86 14.73
CA LEU A 226 25.26 39.00 13.95
C LEU A 226 26.02 37.95 13.16
N THR A 227 25.75 36.69 13.46
CA THR A 227 26.22 35.56 12.66
C THR A 227 25.28 35.17 11.53
N LEU A 228 23.98 35.23 11.79
CA LEU A 228 22.99 34.90 10.77
C LEU A 228 21.91 35.97 10.61
N LEU A 229 21.55 36.20 9.34
CA LEU A 229 20.46 37.09 9.01
C LEU A 229 19.50 36.40 8.01
N ASP A 230 18.25 36.26 8.40
CA ASP A 230 17.25 35.66 7.52
C ASP A 230 16.24 36.71 7.07
N LEU A 231 16.38 37.14 5.82
CA LEU A 231 15.45 38.03 5.12
C LEU A 231 14.49 37.38 4.12
N SER A 232 14.49 36.05 4.07
CA SER A 232 13.76 35.32 3.04
C SER A 232 12.26 35.57 3.03
N GLY A 233 11.65 35.39 1.85
CA GLY A 233 10.21 35.46 1.71
C GLY A 233 9.62 36.87 1.81
N ASN A 234 10.47 37.87 1.74
CA ASN A 234 10.01 39.26 1.66
C ASN A 234 10.06 39.73 0.22
N CYS A 235 8.91 40.20 -0.28
CA CYS A 235 8.69 40.31 -1.71
C CYS A 235 8.94 38.93 -2.36
N PRO A 236 8.10 37.94 -2.05
CA PRO A 236 8.34 36.57 -2.50
C PRO A 236 8.01 36.36 -3.98
N ARG A 237 8.63 35.34 -4.57
CA ARG A 237 8.21 34.93 -5.91
C ARG A 237 7.04 33.94 -5.75
N CYS A 238 5.86 34.33 -6.23
CA CYS A 238 4.65 33.58 -5.94
C CYS A 238 4.17 32.59 -7.00
N PHE A 239 4.83 32.54 -8.15
CA PHE A 239 4.37 31.63 -9.18
C PHE A 239 4.53 30.17 -8.77
N ASN A 240 3.42 29.41 -8.86
CA ASN A 240 3.40 27.98 -8.50
C ASN A 240 3.75 27.69 -7.03
N ALA A 241 3.55 28.67 -6.16
CA ALA A 241 3.79 28.51 -4.72
C ALA A 241 2.85 27.50 -4.05
N PRO A 242 3.42 26.56 -3.27
CA PRO A 242 2.48 25.67 -2.59
C PRO A 242 2.08 26.20 -1.22
N PHE A 243 1.86 27.50 -1.12
CA PHE A 243 1.30 28.14 0.06
C PHE A 243 0.64 29.44 -0.39
N PRO A 244 -0.32 29.96 0.39
CA PRO A 244 -0.86 31.28 0.01
C PRO A 244 0.28 32.29 -0.03
N CYS A 245 0.36 33.08 -1.09
CA CYS A 245 1.54 33.90 -1.32
C CYS A 245 1.18 35.29 -1.83
N VAL A 246 1.70 36.32 -1.16
CA VAL A 246 1.36 37.71 -1.51
C VAL A 246 2.62 38.42 -1.98
N PRO A 247 2.73 38.68 -3.29
CA PRO A 247 3.93 39.34 -3.81
C PRO A 247 3.94 40.84 -3.49
N CYS A 248 5.10 41.49 -3.58
CA CYS A 248 5.15 42.95 -3.52
C CYS A 248 4.56 43.43 -4.82
N ASP A 249 4.09 44.68 -4.86
CA ASP A 249 3.39 45.21 -6.03
C ASP A 249 4.20 45.07 -7.32
N GLY A 250 3.57 44.48 -8.34
CA GLY A 250 4.23 44.23 -9.60
C GLY A 250 5.07 42.96 -9.56
N GLY A 251 5.24 42.40 -8.37
CA GLY A 251 6.15 41.29 -8.19
C GLY A 251 7.56 41.83 -8.01
N ALA A 252 7.64 43.07 -7.51
CA ALA A 252 8.92 43.74 -7.36
C ALA A 252 9.88 43.01 -6.43
N SER A 253 11.16 43.23 -6.67
CA SER A 253 12.24 42.73 -5.84
C SER A 253 12.21 43.40 -4.47
N ILE A 254 12.78 42.74 -3.46
CA ILE A 254 13.03 43.39 -2.17
C ILE A 254 13.99 44.54 -2.46
N ASN A 255 13.91 45.61 -1.70
CA ASN A 255 14.81 46.73 -1.90
C ASN A 255 15.78 46.86 -0.74
N ILE A 256 17.03 46.54 -1.00
CA ILE A 256 18.05 46.57 0.03
C ILE A 256 19.07 47.67 -0.29
N ASP A 257 19.20 48.61 0.64
CA ASP A 257 20.15 49.70 0.47
C ASP A 257 21.59 49.19 0.36
N ARG A 258 22.39 49.81 -0.50
CA ARG A 258 23.74 49.35 -0.78
C ARG A 258 24.60 49.22 0.49
N PHE A 259 24.30 50.04 1.48
CA PHE A 259 25.04 50.05 2.75
C PHE A 259 24.35 49.28 3.86
N ALA A 260 23.24 48.61 3.54
CA ALA A 260 22.43 47.94 4.56
C ALA A 260 23.19 46.94 5.44
N PHE A 261 24.21 46.31 4.87
CA PHE A 261 24.98 45.26 5.55
C PHE A 261 26.35 45.67 6.13
N GLN A 262 26.67 46.96 6.05
CA GLN A 262 28.01 47.46 6.32
C GLN A 262 28.70 47.00 7.62
N ASN A 263 27.98 46.99 8.73
CA ASN A 263 28.54 46.64 10.04
C ASN A 263 28.45 45.15 10.38
N LEU A 264 28.01 44.37 9.40
CA LEU A 264 27.69 42.95 9.55
C LEU A 264 28.88 42.01 9.41
N THR A 265 30.08 42.54 9.67
CA THR A 265 31.35 41.85 9.42
C THR A 265 31.44 40.41 9.94
N GLN A 266 30.64 40.06 10.94
CA GLN A 266 30.69 38.70 11.49
C GLN A 266 29.70 37.70 10.85
N LEU A 267 28.94 38.13 9.85
CA LEU A 267 27.91 37.27 9.26
C LEU A 267 28.47 36.01 8.59
N ARG A 268 27.84 34.87 8.91
CA ARG A 268 28.18 33.55 8.35
C ARG A 268 27.06 33.08 7.43
N TYR A 269 25.84 33.17 7.92
CA TYR A 269 24.64 32.78 7.18
C TYR A 269 23.78 33.97 6.74
N LEU A 270 23.44 34.02 5.46
CA LEU A 270 22.49 35.01 4.97
C LEU A 270 21.43 34.34 4.10
N ASN A 271 20.16 34.52 4.44
CA ASN A 271 19.09 33.88 3.69
C ASN A 271 18.25 34.92 2.94
N LEU A 272 18.47 35.01 1.64
CA LEU A 272 17.72 35.88 0.72
C LEU A 272 16.66 35.18 -0.14
N SER A 273 16.42 33.91 0.12
CA SER A 273 15.49 33.13 -0.72
C SER A 273 14.16 33.82 -0.90
N SER A 274 13.61 33.73 -2.11
CA SER A 274 12.28 34.23 -2.40
C SER A 274 12.10 35.70 -2.01
N THR A 275 13.08 36.51 -2.36
CA THR A 275 13.01 37.96 -2.25
C THR A 275 12.77 38.63 -3.60
N SER A 276 12.60 37.80 -4.63
CA SER A 276 12.38 38.24 -6.00
C SER A 276 13.57 39.02 -6.55
N LEU A 277 14.75 38.66 -6.09
CA LEU A 277 15.96 39.31 -6.58
C LEU A 277 16.21 39.05 -8.06
N ARG A 278 16.62 40.12 -8.74
CA ARG A 278 16.99 40.09 -10.15
C ARG A 278 18.48 40.45 -10.30
N LYS A 279 18.89 41.59 -9.78
CA LYS A 279 20.32 41.86 -9.63
C LYS A 279 20.75 41.76 -8.16
N ILE A 280 21.97 41.30 -7.95
CA ILE A 280 22.53 41.27 -6.62
C ILE A 280 23.65 42.28 -6.52
N ASN A 281 23.55 43.19 -5.57
CA ASN A 281 24.55 44.24 -5.44
C ASN A 281 25.76 43.66 -4.75
N ALA A 282 26.87 43.64 -5.46
CA ALA A 282 28.10 43.06 -4.95
C ALA A 282 28.56 43.83 -3.70
N ALA A 283 28.18 45.10 -3.60
CA ALA A 283 28.57 45.93 -2.48
C ALA A 283 28.06 45.41 -1.13
N TRP A 284 26.97 44.65 -1.16
CA TRP A 284 26.40 44.13 0.08
C TRP A 284 27.42 43.26 0.84
N PHE A 285 28.26 42.57 0.08
CA PHE A 285 29.20 41.61 0.63
C PHE A 285 30.59 42.18 0.87
N LYS A 286 30.79 43.45 0.56
CA LYS A 286 32.09 44.09 0.69
C LYS A 286 32.65 43.95 2.10
N ASN A 287 31.78 44.04 3.08
CA ASN A 287 32.20 43.96 4.48
C ASN A 287 32.03 42.62 5.22
N MET A 288 31.67 41.55 4.52
CA MET A 288 31.46 40.27 5.21
C MET A 288 32.41 39.15 4.73
N PRO A 289 33.67 39.21 5.19
CA PRO A 289 34.72 38.25 4.83
C PRO A 289 34.48 36.84 5.37
N HIS A 290 33.55 36.66 6.30
CA HIS A 290 33.28 35.34 6.86
C HIS A 290 32.12 34.55 6.22
N LEU A 291 31.48 35.12 5.20
CA LEU A 291 30.26 34.51 4.68
C LEU A 291 30.45 33.06 4.25
N LYS A 292 29.57 32.20 4.75
CA LYS A 292 29.71 30.75 4.63
C LYS A 292 28.56 30.15 3.84
N VAL A 293 27.34 30.39 4.32
CA VAL A 293 26.16 29.89 3.66
C VAL A 293 25.28 31.00 3.09
N LEU A 294 25.06 30.97 1.79
CA LEU A 294 24.24 31.97 1.10
C LEU A 294 23.07 31.33 0.35
N ASP A 295 21.85 31.62 0.80
CA ASP A 295 20.65 31.04 0.19
C ASP A 295 19.95 32.06 -0.72
N LEU A 296 20.09 31.82 -2.02
CA LEU A 296 19.46 32.59 -3.09
C LEU A 296 18.26 31.96 -3.82
N GLU A 297 17.73 30.86 -3.29
CA GLU A 297 16.68 30.09 -3.95
C GLU A 297 15.40 30.86 -4.21
N PHE A 298 14.66 30.42 -5.23
CA PHE A 298 13.34 30.98 -5.53
C PHE A 298 13.40 32.49 -5.79
N ASN A 299 14.41 32.89 -6.55
CA ASN A 299 14.51 34.25 -7.08
C ASN A 299 14.47 34.22 -8.61
N TYR A 300 14.73 35.38 -9.21
CA TYR A 300 14.81 35.61 -10.66
C TYR A 300 16.21 35.62 -11.28
N LEU A 301 17.15 34.95 -10.64
CA LEU A 301 18.59 35.17 -10.83
C LEU A 301 19.33 34.61 -12.05
N VAL A 302 18.61 33.99 -13.00
CA VAL A 302 19.26 33.45 -14.20
C VAL A 302 20.25 34.40 -14.88
N GLY A 303 19.89 35.67 -14.98
CA GLY A 303 20.81 36.67 -15.50
C GLY A 303 22.05 36.79 -14.64
N GLU A 304 21.88 36.79 -13.32
CA GLU A 304 23.01 36.90 -12.42
C GLU A 304 23.89 35.66 -12.45
N ILE A 305 23.27 34.49 -12.50
CA ILE A 305 24.03 33.25 -12.52
C ILE A 305 24.99 33.24 -13.70
N ALA A 306 24.57 33.87 -14.80
CA ALA A 306 25.36 33.98 -16.02
C ALA A 306 26.49 35.02 -15.98
N SER A 307 26.30 36.13 -15.27
CA SER A 307 27.30 37.19 -15.23
C SER A 307 27.91 37.32 -13.84
N GLY A 308 27.08 37.75 -12.88
CA GLY A 308 27.36 37.52 -11.47
C GLY A 308 28.58 38.14 -10.82
N ALA A 309 28.67 39.47 -10.83
CA ALA A 309 29.76 40.17 -10.16
C ALA A 309 29.88 39.80 -8.68
N PHE A 310 28.76 39.55 -8.00
CA PHE A 310 28.77 39.26 -6.57
C PHE A 310 29.58 38.01 -6.17
N LEU A 311 29.94 37.19 -7.15
CA LEU A 311 30.72 36.00 -6.87
C LEU A 311 32.18 36.30 -6.58
N THR A 312 32.63 37.49 -6.96
CA THR A 312 33.99 37.93 -6.67
C THR A 312 34.17 38.14 -5.17
N MET A 313 33.06 38.39 -4.49
CA MET A 313 33.09 38.85 -3.11
C MET A 313 33.00 37.73 -2.07
N LEU A 314 32.98 36.47 -2.50
CA LEU A 314 32.76 35.39 -1.54
C LEU A 314 33.80 34.27 -1.55
N PRO A 315 35.07 34.60 -1.20
CA PRO A 315 36.14 33.60 -1.21
C PRO A 315 36.05 32.57 -0.08
N ARG A 316 35.29 32.89 0.95
CA ARG A 316 35.03 31.91 2.02
C ARG A 316 33.68 31.18 1.97
N LEU A 317 32.89 31.41 0.92
CA LEU A 317 31.57 30.77 0.85
C LEU A 317 31.69 29.26 0.64
N GLU A 318 31.12 28.49 1.56
CA GLU A 318 31.08 27.04 1.49
C GLU A 318 29.87 26.44 0.76
N ILE A 319 28.71 27.04 1.02
CA ILE A 319 27.45 26.54 0.52
C ILE A 319 26.67 27.63 -0.21
N LEU A 320 26.31 27.34 -1.45
CA LEU A 320 25.58 28.27 -2.29
C LEU A 320 24.32 27.61 -2.86
N ASP A 321 23.14 28.07 -2.47
CA ASP A 321 21.90 27.51 -3.02
C ASP A 321 21.26 28.47 -4.02
N LEU A 322 21.37 28.10 -5.29
CA LEU A 322 20.78 28.82 -6.43
C LEU A 322 19.49 28.23 -7.02
N SER A 323 18.89 27.29 -6.30
CA SER A 323 17.74 26.53 -6.78
C SER A 323 16.47 27.30 -7.13
N PHE A 324 15.76 26.80 -8.13
CA PHE A 324 14.48 27.36 -8.59
C PHE A 324 14.54 28.83 -8.98
N ASN A 325 15.58 29.19 -9.72
CA ASN A 325 15.66 30.49 -10.36
C ASN A 325 15.19 30.51 -11.83
N TYR A 326 14.59 29.39 -12.25
CA TYR A 326 14.11 29.22 -13.62
C TYR A 326 13.24 30.37 -14.10
N ILE A 327 13.36 30.70 -15.37
CA ILE A 327 12.44 31.61 -16.04
C ILE A 327 11.20 30.81 -16.39
N LYS A 328 10.04 31.30 -15.99
CA LYS A 328 8.80 30.61 -16.26
C LYS A 328 8.59 30.40 -17.75
N GLY A 329 8.35 29.16 -18.15
CA GLY A 329 7.99 28.83 -19.53
C GLY A 329 9.19 28.70 -20.44
N SER A 330 10.38 28.68 -19.84
CA SER A 330 11.63 28.69 -20.60
C SER A 330 12.42 27.40 -20.37
N TYR A 331 12.79 26.74 -21.45
CA TYR A 331 13.48 25.45 -21.40
C TYR A 331 14.73 25.55 -22.28
N PRO A 332 15.70 26.40 -21.89
CA PRO A 332 16.89 26.62 -22.72
C PRO A 332 17.68 25.34 -22.91
N GLN A 333 18.47 25.27 -23.98
CA GLN A 333 19.26 24.09 -24.29
C GLN A 333 20.33 23.86 -23.24
N HIS A 334 20.87 24.95 -22.70
CA HIS A 334 22.03 24.82 -21.82
C HIS A 334 21.89 25.68 -20.58
N ILE A 335 22.59 25.28 -19.52
CA ILE A 335 22.72 26.12 -18.34
C ILE A 335 23.91 27.04 -18.56
N ASN A 336 23.78 28.31 -18.19
CA ASN A 336 24.88 29.25 -18.39
C ASN A 336 25.53 29.70 -17.07
N ILE A 337 26.73 29.22 -16.83
CA ILE A 337 27.45 29.47 -15.58
C ILE A 337 28.59 30.46 -15.81
N SER A 338 28.54 31.60 -15.09
CA SER A 338 29.59 32.61 -15.17
C SER A 338 30.95 32.08 -14.74
N ARG A 339 31.99 32.45 -15.48
CA ARG A 339 33.37 32.09 -15.16
C ARG A 339 33.76 32.56 -13.77
N ASN A 340 33.04 33.54 -13.23
CA ASN A 340 33.28 34.04 -11.89
C ASN A 340 32.95 33.06 -10.77
N PHE A 341 32.30 31.95 -11.12
CA PHE A 341 32.11 30.84 -10.19
C PHE A 341 33.47 30.26 -9.80
N SER A 342 34.48 30.51 -10.63
CA SER A 342 35.84 30.06 -10.33
C SER A 342 36.45 30.84 -9.17
N LYS A 343 35.79 31.92 -8.76
CA LYS A 343 36.28 32.77 -7.68
C LYS A 343 35.83 32.30 -6.31
N LEU A 344 34.97 31.29 -6.27
CA LEU A 344 34.58 30.77 -4.97
C LEU A 344 35.55 29.65 -4.66
N LEU A 345 36.55 29.97 -3.84
CA LEU A 345 37.65 29.04 -3.61
C LEU A 345 37.31 28.02 -2.54
N SER A 346 36.41 28.41 -1.64
CA SER A 346 36.03 27.59 -0.50
C SER A 346 34.74 26.80 -0.71
N LEU A 347 34.18 26.83 -1.92
CA LEU A 347 32.86 26.24 -2.13
C LEU A 347 32.88 24.72 -1.96
N ARG A 348 32.08 24.24 -1.01
CA ARG A 348 31.88 22.81 -0.75
C ARG A 348 30.70 22.16 -1.51
N ALA A 349 29.59 22.89 -1.56
CA ALA A 349 28.37 22.40 -2.21
C ALA A 349 27.63 23.49 -2.98
N LEU A 350 27.14 23.11 -4.16
CA LEU A 350 26.41 24.01 -5.05
C LEU A 350 25.07 23.37 -5.41
N HIS A 351 23.99 24.08 -5.12
CA HIS A 351 22.65 23.54 -5.36
C HIS A 351 22.00 24.33 -6.49
N LEU A 352 21.92 23.66 -7.63
CA LEU A 352 21.32 24.15 -8.88
C LEU A 352 19.94 23.61 -9.30
N ARG A 353 19.18 23.06 -8.36
CA ARG A 353 17.85 22.56 -8.68
C ARG A 353 17.00 23.61 -9.41
N GLY A 354 16.09 23.14 -10.28
CA GLY A 354 15.05 24.00 -10.82
C GLY A 354 15.52 25.17 -11.65
N TYR A 355 16.64 25.02 -12.33
CA TYR A 355 17.07 26.01 -13.32
C TYR A 355 16.29 25.73 -14.60
N VAL A 356 16.00 24.44 -14.87
CA VAL A 356 15.31 23.99 -16.09
C VAL A 356 16.03 24.21 -17.42
N PHE A 357 16.95 23.29 -17.73
CA PHE A 357 17.65 23.26 -19.02
C PHE A 357 17.73 21.82 -19.57
N GLN A 358 17.94 21.69 -20.89
CA GLN A 358 17.87 20.40 -21.58
C GLN A 358 19.10 19.50 -21.57
N GLU A 359 20.28 20.13 -21.64
CA GLU A 359 21.50 19.38 -21.89
C GLU A 359 22.66 19.93 -21.08
N LEU A 360 23.40 19.05 -20.43
CA LEU A 360 24.60 19.47 -19.70
C LEU A 360 25.87 19.12 -20.49
N ARG A 361 26.64 20.14 -20.84
CA ARG A 361 27.86 19.95 -21.63
C ARG A 361 29.09 20.19 -20.78
N GLU A 362 30.20 19.56 -21.15
CA GLU A 362 31.46 19.69 -20.41
C GLU A 362 31.89 21.15 -20.28
N ASP A 363 31.63 21.93 -21.31
CA ASP A 363 32.07 23.32 -21.34
C ASP A 363 31.27 24.16 -20.37
N ASP A 364 30.04 23.72 -20.09
CA ASP A 364 29.14 24.49 -19.25
C ASP A 364 29.59 24.52 -17.79
N PHE A 365 30.27 23.46 -17.35
CA PHE A 365 30.75 23.42 -15.98
C PHE A 365 32.21 23.81 -15.76
N GLN A 366 32.86 24.27 -16.83
CA GLN A 366 34.25 24.71 -16.77
C GLN A 366 34.63 25.52 -15.53
N PRO A 367 33.89 26.59 -15.21
CA PRO A 367 34.28 27.42 -14.05
C PRO A 367 34.19 26.73 -12.69
N LEU A 368 33.53 25.57 -12.62
CA LEU A 368 33.43 24.85 -11.36
C LEU A 368 34.59 23.87 -11.16
N MET A 369 35.34 23.61 -12.23
CA MET A 369 36.20 22.43 -12.28
C MET A 369 37.55 22.57 -11.57
N GLN A 370 37.95 23.80 -11.28
CA GLN A 370 39.20 24.02 -10.57
C GLN A 370 39.01 24.26 -9.06
N LEU A 371 37.76 24.24 -8.62
CA LEU A 371 37.45 24.46 -7.21
C LEU A 371 37.86 23.26 -6.36
N PRO A 372 38.81 23.46 -5.44
CA PRO A 372 39.47 22.36 -4.72
C PRO A 372 38.55 21.57 -3.80
N ASN A 373 37.65 22.27 -3.12
CA ASN A 373 36.78 21.66 -2.12
C ASN A 373 35.34 21.29 -2.52
N LEU A 374 35.00 21.39 -3.80
CA LEU A 374 33.59 21.23 -4.15
C LEU A 374 33.30 19.74 -4.28
N SER A 375 32.69 19.22 -3.22
CA SER A 375 32.32 17.81 -3.12
C SER A 375 30.94 17.46 -3.64
N THR A 376 30.02 18.40 -3.53
CA THR A 376 28.61 18.14 -3.83
C THR A 376 28.06 19.03 -4.94
N ILE A 377 27.55 18.40 -6.01
CA ILE A 377 26.83 19.10 -7.06
C ILE A 377 25.38 18.62 -7.11
N ASN A 378 24.42 19.54 -7.01
CA ASN A 378 23.02 19.13 -7.01
C ASN A 378 22.26 19.67 -8.23
N LEU A 379 22.01 18.79 -9.18
CA LEU A 379 21.26 19.10 -10.42
C LEU A 379 19.78 18.65 -10.47
N GLY A 380 19.22 18.27 -9.33
CA GLY A 380 17.84 17.78 -9.26
C GLY A 380 16.79 18.67 -9.91
N ILE A 381 15.73 18.03 -10.43
CA ILE A 381 14.55 18.72 -11.00
C ILE A 381 14.86 19.80 -12.05
N ASN A 382 15.74 19.48 -12.99
CA ASN A 382 15.96 20.36 -14.15
C ASN A 382 15.37 19.92 -15.50
N PHE A 383 14.72 18.76 -15.53
CA PHE A 383 14.24 18.15 -16.79
C PHE A 383 15.38 17.98 -17.80
N ILE A 384 16.55 17.62 -17.28
CA ILE A 384 17.73 17.43 -18.13
C ILE A 384 17.55 16.19 -18.98
N LYS A 385 17.72 16.33 -20.29
CA LYS A 385 17.60 15.22 -21.23
C LYS A 385 18.88 14.42 -21.36
N GLN A 386 20.00 15.12 -21.41
CA GLN A 386 21.27 14.45 -21.63
C GLN A 386 22.41 15.18 -20.95
N ILE A 387 23.35 14.41 -20.44
CA ILE A 387 24.53 14.93 -19.79
C ILE A 387 25.75 14.33 -20.47
N ASP A 388 26.78 15.13 -20.71
CA ASP A 388 28.01 14.55 -21.21
C ASP A 388 28.73 14.18 -19.92
N PHE A 389 28.71 12.88 -19.62
CA PHE A 389 29.09 12.40 -18.29
C PHE A 389 30.58 12.51 -17.95
N LYS A 390 31.43 12.60 -18.97
CA LYS A 390 32.86 12.67 -18.74
C LYS A 390 33.26 13.94 -17.99
N LEU A 391 32.41 14.95 -18.04
CA LEU A 391 32.70 16.23 -17.37
C LEU A 391 32.95 16.09 -15.87
N PHE A 392 32.28 15.15 -15.22
CA PHE A 392 32.43 15.04 -13.76
C PHE A 392 33.85 14.67 -13.29
N GLN A 393 34.61 13.96 -14.13
CA GLN A 393 36.00 13.63 -13.80
C GLN A 393 36.91 14.86 -13.69
N ASN A 394 36.75 15.83 -14.59
CA ASN A 394 37.60 17.01 -14.64
C ASN A 394 37.40 17.95 -13.45
N PHE A 395 36.39 17.69 -12.63
CA PHE A 395 36.22 18.41 -11.37
C PHE A 395 37.33 17.99 -10.42
N SER A 396 37.67 18.85 -9.46
CA SER A 396 38.74 18.52 -8.52
C SER A 396 38.49 17.22 -7.73
N ASN A 397 37.58 17.23 -6.75
CA ASN A 397 37.00 15.96 -6.31
C ASN A 397 35.52 15.98 -5.92
N LEU A 398 34.67 15.41 -6.76
CA LEU A 398 33.25 15.34 -6.49
C LEU A 398 32.98 14.05 -5.75
N GLU A 399 32.47 14.14 -4.51
CA GLU A 399 32.01 12.98 -3.76
C GLU A 399 30.54 12.60 -4.02
N ILE A 400 29.74 13.60 -4.32
CA ILE A 400 28.29 13.43 -4.47
C ILE A 400 27.83 14.15 -5.73
N ILE A 401 27.35 13.38 -6.70
CA ILE A 401 26.79 13.93 -7.93
C ILE A 401 25.28 13.66 -7.94
N TYR A 402 24.47 14.69 -7.68
CA TYR A 402 23.05 14.41 -7.47
C TYR A 402 22.24 14.85 -8.68
N LEU A 403 21.88 13.85 -9.48
CA LEU A 403 21.12 14.00 -10.73
C LEU A 403 19.64 13.56 -10.66
N SER A 404 19.16 13.30 -9.44
CA SER A 404 17.81 12.78 -9.23
C SER A 404 16.72 13.65 -9.83
N GLU A 405 15.66 12.98 -10.30
CA GLU A 405 14.48 13.66 -10.83
C GLU A 405 14.76 14.54 -12.06
N ASN A 406 15.15 13.89 -13.14
CA ASN A 406 15.37 14.54 -14.43
C ASN A 406 14.76 13.71 -15.58
N ARG A 407 15.09 14.08 -16.81
CA ARG A 407 14.70 13.33 -18.02
C ARG A 407 15.80 12.45 -18.65
N ILE A 408 16.89 12.19 -17.92
CA ILE A 408 18.01 11.44 -18.51
C ILE A 408 17.57 10.11 -19.15
N SER A 409 17.92 9.92 -20.42
CA SER A 409 17.50 8.71 -21.16
C SER A 409 18.75 7.91 -21.57
N PRO A 410 18.58 6.74 -22.23
CA PRO A 410 19.81 5.98 -22.53
C PRO A 410 20.81 6.71 -23.41
N LEU A 411 22.09 6.57 -23.08
CA LEU A 411 23.17 7.26 -23.79
C LEU A 411 23.15 6.93 -25.28
N VAL A 412 23.39 7.95 -26.08
CA VAL A 412 23.55 7.78 -27.52
C VAL A 412 24.98 8.13 -27.94
N PHE A 437 1.27 20.23 11.81
CA PHE A 437 1.65 21.40 11.05
C PHE A 437 2.02 21.03 9.62
N GLU A 438 1.37 21.69 8.66
CA GLU A 438 1.74 21.56 7.26
C GLU A 438 3.21 21.90 7.12
N PHE A 439 3.60 23.03 7.68
CA PHE A 439 5.00 23.45 7.68
C PHE A 439 5.59 23.48 9.08
N ASP A 440 6.51 22.58 9.33
CA ASP A 440 7.15 22.53 10.63
C ASP A 440 7.94 23.81 10.87
N PRO A 441 7.50 24.62 11.85
CA PRO A 441 8.11 25.91 12.13
C PRO A 441 9.56 25.77 12.60
N HIS A 442 9.93 24.56 12.98
CA HIS A 442 11.29 24.28 13.45
C HIS A 442 12.22 23.77 12.35
N SER A 443 11.73 23.75 11.12
CA SER A 443 12.54 23.28 10.01
C SER A 443 12.69 24.35 8.95
N ASN A 444 13.63 24.13 8.05
CA ASN A 444 13.83 24.99 6.89
C ASN A 444 12.60 25.02 5.99
N PHE A 445 12.16 26.23 5.63
CA PHE A 445 10.96 26.38 4.80
C PHE A 445 11.22 26.14 3.32
N TYR A 446 12.39 26.53 2.84
CA TYR A 446 12.68 26.47 1.41
C TYR A 446 13.21 25.15 0.82
N HIS A 447 14.01 24.41 1.59
CA HIS A 447 14.46 23.09 1.15
C HIS A 447 14.49 22.10 2.30
N PHE A 448 14.39 20.82 2.00
CA PHE A 448 14.54 19.78 3.02
C PHE A 448 15.98 19.76 3.44
N THR A 449 16.24 19.39 4.69
CA THR A 449 17.61 19.37 5.20
C THR A 449 18.26 17.97 5.21
N ARG A 450 17.50 16.94 4.86
CA ARG A 450 18.02 15.57 4.90
C ARG A 450 19.16 15.42 3.92
N PRO A 451 20.05 14.45 4.17
CA PRO A 451 21.15 14.20 3.22
C PRO A 451 20.60 13.83 1.84
N LEU A 452 21.25 14.31 0.79
CA LEU A 452 20.86 14.03 -0.59
C LEU A 452 20.95 12.54 -0.90
N ILE A 453 22.00 11.91 -0.37
CA ILE A 453 22.30 10.51 -0.58
C ILE A 453 22.12 9.81 0.76
N LYS A 454 21.59 8.60 0.73
CA LYS A 454 21.49 7.82 1.96
C LYS A 454 22.90 7.62 2.53
N PRO A 455 23.13 8.06 3.77
CA PRO A 455 24.45 8.02 4.41
C PRO A 455 25.11 6.65 4.33
N GLN A 456 24.33 5.58 4.40
CA GLN A 456 24.89 4.23 4.37
C GLN A 456 25.52 3.95 3.00
N CYS A 457 24.96 4.54 1.95
CA CYS A 457 25.53 4.43 0.62
C CYS A 457 26.74 5.34 0.44
N ALA A 458 26.60 6.60 0.85
CA ALA A 458 27.60 7.63 0.63
C ALA A 458 28.91 7.29 1.31
N ALA A 459 28.81 6.54 2.41
CA ALA A 459 29.96 6.21 3.25
C ALA A 459 30.94 5.29 2.53
N TYR A 460 30.48 4.68 1.45
CA TYR A 460 31.34 3.77 0.68
C TYR A 460 32.29 4.52 -0.25
N GLY A 461 31.90 5.74 -0.65
CA GLY A 461 32.73 6.47 -1.57
C GLY A 461 31.95 7.42 -2.45
N LYS A 462 32.49 7.70 -3.63
CA LYS A 462 31.86 8.60 -4.59
C LYS A 462 30.47 8.12 -4.97
N ALA A 463 29.53 9.06 -5.00
CA ALA A 463 28.13 8.72 -5.21
C ALA A 463 27.59 9.38 -6.45
N LEU A 464 26.90 8.59 -7.26
CA LEU A 464 26.16 9.08 -8.41
C LEU A 464 24.69 8.66 -8.25
N ASP A 465 23.80 9.65 -8.15
CA ASP A 465 22.38 9.37 -7.95
C ASP A 465 21.66 9.71 -9.24
N LEU A 466 21.28 8.67 -9.97
CA LEU A 466 20.54 8.78 -11.21
C LEU A 466 19.05 8.46 -11.06
N SER A 467 18.61 8.34 -9.81
CA SER A 467 17.23 7.97 -9.52
C SER A 467 16.20 8.92 -10.11
N LEU A 468 15.02 8.37 -10.37
CA LEU A 468 13.89 9.13 -10.89
C LEU A 468 14.22 9.77 -12.23
N ASN A 469 14.83 8.95 -13.10
CA ASN A 469 15.11 9.35 -14.48
C ASN A 469 14.50 8.32 -15.46
N SER A 470 14.86 8.46 -16.72
CA SER A 470 14.48 7.58 -17.83
C SER A 470 15.45 6.54 -18.40
N ILE A 471 16.50 6.13 -17.69
CA ILE A 471 17.42 5.22 -18.35
C ILE A 471 16.83 3.82 -18.23
N PHE A 472 16.07 3.44 -19.27
CA PHE A 472 15.22 2.25 -19.20
C PHE A 472 15.95 1.04 -19.69
N PHE A 473 17.07 1.29 -20.37
CA PHE A 473 17.97 0.25 -20.85
C PHE A 473 19.40 0.76 -20.64
N ILE A 474 20.22 -0.01 -19.92
CA ILE A 474 21.62 0.38 -19.74
C ILE A 474 22.45 -0.21 -20.87
N GLY A 475 23.03 0.66 -21.69
CA GLY A 475 23.78 0.23 -22.85
C GLY A 475 25.23 -0.03 -22.51
N PRO A 476 26.00 -0.52 -23.48
CA PRO A 476 27.40 -0.90 -23.25
C PRO A 476 28.26 0.27 -22.78
N ASN A 477 27.97 1.46 -23.31
CA ASN A 477 28.75 2.66 -23.00
C ASN A 477 28.16 3.64 -21.98
N GLN A 478 27.00 3.31 -21.40
CA GLN A 478 26.25 4.22 -20.52
C GLN A 478 27.12 4.85 -19.43
N PHE A 479 27.92 4.03 -18.78
CA PHE A 479 28.77 4.45 -17.66
C PHE A 479 30.24 4.78 -17.99
N GLU A 480 30.56 4.86 -19.28
CA GLU A 480 31.90 5.29 -19.73
C GLU A 480 32.37 6.60 -19.11
N ASN A 481 33.67 6.67 -18.82
CA ASN A 481 34.34 7.91 -18.44
C ASN A 481 33.86 8.55 -17.15
N LEU A 482 33.28 7.73 -16.29
CA LEU A 482 32.83 8.17 -14.99
C LEU A 482 33.99 8.03 -14.01
N PRO A 483 33.93 8.76 -12.89
CA PRO A 483 34.92 8.55 -11.84
C PRO A 483 34.74 7.16 -11.24
N ASP A 484 35.46 6.84 -10.18
CA ASP A 484 35.35 5.50 -9.64
C ASP A 484 34.17 5.53 -8.67
N ILE A 485 33.06 4.97 -9.09
CA ILE A 485 31.79 5.14 -8.37
C ILE A 485 31.58 4.01 -7.38
N ALA A 486 31.55 4.35 -6.10
CA ALA A 486 31.24 3.40 -5.03
C ALA A 486 29.74 3.23 -4.75
N CYS A 487 28.97 4.30 -4.90
CA CYS A 487 27.57 4.32 -4.49
C CYS A 487 26.73 4.79 -5.67
N LEU A 488 25.86 3.90 -6.17
CA LEU A 488 25.11 4.14 -7.41
C LEU A 488 23.60 3.94 -7.21
N ASN A 489 22.81 4.97 -7.54
CA ASN A 489 21.37 4.88 -7.42
C ASN A 489 20.71 4.90 -8.80
N LEU A 490 20.16 3.75 -9.21
CA LEU A 490 19.37 3.64 -10.44
C LEU A 490 17.84 3.58 -10.22
N SER A 491 17.41 3.84 -9.00
CA SER A 491 16.00 3.72 -8.62
C SER A 491 15.02 4.41 -9.57
N ALA A 492 13.90 3.73 -9.83
CA ALA A 492 12.78 4.30 -10.61
C ALA A 492 13.17 4.88 -11.97
N ASN A 493 13.89 4.07 -12.76
CA ASN A 493 14.22 4.42 -14.14
C ASN A 493 13.41 3.72 -15.23
N SER A 494 12.40 2.96 -14.81
CA SER A 494 11.54 2.22 -15.71
C SER A 494 12.34 1.16 -16.44
N ASN A 495 13.35 0.61 -15.78
CA ASN A 495 14.23 -0.32 -16.44
C ASN A 495 13.59 -1.71 -16.53
N ALA A 496 13.33 -2.16 -17.75
CA ALA A 496 12.78 -3.50 -18.02
C ALA A 496 13.80 -4.55 -18.50
N GLN A 497 15.07 -4.17 -18.57
CA GLN A 497 16.05 -4.99 -19.25
C GLN A 497 16.46 -6.25 -18.51
N VAL A 498 17.05 -7.20 -19.22
CA VAL A 498 17.64 -8.36 -18.59
C VAL A 498 19.13 -8.11 -18.32
N LEU A 499 19.48 -7.89 -17.06
CA LEU A 499 20.88 -7.63 -16.73
C LEU A 499 21.66 -8.91 -16.98
N SER A 500 22.67 -8.80 -17.84
CA SER A 500 23.47 -9.95 -18.28
C SER A 500 24.90 -10.10 -17.72
N GLY A 501 25.35 -9.16 -16.91
CA GLY A 501 26.69 -9.25 -16.34
C GLY A 501 27.74 -8.33 -16.93
N THR A 502 27.43 -7.66 -18.05
CA THR A 502 28.34 -6.67 -18.62
C THR A 502 27.99 -5.19 -18.42
N GLU A 503 26.82 -4.90 -17.88
CA GLU A 503 26.28 -3.54 -17.96
C GLU A 503 27.02 -2.55 -17.06
N PHE A 504 27.53 -3.05 -15.96
CA PHE A 504 28.29 -2.23 -15.01
C PHE A 504 29.81 -2.31 -15.16
N SER A 505 30.28 -2.96 -16.23
CA SER A 505 31.72 -3.21 -16.41
C SER A 505 32.66 -1.99 -16.25
N ALA A 506 32.18 -0.81 -16.62
CA ALA A 506 32.97 0.43 -16.53
C ALA A 506 33.07 1.01 -15.10
N ILE A 507 32.15 0.62 -14.22
CA ILE A 507 32.25 0.98 -12.80
C ILE A 507 32.15 -0.25 -11.91
N PRO A 508 33.14 -1.15 -12.03
CA PRO A 508 33.16 -2.47 -11.39
C PRO A 508 33.29 -2.39 -9.88
N HIS A 509 33.63 -1.21 -9.38
CA HIS A 509 33.83 -1.00 -7.96
C HIS A 509 32.63 -0.47 -7.15
N VAL A 510 31.44 -0.43 -7.75
CA VAL A 510 30.24 -0.09 -6.98
C VAL A 510 30.11 -1.03 -5.76
N LYS A 511 30.08 -0.47 -4.56
CA LYS A 511 29.85 -1.30 -3.39
C LYS A 511 28.40 -1.29 -2.86
N TYR A 512 27.59 -0.34 -3.32
CA TYR A 512 26.20 -0.21 -2.86
C TYR A 512 25.40 0.12 -4.11
N LEU A 513 24.50 -0.76 -4.48
CA LEU A 513 23.71 -0.53 -5.68
C LEU A 513 22.22 -0.47 -5.35
N ASP A 514 21.57 0.63 -5.68
CA ASP A 514 20.13 0.76 -5.50
C ASP A 514 19.43 0.65 -6.86
N LEU A 515 18.79 -0.51 -7.08
CA LEU A 515 17.97 -0.82 -8.27
C LEU A 515 16.44 -0.73 -8.06
N THR A 516 16.01 -0.19 -6.92
CA THR A 516 14.61 -0.24 -6.52
C THR A 516 13.66 0.41 -7.52
N ASN A 517 12.41 -0.05 -7.50
CA ASN A 517 11.36 0.60 -8.26
C ASN A 517 11.60 0.61 -9.77
N ASN A 518 12.04 -0.53 -10.28
CA ASN A 518 12.14 -0.71 -11.71
C ASN A 518 11.23 -1.83 -12.21
N ARG A 519 11.38 -2.16 -13.49
CA ARG A 519 10.70 -3.27 -14.17
C ARG A 519 11.58 -4.50 -14.37
N LEU A 520 12.72 -4.58 -13.68
CA LEU A 520 13.79 -5.50 -14.04
C LEU A 520 13.31 -6.92 -14.30
N ASP A 521 13.83 -7.51 -15.37
CA ASP A 521 13.46 -8.87 -15.75
C ASP A 521 14.67 -9.75 -15.47
N PHE A 522 14.61 -10.55 -14.40
CA PHE A 522 15.82 -11.28 -14.09
C PHE A 522 15.73 -12.61 -14.82
N ASP A 523 16.27 -12.59 -16.03
CA ASP A 523 16.35 -13.74 -16.94
C ASP A 523 17.76 -14.31 -17.13
N ASN A 524 18.75 -13.81 -16.40
CA ASN A 524 20.13 -14.21 -16.62
C ASN A 524 20.90 -14.51 -15.35
N ALA A 525 21.50 -15.70 -15.29
CA ALA A 525 22.24 -16.14 -14.11
C ALA A 525 23.53 -15.37 -13.81
N SER A 526 24.04 -14.62 -14.79
CA SER A 526 25.27 -13.85 -14.61
C SER A 526 25.07 -12.38 -14.23
N ALA A 527 23.80 -11.97 -14.09
CA ALA A 527 23.45 -10.57 -13.84
C ALA A 527 24.22 -9.96 -12.68
N LEU A 528 24.76 -8.76 -12.89
CA LEU A 528 25.43 -8.00 -11.82
C LEU A 528 26.74 -8.60 -11.31
N THR A 529 27.14 -9.76 -11.83
CA THR A 529 28.35 -10.41 -11.32
C THR A 529 29.64 -9.66 -11.64
N GLU A 530 29.59 -8.69 -12.55
CA GLU A 530 30.78 -7.87 -12.82
C GLU A 530 31.20 -7.02 -11.61
N LEU A 531 30.28 -6.76 -10.68
CA LEU A 531 30.63 -5.95 -9.51
C LEU A 531 31.10 -6.86 -8.37
N SER A 532 32.41 -7.02 -8.23
CA SER A 532 32.94 -8.08 -7.38
C SER A 532 33.14 -7.60 -5.95
N ASP A 533 33.10 -6.29 -5.78
CA ASP A 533 33.15 -5.69 -4.46
C ASP A 533 31.74 -5.39 -3.91
N LEU A 534 30.69 -5.84 -4.59
CA LEU A 534 29.34 -5.44 -4.18
C LEU A 534 29.03 -5.90 -2.76
N GLU A 535 28.77 -4.93 -1.89
CA GLU A 535 28.34 -5.21 -0.52
C GLU A 535 26.84 -5.19 -0.26
N VAL A 536 26.19 -4.19 -0.85
CA VAL A 536 24.79 -3.89 -0.59
C VAL A 536 24.04 -3.79 -1.91
N LEU A 537 22.99 -4.59 -2.04
CA LEU A 537 22.17 -4.59 -3.25
C LEU A 537 20.70 -4.47 -2.90
N ASP A 538 20.03 -3.46 -3.43
CA ASP A 538 18.62 -3.25 -3.14
C ASP A 538 17.74 -3.45 -4.39
N LEU A 539 17.01 -4.56 -4.39
CA LEU A 539 16.09 -4.94 -5.47
C LEU A 539 14.61 -4.65 -5.20
N SER A 540 14.30 -3.93 -4.11
CA SER A 540 12.91 -3.71 -3.72
C SER A 540 12.05 -3.18 -4.88
N TYR A 541 10.79 -3.62 -4.92
CA TYR A 541 9.81 -3.07 -5.87
C TYR A 541 10.19 -3.28 -7.34
N ASN A 542 10.70 -4.47 -7.64
CA ASN A 542 10.86 -4.98 -9.01
C ASN A 542 9.80 -5.98 -9.47
N SER A 543 8.67 -5.99 -8.77
CA SER A 543 7.67 -7.05 -8.91
C SER A 543 7.17 -7.35 -10.35
N HIS A 544 7.41 -6.43 -11.29
CA HIS A 544 6.74 -6.45 -12.59
C HIS A 544 6.74 -7.84 -13.24
N TYR A 545 7.93 -8.40 -13.40
CA TYR A 545 8.09 -9.72 -14.00
C TYR A 545 7.89 -10.88 -13.04
N PHE A 546 8.28 -10.70 -11.78
CA PHE A 546 8.09 -11.75 -10.78
C PHE A 546 6.64 -12.21 -10.68
N ARG A 547 5.70 -11.32 -10.97
CA ARG A 547 4.30 -11.68 -10.80
C ARG A 547 3.74 -12.52 -11.96
N ILE A 548 4.45 -12.58 -13.07
CA ILE A 548 3.96 -13.38 -14.20
C ILE A 548 4.51 -14.79 -14.10
N ALA A 549 3.62 -15.74 -13.86
CA ALA A 549 4.02 -17.12 -13.63
C ALA A 549 4.74 -17.73 -14.84
N GLY A 550 4.29 -17.37 -16.03
CA GLY A 550 4.76 -17.97 -17.27
C GLY A 550 6.08 -17.45 -17.85
N VAL A 551 6.64 -16.38 -17.28
CA VAL A 551 7.99 -15.94 -17.69
C VAL A 551 9.05 -16.53 -16.77
N THR A 552 10.23 -16.84 -17.32
CA THR A 552 11.30 -17.38 -16.49
C THR A 552 11.83 -16.32 -15.50
N HIS A 553 12.29 -16.78 -14.33
CA HIS A 553 12.91 -15.92 -13.31
C HIS A 553 14.16 -16.58 -12.72
N HIS A 554 15.27 -15.85 -12.72
CA HIS A 554 16.51 -16.42 -12.18
C HIS A 554 17.18 -15.54 -11.13
N LEU A 555 17.22 -16.04 -9.90
CA LEU A 555 17.96 -15.41 -8.81
C LEU A 555 19.36 -16.01 -8.52
N GLU A 556 19.82 -16.93 -9.36
CA GLU A 556 21.09 -17.62 -9.10
C GLU A 556 22.34 -16.71 -8.97
N PHE A 557 22.27 -15.49 -9.50
CA PHE A 557 23.43 -14.60 -9.47
C PHE A 557 23.92 -14.24 -8.07
N ILE A 558 23.03 -14.34 -7.08
CA ILE A 558 23.33 -13.93 -5.70
C ILE A 558 24.58 -14.62 -5.12
N GLN A 559 24.80 -15.87 -5.51
CA GLN A 559 25.88 -16.67 -4.95
C GLN A 559 27.27 -16.19 -5.34
N ASN A 560 27.40 -15.59 -6.53
CA ASN A 560 28.71 -15.22 -7.06
C ASN A 560 29.46 -14.24 -6.19
N PHE A 561 28.72 -13.36 -5.52
CA PHE A 561 29.36 -12.29 -4.79
C PHE A 561 30.11 -12.80 -3.57
N THR A 562 31.39 -12.44 -3.50
CA THR A 562 32.25 -12.82 -2.38
C THR A 562 32.01 -11.90 -1.18
N ASN A 563 31.73 -10.63 -1.48
CA ASN A 563 31.51 -9.62 -0.45
C ASN A 563 30.07 -9.19 -0.12
N LEU A 564 29.07 -9.84 -0.71
CA LEU A 564 27.70 -9.39 -0.48
C LEU A 564 27.28 -9.48 1.00
N LYS A 565 26.88 -8.35 1.55
CA LYS A 565 26.46 -8.26 2.95
C LYS A 565 24.93 -8.19 3.08
N VAL A 566 24.35 -7.15 2.49
CA VAL A 566 22.94 -6.88 2.64
C VAL A 566 22.21 -6.94 1.31
N LEU A 567 21.21 -7.81 1.24
CA LEU A 567 20.38 -7.93 0.04
C LEU A 567 18.93 -7.71 0.40
N ASN A 568 18.29 -6.74 -0.25
CA ASN A 568 16.88 -6.49 -0.02
C ASN A 568 16.05 -6.94 -1.23
N LEU A 569 15.27 -8.00 -1.06
CA LEU A 569 14.33 -8.51 -2.07
C LEU A 569 12.87 -8.06 -1.87
N SER A 570 12.65 -7.12 -0.95
CA SER A 570 11.29 -6.78 -0.53
C SER A 570 10.31 -6.31 -1.61
N HIS A 571 9.04 -6.65 -1.40
CA HIS A 571 7.95 -6.21 -2.26
C HIS A 571 8.17 -6.58 -3.73
N ASN A 572 8.67 -7.78 -3.97
CA ASN A 572 8.75 -8.27 -5.34
C ASN A 572 7.65 -9.25 -5.74
N ASN A 573 6.80 -9.61 -4.78
CA ASN A 573 5.76 -10.62 -5.00
C ASN A 573 6.31 -11.94 -5.56
N ILE A 574 7.36 -12.47 -4.94
CA ILE A 574 8.06 -13.60 -5.50
C ILE A 574 7.29 -14.83 -5.05
N TYR A 575 6.60 -15.48 -5.96
CA TYR A 575 6.02 -16.80 -5.70
C TYR A 575 6.56 -17.96 -6.51
N THR A 576 7.39 -17.67 -7.52
CA THR A 576 7.87 -18.74 -8.40
C THR A 576 9.23 -18.47 -9.05
N LEU A 577 10.04 -19.51 -9.17
CA LEU A 577 11.37 -19.38 -9.76
C LEU A 577 11.59 -20.52 -10.74
N THR A 578 12.53 -20.36 -11.65
CA THR A 578 12.83 -21.37 -12.67
C THR A 578 14.06 -22.16 -12.25
N ASP A 579 14.01 -23.48 -12.39
CA ASP A 579 15.21 -24.28 -12.06
C ASP A 579 15.64 -24.11 -10.60
N LYS A 580 16.70 -23.35 -10.36
CA LYS A 580 17.16 -23.10 -8.99
C LYS A 580 16.10 -22.45 -8.10
N TYR A 581 15.75 -23.15 -7.02
CA TYR A 581 14.73 -22.70 -6.08
C TYR A 581 15.33 -22.09 -4.81
N ASN A 582 16.66 -22.15 -4.70
CA ASN A 582 17.33 -21.75 -3.46
C ASN A 582 18.18 -20.49 -3.59
N LEU A 583 18.10 -19.64 -2.58
CA LEU A 583 19.01 -18.51 -2.44
C LEU A 583 20.26 -18.97 -1.67
N GLU A 584 21.42 -18.84 -2.31
CA GLU A 584 22.68 -19.25 -1.69
C GLU A 584 23.68 -18.10 -1.67
N SER A 585 24.32 -17.90 -0.52
CA SER A 585 25.51 -17.04 -0.43
C SER A 585 26.38 -17.46 0.75
N LYS A 586 27.69 -17.44 0.56
CA LYS A 586 28.60 -17.75 1.67
C LYS A 586 28.99 -16.49 2.45
N SER A 587 28.60 -15.33 1.92
CA SER A 587 28.88 -14.01 2.49
C SER A 587 27.69 -13.42 3.26
N LEU A 588 26.50 -13.44 2.64
CA LEU A 588 25.36 -12.63 3.05
C LEU A 588 25.07 -12.65 4.55
N VAL A 589 25.02 -11.45 5.13
CA VAL A 589 24.63 -11.21 6.52
C VAL A 589 23.11 -11.03 6.75
N GLU A 590 22.48 -10.26 5.87
CA GLU A 590 21.11 -9.81 6.08
C GLU A 590 20.28 -9.97 4.83
N LEU A 591 19.14 -10.63 4.98
CA LEU A 591 18.22 -10.78 3.86
C LEU A 591 16.85 -10.24 4.20
N VAL A 592 16.39 -9.28 3.41
CA VAL A 592 15.05 -8.75 3.59
C VAL A 592 14.15 -9.33 2.51
N PHE A 593 13.27 -10.25 2.91
CA PHE A 593 12.34 -10.94 2.02
C PHE A 593 10.87 -10.50 2.09
N SER A 594 10.62 -9.43 2.83
CA SER A 594 9.26 -9.01 3.09
C SER A 594 8.44 -8.63 1.85
N GLY A 595 7.13 -8.76 1.95
CA GLY A 595 6.28 -8.35 0.85
C GLY A 595 6.42 -9.24 -0.37
N ASN A 596 6.64 -10.53 -0.13
CA ASN A 596 6.66 -11.57 -1.16
C ASN A 596 5.57 -12.61 -0.86
N ARG A 597 5.53 -13.72 -1.60
CA ARG A 597 4.59 -14.75 -1.19
C ARG A 597 5.28 -16.02 -0.74
N LEU A 598 5.54 -16.12 0.56
CA LEU A 598 6.15 -17.33 1.10
C LEU A 598 5.03 -18.33 1.32
N ASP A 599 3.82 -17.78 1.49
CA ASP A 599 2.63 -18.59 1.67
C ASP A 599 2.40 -19.51 0.47
N ILE A 600 2.72 -19.03 -0.72
CA ILE A 600 2.67 -19.86 -1.93
C ILE A 600 3.91 -20.74 -2.10
N LEU A 601 5.07 -20.15 -1.85
CA LEU A 601 6.34 -20.86 -1.97
C LEU A 601 6.40 -22.08 -1.05
N TRP A 602 5.93 -21.89 0.17
CA TRP A 602 5.92 -22.94 1.21
C TRP A 602 4.61 -23.74 1.30
N ASN A 603 3.73 -23.56 0.32
CA ASN A 603 2.46 -24.29 0.28
C ASN A 603 2.65 -25.79 0.52
N ASP A 604 1.82 -26.34 1.40
CA ASP A 604 1.96 -27.72 1.86
C ASP A 604 2.14 -28.77 0.75
N ASP A 605 1.51 -28.56 -0.40
CA ASP A 605 1.58 -29.50 -1.51
C ASP A 605 2.86 -29.36 -2.36
N ASP A 606 3.71 -28.42 -1.97
CA ASP A 606 4.93 -28.13 -2.71
C ASP A 606 6.18 -28.28 -1.84
N ASN A 607 7.05 -29.20 -2.23
CA ASN A 607 8.30 -29.46 -1.52
C ASN A 607 9.49 -28.64 -2.01
N ARG A 608 9.34 -27.96 -3.15
CA ARG A 608 10.49 -27.37 -3.85
C ARG A 608 11.25 -26.23 -3.14
N TYR A 609 10.53 -25.41 -2.38
CA TYR A 609 11.13 -24.24 -1.73
C TYR A 609 11.50 -24.40 -0.24
N ILE A 610 11.39 -25.61 0.31
CA ILE A 610 11.62 -25.81 1.75
C ILE A 610 13.04 -25.48 2.24
N SER A 611 14.02 -25.49 1.33
CA SER A 611 15.40 -25.11 1.64
C SER A 611 15.78 -23.68 1.25
N ILE A 612 14.79 -22.89 0.82
CA ILE A 612 15.03 -21.66 0.09
C ILE A 612 16.08 -20.72 0.69
N PHE A 613 16.11 -20.59 2.02
CA PHE A 613 17.12 -19.74 2.68
C PHE A 613 18.30 -20.51 3.30
N LYS A 614 18.27 -21.84 3.23
CA LYS A 614 19.24 -22.66 3.96
C LYS A 614 20.69 -22.52 3.49
N GLY A 615 20.88 -22.29 2.20
CA GLY A 615 22.21 -22.12 1.64
C GLY A 615 22.78 -20.72 1.83
N LEU A 616 22.17 -19.90 2.67
CA LEU A 616 22.77 -18.62 2.97
C LEU A 616 23.47 -18.84 4.31
N LYS A 617 24.77 -19.07 4.23
CA LYS A 617 25.51 -19.70 5.33
C LYS A 617 25.90 -18.74 6.43
N ASN A 618 26.09 -17.48 6.06
CA ASN A 618 26.57 -16.45 6.96
C ASN A 618 25.42 -15.63 7.57
N LEU A 619 24.19 -16.01 7.25
CA LEU A 619 23.03 -15.17 7.55
C LEU A 619 22.77 -14.98 9.05
N THR A 620 22.58 -13.72 9.44
CA THR A 620 22.26 -13.36 10.83
C THR A 620 20.86 -12.71 10.94
N ARG A 621 20.61 -11.67 10.18
CA ARG A 621 19.28 -11.04 10.15
C ARG A 621 18.41 -11.52 8.97
N LEU A 622 17.18 -11.93 9.28
CA LEU A 622 16.23 -12.34 8.25
C LEU A 622 14.84 -11.76 8.48
N ASP A 623 14.30 -11.11 7.46
CA ASP A 623 12.98 -10.47 7.51
C ASP A 623 11.97 -11.20 6.61
N LEU A 624 11.05 -11.91 7.24
CA LEU A 624 9.95 -12.66 6.60
C LEU A 624 8.59 -11.97 6.62
N SER A 625 8.58 -10.71 7.04
CA SER A 625 7.33 -9.98 7.25
C SER A 625 6.51 -9.85 5.97
N LEU A 626 5.21 -9.60 6.12
CA LEU A 626 4.34 -9.26 5.00
C LEU A 626 4.36 -10.35 3.90
N ASN A 627 4.41 -11.61 4.32
CA ASN A 627 4.32 -12.77 3.45
C ASN A 627 2.97 -13.54 3.41
N ARG A 628 1.95 -13.04 4.11
CA ARG A 628 0.63 -13.69 4.14
C ARG A 628 0.70 -15.12 4.68
N LEU A 629 1.64 -15.37 5.59
CA LEU A 629 1.83 -16.70 6.15
C LEU A 629 0.81 -16.97 7.24
N LYS A 630 0.02 -18.01 7.07
CA LYS A 630 -0.88 -18.49 8.11
C LYS A 630 -0.18 -19.50 9.01
N HIS A 631 0.92 -20.03 8.49
CA HIS A 631 1.79 -20.94 9.23
C HIS A 631 2.98 -21.35 8.37
N ILE A 632 4.04 -21.76 9.04
CA ILE A 632 5.25 -22.23 8.38
C ILE A 632 5.41 -23.72 8.65
N PRO A 633 5.54 -24.52 7.57
CA PRO A 633 5.74 -25.96 7.79
C PRO A 633 6.99 -26.19 8.64
N ASN A 634 6.92 -27.19 9.50
CA ASN A 634 7.98 -27.49 10.45
C ASN A 634 9.35 -27.65 9.80
N GLU A 635 9.40 -28.39 8.69
CA GLU A 635 10.69 -28.63 8.04
C GLU A 635 11.23 -27.38 7.37
N ALA A 636 10.34 -26.49 6.94
CA ALA A 636 10.76 -25.24 6.34
C ALA A 636 11.34 -24.30 7.38
N PHE A 637 10.76 -24.30 8.58
CA PHE A 637 11.31 -23.48 9.66
C PHE A 637 12.66 -24.05 10.09
N LEU A 638 12.76 -25.38 10.12
CA LEU A 638 14.00 -26.04 10.50
C LEU A 638 15.10 -25.77 9.50
N ASN A 639 14.71 -25.41 8.28
CA ASN A 639 15.68 -25.14 7.22
C ASN A 639 16.12 -23.69 7.11
N LEU A 640 15.69 -22.85 8.05
CA LEU A 640 16.27 -21.51 8.16
C LEU A 640 17.71 -21.66 8.65
N PRO A 641 18.61 -20.78 8.19
CA PRO A 641 20.04 -20.85 8.57
C PRO A 641 20.22 -20.92 10.07
N ALA A 642 21.10 -21.83 10.50
CA ALA A 642 21.34 -22.05 11.92
C ALA A 642 21.96 -20.81 12.59
N SER A 643 22.52 -19.92 11.78
CA SER A 643 23.31 -18.82 12.30
C SER A 643 22.52 -17.57 12.66
N LEU A 644 21.20 -17.61 12.50
CA LEU A 644 20.38 -16.40 12.69
C LEU A 644 20.45 -15.89 14.12
N THR A 645 20.85 -14.63 14.29
CA THR A 645 20.67 -13.95 15.56
C THR A 645 19.30 -13.28 15.69
N GLU A 646 18.80 -12.77 14.57
CA GLU A 646 17.62 -11.92 14.54
C GLU A 646 16.65 -12.35 13.44
N LEU A 647 15.44 -12.77 13.83
CA LEU A 647 14.41 -13.22 12.86
C LEU A 647 13.08 -12.49 12.99
N HIS A 648 12.66 -11.80 11.95
CA HIS A 648 11.35 -11.11 11.94
C HIS A 648 10.28 -11.82 11.10
N ILE A 649 9.28 -12.39 11.76
CA ILE A 649 8.08 -12.90 11.07
C ILE A 649 6.84 -12.01 11.17
N ASN A 650 7.04 -10.79 11.67
CA ASN A 650 5.93 -9.89 11.97
C ASN A 650 5.01 -9.54 10.79
N ASP A 651 3.76 -9.19 11.11
CA ASP A 651 2.75 -8.78 10.13
C ASP A 651 2.54 -9.79 9.01
N ASN A 652 2.34 -11.03 9.46
CA ASN A 652 1.84 -12.11 8.65
C ASN A 652 0.47 -12.47 9.22
N MET A 653 -0.10 -13.57 8.75
CA MET A 653 -1.34 -14.12 9.28
C MET A 653 -1.22 -15.30 10.27
N LEU A 654 -0.02 -15.57 10.77
CA LEU A 654 0.28 -16.81 11.49
C LEU A 654 -0.69 -17.17 12.62
N LYS A 655 -1.28 -18.35 12.50
CA LYS A 655 -2.20 -18.89 13.50
C LYS A 655 -1.50 -19.89 14.42
N PHE A 656 -0.25 -20.19 14.11
CA PHE A 656 0.43 -21.33 14.72
C PHE A 656 1.92 -21.05 14.79
N PHE A 657 2.55 -21.46 15.88
CA PHE A 657 4.01 -21.43 15.94
C PHE A 657 4.56 -22.62 16.74
N ASN A 658 5.54 -23.31 16.17
CA ASN A 658 6.15 -24.43 16.88
C ASN A 658 7.37 -23.91 17.63
N TRP A 659 7.24 -23.80 18.94
CA TRP A 659 8.28 -23.16 19.74
C TRP A 659 9.45 -24.10 19.94
N THR A 660 9.16 -25.40 19.92
CA THR A 660 10.20 -26.41 20.09
C THR A 660 11.26 -26.26 19.00
N LEU A 661 10.87 -25.70 17.87
CA LEU A 661 11.77 -25.53 16.74
C LEU A 661 12.92 -24.56 16.99
N LEU A 662 12.83 -23.77 18.05
CA LEU A 662 13.89 -22.82 18.39
C LEU A 662 15.16 -23.52 18.90
N GLN A 663 15.07 -24.84 19.10
CA GLN A 663 16.22 -25.65 19.53
C GLN A 663 17.37 -25.62 18.53
N GLN A 664 17.04 -25.45 17.26
CA GLN A 664 18.01 -25.49 16.17
C GLN A 664 18.62 -24.13 15.92
N PHE A 665 18.26 -23.16 16.75
CA PHE A 665 18.76 -21.80 16.59
C PHE A 665 19.42 -21.29 17.86
N PRO A 666 20.61 -21.84 18.17
CA PRO A 666 21.35 -21.59 19.40
C PRO A 666 21.94 -20.18 19.46
N ARG A 667 21.99 -19.49 18.32
CA ARG A 667 22.47 -18.11 18.28
C ARG A 667 21.32 -17.09 18.28
N LEU A 668 20.08 -17.55 18.29
CA LEU A 668 18.95 -16.64 18.10
C LEU A 668 18.72 -15.71 19.28
N GLU A 669 18.71 -14.42 19.00
CA GLU A 669 18.63 -13.38 20.01
C GLU A 669 17.28 -12.68 20.01
N LEU A 670 16.92 -12.11 18.87
CA LEU A 670 15.63 -11.43 18.69
C LEU A 670 14.67 -12.26 17.85
N LEU A 671 13.47 -12.46 18.38
CA LEU A 671 12.41 -13.12 17.62
C LEU A 671 11.21 -12.17 17.52
N ASP A 672 10.91 -11.71 16.31
CA ASP A 672 9.84 -10.74 16.14
C ASP A 672 8.58 -11.40 15.53
N LEU A 673 7.60 -11.62 16.39
CA LEU A 673 6.31 -12.20 16.03
C LEU A 673 5.13 -11.23 15.95
N ARG A 674 5.39 -9.93 16.08
CA ARG A 674 4.31 -8.93 16.14
C ARG A 674 3.32 -8.99 14.98
N GLY A 675 2.08 -8.63 15.27
CA GLY A 675 1.09 -8.45 14.21
C GLY A 675 0.66 -9.72 13.53
N ASN A 676 0.41 -10.75 14.32
CA ASN A 676 -0.06 -12.04 13.82
C ASN A 676 -1.34 -12.45 14.52
N LYS A 677 -1.74 -13.70 14.34
CA LYS A 677 -2.87 -14.30 15.05
C LYS A 677 -2.57 -15.22 16.23
N LEU A 678 -1.29 -15.36 16.62
CA LEU A 678 -0.86 -16.41 17.56
C LEU A 678 -1.64 -16.45 18.87
N LEU A 679 -2.16 -17.63 19.23
CA LEU A 679 -2.81 -17.85 20.52
C LEU A 679 -2.01 -18.53 21.65
N PHE A 680 -0.92 -19.21 21.33
CA PHE A 680 -0.57 -20.42 22.11
C PHE A 680 0.45 -20.51 23.29
N LEU A 681 1.31 -19.52 23.56
CA LEU A 681 2.70 -19.85 23.97
C LEU A 681 2.97 -21.05 24.88
N THR A 682 4.05 -21.78 24.55
CA THR A 682 4.54 -22.90 25.36
C THR A 682 4.82 -22.51 26.82
N ASP A 683 4.65 -23.47 27.72
CA ASP A 683 5.07 -23.32 29.11
C ASP A 683 6.49 -23.85 29.29
N SER A 684 7.04 -24.43 28.23
CA SER A 684 8.37 -25.04 28.24
C SER A 684 9.54 -24.23 27.67
N LEU A 685 9.33 -22.96 27.33
CA LEU A 685 10.25 -22.20 26.47
C LEU A 685 11.75 -22.28 26.78
N SER A 686 12.09 -22.38 28.07
CA SER A 686 13.50 -22.51 28.47
C SER A 686 14.18 -23.76 27.92
N ASP A 687 13.39 -24.79 27.61
CA ASP A 687 13.93 -26.01 27.03
C ASP A 687 14.34 -25.82 25.56
N PHE A 688 13.69 -24.87 24.89
CA PHE A 688 13.94 -24.65 23.47
C PHE A 688 14.91 -23.51 23.10
N THR A 689 15.25 -22.65 24.06
CA THR A 689 16.26 -21.63 23.81
C THR A 689 17.03 -21.25 25.07
N SER A 690 18.34 -21.12 24.97
CA SER A 690 19.11 -20.46 26.01
C SER A 690 19.53 -19.04 25.61
N SER A 691 19.33 -18.71 24.33
CA SER A 691 19.87 -17.47 23.75
C SER A 691 18.94 -16.27 23.60
N LEU A 692 17.64 -16.47 23.79
CA LEU A 692 16.67 -15.44 23.42
C LEU A 692 16.73 -14.22 24.35
N ARG A 693 16.93 -13.04 23.74
CA ARG A 693 17.10 -11.79 24.46
C ARG A 693 15.83 -10.96 24.39
N THR A 694 15.42 -10.66 23.17
CA THR A 694 14.21 -9.90 22.91
C THR A 694 13.17 -10.78 22.21
N LEU A 695 11.96 -10.78 22.75
CA LEU A 695 10.86 -11.54 22.18
C LEU A 695 9.65 -10.63 21.99
N LEU A 696 9.28 -10.39 20.74
CA LEU A 696 8.23 -9.41 20.47
C LEU A 696 6.92 -10.07 20.08
N LEU A 697 5.96 -10.08 21.01
CA LEU A 697 4.64 -10.65 20.78
C LEU A 697 3.48 -9.67 20.53
N SER A 698 3.79 -8.38 20.41
CA SER A 698 2.74 -7.37 20.32
C SER A 698 1.76 -7.59 19.14
N HIS A 699 0.51 -7.20 19.36
CA HIS A 699 -0.55 -7.38 18.37
C HIS A 699 -0.75 -8.83 17.96
N ASN A 700 -1.17 -9.63 18.94
CA ASN A 700 -1.58 -11.00 18.71
C ASN A 700 -2.80 -11.27 19.57
N ARG A 701 -3.23 -12.53 19.63
CA ARG A 701 -4.28 -12.86 20.58
C ARG A 701 -3.69 -13.83 21.57
N ILE A 702 -3.35 -13.33 22.75
CA ILE A 702 -2.81 -14.19 23.78
C ILE A 702 -3.68 -13.99 24.99
N SER A 703 -4.43 -15.04 25.34
CA SER A 703 -5.39 -14.95 26.41
C SER A 703 -4.74 -15.16 27.77
N HIS A 704 -3.74 -16.03 27.82
CA HIS A 704 -3.06 -16.30 29.08
C HIS A 704 -1.59 -16.66 28.96
N LEU A 705 -0.82 -16.28 29.98
CA LEU A 705 0.58 -16.65 30.07
C LEU A 705 0.72 -17.96 30.81
N PRO A 706 1.50 -18.89 30.25
CA PRO A 706 1.75 -20.15 30.93
C PRO A 706 2.52 -19.96 32.24
N SER A 707 2.75 -21.04 32.98
CA SER A 707 3.23 -20.91 34.34
C SER A 707 4.70 -20.53 34.42
N GLY A 708 4.97 -19.43 35.12
CA GLY A 708 6.32 -18.95 35.34
C GLY A 708 7.01 -18.42 34.09
N PHE A 709 6.22 -17.82 33.20
CA PHE A 709 6.73 -17.37 31.90
C PHE A 709 7.72 -16.22 32.04
N LEU A 710 7.44 -15.33 32.99
CA LEU A 710 8.27 -14.15 33.17
C LEU A 710 9.62 -14.52 33.75
N SER A 711 9.65 -15.63 34.48
CA SER A 711 10.88 -16.17 35.06
C SER A 711 11.48 -17.31 34.23
N GLU A 712 10.87 -17.63 33.09
CA GLU A 712 11.24 -18.82 32.32
C GLU A 712 12.64 -18.80 31.70
N VAL A 713 12.91 -17.80 30.85
CA VAL A 713 14.14 -17.78 30.07
C VAL A 713 15.20 -16.85 30.65
N SER A 714 16.37 -17.40 30.97
CA SER A 714 17.45 -16.66 31.65
C SER A 714 18.10 -15.56 30.80
N SER A 715 18.11 -15.74 29.49
CA SER A 715 18.70 -14.75 28.61
C SER A 715 17.75 -13.59 28.32
N LEU A 716 16.46 -13.81 28.58
CA LEU A 716 15.44 -12.87 28.13
C LEU A 716 15.43 -11.56 28.90
N LYS A 717 15.59 -10.47 28.17
CA LYS A 717 15.63 -9.13 28.75
C LYS A 717 14.34 -8.39 28.43
N HIS A 718 14.06 -8.25 27.14
CA HIS A 718 12.90 -7.53 26.63
C HIS A 718 11.80 -8.49 26.16
N LEU A 719 10.64 -8.40 26.81
CA LEU A 719 9.46 -9.16 26.43
C LEU A 719 8.30 -8.22 26.11
N ASP A 720 7.79 -8.27 24.88
CA ASP A 720 6.70 -7.39 24.47
C ASP A 720 5.37 -8.16 24.38
N LEU A 721 4.52 -7.92 25.37
CA LEU A 721 3.15 -8.47 25.42
C LEU A 721 2.04 -7.50 25.05
N SER A 722 2.39 -6.30 24.61
CA SER A 722 1.41 -5.24 24.35
C SER A 722 0.42 -5.59 23.24
N SER A 723 -0.73 -4.93 23.27
CA SER A 723 -1.82 -5.17 22.30
C SER A 723 -2.21 -6.64 22.14
N ASN A 724 -2.55 -7.27 23.27
CA ASN A 724 -3.04 -8.65 23.28
C ASN A 724 -4.33 -8.75 24.06
N LEU A 725 -4.77 -9.97 24.29
CA LEU A 725 -6.02 -10.25 25.00
C LEU A 725 -5.88 -10.57 26.50
N LEU A 726 -4.67 -10.43 27.06
CA LEU A 726 -4.45 -10.78 28.46
C LEU A 726 -5.37 -9.97 29.37
N LYS A 727 -6.21 -10.68 30.14
CA LYS A 727 -7.05 -10.02 31.12
C LYS A 727 -6.45 -10.01 32.52
N THR A 728 -5.48 -10.88 32.75
CA THR A 728 -4.72 -10.88 34.00
C THR A 728 -3.40 -11.64 33.91
N ILE A 729 -2.48 -11.34 34.82
CA ILE A 729 -1.28 -12.14 35.00
C ILE A 729 -1.41 -12.76 36.39
N ASN A 730 -1.68 -14.06 36.47
CA ASN A 730 -1.90 -14.66 37.78
C ASN A 730 -0.62 -15.18 38.43
N LYS A 731 -0.78 -15.77 39.61
CA LYS A 731 0.33 -16.31 40.40
C LYS A 731 1.20 -17.28 39.61
N SER A 732 0.57 -18.03 38.70
CA SER A 732 1.27 -19.05 37.92
C SER A 732 2.36 -18.47 37.01
N ALA A 733 2.07 -17.38 36.32
CA ALA A 733 3.04 -16.75 35.43
C ALA A 733 4.23 -16.20 36.22
N LEU A 734 4.03 -16.04 37.52
CA LEU A 734 5.04 -15.54 38.43
C LEU A 734 5.76 -16.64 39.24
N GLU A 735 5.34 -17.88 39.06
CA GLU A 735 5.83 -18.97 39.92
C GLU A 735 7.01 -19.75 39.32
N THR A 736 8.17 -19.62 39.96
CA THR A 736 9.41 -20.27 39.51
C THR A 736 10.53 -20.00 40.51
N LYS A 737 11.58 -20.83 40.48
CA LYS A 737 12.67 -20.76 41.46
C LYS A 737 13.57 -19.53 41.28
N THR A 738 14.08 -19.33 40.07
CA THR A 738 14.93 -18.17 39.80
C THR A 738 14.08 -16.91 39.69
N THR A 739 14.73 -15.79 39.38
CA THR A 739 14.03 -14.51 39.32
C THR A 739 14.01 -13.99 37.90
N THR A 740 13.05 -13.13 37.60
CA THR A 740 12.98 -12.51 36.29
C THR A 740 14.23 -11.66 36.06
N LYS A 741 14.89 -11.91 34.94
CA LYS A 741 16.01 -11.08 34.50
C LYS A 741 15.57 -10.04 33.49
N LEU A 742 14.26 -9.99 33.25
CA LEU A 742 13.68 -9.01 32.36
C LEU A 742 13.99 -7.57 32.79
N SER A 743 14.55 -6.78 31.88
CA SER A 743 14.66 -5.34 32.12
C SER A 743 13.52 -4.56 31.46
N MET A 744 12.75 -5.22 30.59
CA MET A 744 11.56 -4.59 30.04
C MET A 744 10.39 -5.55 29.78
N LEU A 745 9.20 -5.08 30.15
CA LEU A 745 7.99 -5.84 29.92
C LEU A 745 6.89 -4.88 29.45
N GLU A 746 6.39 -5.09 28.23
CA GLU A 746 5.39 -4.18 27.68
C GLU A 746 3.97 -4.77 27.77
N LEU A 747 3.17 -4.21 28.66
CA LEU A 747 1.79 -4.66 28.84
C LEU A 747 0.67 -3.79 28.25
N HIS A 748 1.01 -2.66 27.65
CA HIS A 748 -0.02 -1.69 27.29
C HIS A 748 -0.97 -2.16 26.20
N GLY A 749 -2.26 -1.83 26.34
CA GLY A 749 -3.24 -2.18 25.32
C GLY A 749 -4.01 -3.46 25.63
N ASN A 750 -3.59 -4.16 26.67
CA ASN A 750 -4.29 -5.36 27.11
C ASN A 750 -5.54 -5.00 27.92
N PRO A 751 -6.61 -5.78 27.77
CA PRO A 751 -7.89 -5.56 28.48
C PRO A 751 -7.85 -6.09 29.91
N PHE A 752 -7.14 -5.41 30.80
CA PHE A 752 -6.93 -5.92 32.15
C PHE A 752 -8.17 -5.91 33.04
N GLU A 753 -8.30 -6.96 33.84
CA GLU A 753 -9.38 -7.09 34.79
C GLU A 753 -8.92 -6.57 36.16
N CYS A 754 -9.54 -5.48 36.59
CA CYS A 754 -9.10 -4.73 37.76
C CYS A 754 -9.69 -5.21 39.09
N THR A 755 -10.33 -6.37 39.08
CA THR A 755 -10.80 -6.97 40.33
C THR A 755 -9.58 -7.40 41.14
N CYS A 756 -9.82 -7.97 42.31
CA CYS A 756 -8.76 -8.24 43.27
C CYS A 756 -7.61 -9.14 42.78
N ASP A 757 -7.90 -9.98 41.79
CA ASP A 757 -6.90 -10.96 41.35
C ASP A 757 -5.76 -10.33 40.54
N ILE A 758 -5.87 -9.04 40.25
CA ILE A 758 -4.77 -8.33 39.61
C ILE A 758 -3.75 -7.88 40.65
N GLY A 759 -4.15 -7.93 41.92
CA GLY A 759 -3.32 -7.47 43.02
C GLY A 759 -2.01 -8.22 43.11
N ASP A 760 -2.05 -9.51 42.79
CA ASP A 760 -0.85 -10.35 42.79
C ASP A 760 0.22 -9.84 41.82
N PHE A 761 -0.18 -9.47 40.61
CA PHE A 761 0.78 -8.93 39.64
C PHE A 761 1.28 -7.54 40.05
N ARG A 762 0.47 -6.83 40.82
CA ARG A 762 0.87 -5.50 41.29
C ARG A 762 1.98 -5.60 42.34
N ARG A 763 1.96 -6.69 43.11
CA ARG A 763 3.04 -6.94 44.06
C ARG A 763 4.33 -7.31 43.34
N TRP A 764 4.22 -8.12 42.28
CA TRP A 764 5.37 -8.46 41.45
C TRP A 764 6.02 -7.20 40.90
N MET A 765 5.18 -6.24 40.53
CA MET A 765 5.66 -4.94 40.06
C MET A 765 6.48 -4.24 41.16
N ASP A 766 5.89 -4.11 42.34
CA ASP A 766 6.55 -3.45 43.45
C ASP A 766 7.84 -4.17 43.82
N GLU A 767 7.83 -5.49 43.67
CA GLU A 767 9.00 -6.30 43.97
C GLU A 767 10.13 -5.95 43.02
N HIS A 768 9.86 -5.95 41.73
CA HIS A 768 10.90 -5.62 40.78
C HIS A 768 10.64 -4.27 40.13
N LEU A 769 11.36 -3.26 40.60
CA LEU A 769 11.26 -1.92 40.06
C LEU A 769 12.21 -1.79 38.88
N ASN A 770 13.13 -2.74 38.81
CA ASN A 770 14.12 -2.75 37.74
C ASN A 770 13.52 -3.21 36.42
N VAL A 771 12.33 -3.81 36.47
CA VAL A 771 11.65 -4.23 35.26
C VAL A 771 10.80 -3.05 34.78
N LYS A 772 11.17 -2.50 33.64
CA LYS A 772 10.51 -1.32 33.10
C LYS A 772 9.26 -1.68 32.31
N ILE A 773 8.11 -1.22 32.79
CA ILE A 773 6.86 -1.33 32.06
C ILE A 773 6.54 0.07 31.59
N PRO A 774 6.68 0.32 30.29
CA PRO A 774 6.46 1.69 29.83
C PRO A 774 4.98 2.01 29.63
N ARG A 775 4.68 3.25 29.26
CA ARG A 775 3.32 3.69 28.94
C ARG A 775 2.29 3.18 29.94
N LEU A 776 2.44 3.57 31.19
CA LEU A 776 1.59 2.99 32.24
C LEU A 776 0.19 3.59 32.23
N VAL A 777 0.07 4.80 31.68
CA VAL A 777 -1.24 5.41 31.50
C VAL A 777 -2.03 4.64 30.44
N ASP A 778 -1.30 3.90 29.61
CA ASP A 778 -1.93 3.07 28.58
C ASP A 778 -2.06 1.60 28.95
N VAL A 779 -1.58 1.22 30.13
CA VAL A 779 -1.86 -0.12 30.62
C VAL A 779 -3.10 0.07 31.45
N ILE A 780 -4.21 -0.43 30.91
CA ILE A 780 -5.52 0.10 31.29
C ILE A 780 -6.53 -0.98 31.62
N CYS A 781 -7.24 -0.79 32.73
CA CYS A 781 -8.31 -1.68 33.14
C CYS A 781 -9.44 -1.66 32.13
N ALA A 782 -9.91 -2.84 31.74
CA ALA A 782 -11.16 -2.92 30.99
C ALA A 782 -12.33 -3.15 31.96
N SER A 783 -12.40 -4.34 32.54
CA SER A 783 -13.44 -4.67 33.52
C SER A 783 -12.99 -4.37 34.94
N PRO A 784 -13.96 -4.16 35.86
CA PRO A 784 -15.36 -3.82 35.57
C PRO A 784 -15.53 -2.33 35.30
N GLY A 785 -16.77 -1.86 35.19
CA GLY A 785 -17.06 -0.49 34.77
C GLY A 785 -16.53 0.67 35.60
N ASP A 786 -16.52 0.51 36.92
CA ASP A 786 -16.12 1.58 37.83
C ASP A 786 -14.67 1.98 37.62
N GLN A 787 -13.80 0.98 37.45
CA GLN A 787 -12.38 1.22 37.33
C GLN A 787 -11.91 1.45 35.90
N ARG A 788 -12.86 1.37 34.95
CA ARG A 788 -12.54 1.49 33.53
C ARG A 788 -11.88 2.82 33.21
N GLY A 789 -10.98 2.79 32.22
CA GLY A 789 -10.30 3.99 31.78
C GLY A 789 -9.07 4.33 32.60
N LYS A 790 -8.92 3.64 33.72
CA LYS A 790 -7.83 3.94 34.64
C LYS A 790 -6.66 2.96 34.53
N SER A 791 -5.46 3.48 34.73
CA SER A 791 -4.25 2.66 34.77
C SER A 791 -4.35 1.65 35.90
N ILE A 792 -3.83 0.45 35.67
CA ILE A 792 -3.88 -0.61 36.67
C ILE A 792 -3.03 -0.26 37.89
N VAL A 793 -2.11 0.67 37.69
CA VAL A 793 -1.24 1.11 38.78
C VAL A 793 -2.02 1.99 39.77
N SER A 794 -3.20 2.44 39.36
CA SER A 794 -3.99 3.39 40.14
C SER A 794 -5.07 2.79 41.05
N LEU A 795 -5.24 1.47 41.00
CA LEU A 795 -6.30 0.83 41.75
C LEU A 795 -5.90 0.54 43.20
N SER B 9 -39.61 -16.73 15.91
CA SER B 9 -38.42 -16.03 16.40
C SER B 9 -37.48 -15.68 15.25
N ARG B 10 -36.69 -14.62 15.45
CA ARG B 10 -35.70 -14.17 14.46
C ARG B 10 -34.76 -15.31 14.09
N SER B 11 -34.59 -15.54 12.79
CA SER B 11 -33.88 -16.72 12.32
C SER B 11 -32.47 -16.75 12.87
N TYR B 12 -32.14 -17.83 13.58
CA TYR B 12 -30.81 -17.98 14.15
C TYR B 12 -30.43 -19.47 14.21
N PRO B 13 -29.13 -19.81 14.05
CA PRO B 13 -27.99 -19.01 13.58
C PRO B 13 -28.02 -18.73 12.07
N CYS B 14 -28.85 -19.49 11.36
CA CYS B 14 -28.91 -19.35 9.92
C CYS B 14 -29.67 -18.12 9.45
N ASP B 15 -29.24 -17.55 8.33
CA ASP B 15 -30.04 -16.55 7.63
C ASP B 15 -30.83 -17.28 6.58
N GLU B 16 -32.14 -17.36 6.81
CA GLU B 16 -33.02 -18.03 5.87
C GLU B 16 -33.59 -16.95 4.97
N LYS B 17 -33.63 -17.22 3.67
CA LYS B 17 -34.12 -16.25 2.70
C LYS B 17 -34.45 -16.89 1.35
N VAL B 23 -36.32 -22.66 -0.48
CA VAL B 23 -35.86 -21.51 0.29
C VAL B 23 -34.61 -21.89 1.10
N ILE B 24 -33.54 -21.11 0.94
CA ILE B 24 -32.22 -21.51 1.42
C ILE B 24 -31.88 -20.98 2.82
N ALA B 25 -31.17 -21.80 3.59
CA ALA B 25 -30.66 -21.40 4.89
C ALA B 25 -29.16 -21.29 4.81
N GLU B 26 -28.61 -20.11 5.11
CA GLU B 26 -27.18 -19.94 5.01
C GLU B 26 -26.55 -19.93 6.39
N CYS B 27 -25.89 -21.03 6.75
CA CYS B 27 -25.13 -21.13 7.99
C CYS B 27 -23.61 -21.00 7.84
N SER B 28 -23.12 -20.72 6.63
CA SER B 28 -21.68 -20.75 6.34
C SER B 28 -20.80 -19.92 7.29
N ASN B 29 -19.67 -20.47 7.69
CA ASN B 29 -18.63 -19.73 8.40
C ASN B 29 -19.08 -19.11 9.72
N ARG B 30 -20.00 -19.78 10.40
CA ARG B 30 -20.57 -19.26 11.64
C ARG B 30 -19.97 -19.79 12.95
N ARG B 31 -18.88 -20.56 12.83
CA ARG B 31 -18.19 -21.11 13.99
C ARG B 31 -19.03 -22.12 14.76
N LEU B 32 -19.95 -22.77 14.05
CA LEU B 32 -20.78 -23.80 14.65
C LEU B 32 -19.96 -25.04 14.99
N GLN B 33 -20.12 -25.55 16.22
CA GLN B 33 -19.42 -26.75 16.64
C GLN B 33 -20.26 -28.00 16.46
N GLU B 34 -21.51 -27.81 16.05
CA GLU B 34 -22.44 -28.91 15.82
C GLU B 34 -23.41 -28.50 14.73
N VAL B 35 -24.03 -29.49 14.08
CA VAL B 35 -25.16 -29.23 13.21
C VAL B 35 -26.23 -28.54 14.03
N PRO B 36 -26.79 -27.45 13.51
CA PRO B 36 -27.87 -26.76 14.22
C PRO B 36 -29.12 -27.61 14.37
N GLN B 37 -29.67 -27.66 15.58
CA GLN B 37 -30.98 -28.25 15.82
C GLN B 37 -31.99 -27.11 15.76
N THR B 38 -31.45 -25.91 15.57
CA THR B 38 -32.20 -24.66 15.58
C THR B 38 -32.69 -24.27 14.18
N VAL B 39 -32.49 -25.18 13.23
CA VAL B 39 -32.86 -24.95 11.83
C VAL B 39 -34.36 -24.74 11.67
N GLY B 40 -34.77 -24.08 10.59
CA GLY B 40 -36.17 -23.81 10.32
C GLY B 40 -36.95 -25.05 9.92
N LYS B 41 -38.22 -24.84 9.55
CA LYS B 41 -39.14 -25.93 9.19
C LYS B 41 -39.10 -26.25 7.70
N TYR B 42 -39.43 -25.25 6.88
CA TYR B 42 -39.47 -25.44 5.43
C TYR B 42 -38.13 -25.21 4.75
N VAL B 43 -37.07 -25.09 5.55
CA VAL B 43 -35.71 -25.03 5.02
C VAL B 43 -35.46 -26.19 4.04
N THR B 44 -34.87 -25.87 2.90
CA THR B 44 -34.62 -26.86 1.87
C THR B 44 -33.14 -26.92 1.49
N GLU B 45 -32.61 -25.83 0.92
CA GLU B 45 -31.17 -25.70 0.72
C GLU B 45 -30.52 -25.33 2.03
N LEU B 46 -29.43 -26.01 2.36
CA LEU B 46 -28.81 -25.84 3.66
C LEU B 46 -27.31 -25.83 3.52
N ASP B 47 -26.65 -24.75 3.93
CA ASP B 47 -25.20 -24.62 3.77
C ASP B 47 -24.49 -24.54 5.11
N LEU B 48 -23.84 -25.62 5.54
CA LEU B 48 -23.10 -25.66 6.80
C LEU B 48 -21.63 -25.40 6.64
N SER B 49 -21.22 -25.07 5.42
CA SER B 49 -19.80 -24.97 5.08
C SER B 49 -19.01 -24.06 6.01
N ASP B 50 -17.72 -24.38 6.15
CA ASP B 50 -16.76 -23.53 6.85
C ASP B 50 -16.90 -23.54 8.36
N ASN B 51 -17.90 -24.25 8.87
CA ASN B 51 -18.08 -24.39 10.31
C ASN B 51 -17.08 -25.37 10.94
N PHE B 52 -17.20 -25.54 12.25
CA PHE B 52 -16.27 -26.35 13.05
C PHE B 52 -16.72 -27.78 13.32
N ILE B 53 -17.81 -28.21 12.69
CA ILE B 53 -18.36 -29.53 12.96
C ILE B 53 -17.36 -30.67 12.78
N THR B 54 -17.12 -31.41 13.85
CA THR B 54 -16.20 -32.54 13.84
C THR B 54 -16.88 -33.92 13.78
N HIS B 55 -18.21 -33.93 13.84
CA HIS B 55 -18.97 -35.17 13.92
C HIS B 55 -20.29 -35.08 13.15
N ILE B 56 -20.72 -36.19 12.58
CA ILE B 56 -21.95 -36.25 11.82
C ILE B 56 -22.62 -37.58 12.15
N THR B 57 -23.95 -37.62 12.20
CA THR B 57 -24.67 -38.86 12.49
C THR B 57 -26.14 -38.82 12.04
N ASN B 58 -26.87 -39.86 12.41
CA ASN B 58 -28.30 -39.93 12.19
C ASN B 58 -29.02 -38.96 13.13
N GLU B 59 -28.38 -38.69 14.26
CA GLU B 59 -28.91 -37.78 15.27
C GLU B 59 -28.70 -36.33 14.89
N SER B 60 -27.51 -36.00 14.41
CA SER B 60 -27.12 -34.62 14.13
C SER B 60 -28.04 -33.92 13.14
N PHE B 61 -28.51 -34.68 12.15
CA PHE B 61 -29.46 -34.14 11.18
C PHE B 61 -30.91 -34.45 11.52
N GLN B 62 -31.14 -35.04 12.69
CA GLN B 62 -32.50 -35.36 13.19
C GLN B 62 -33.34 -36.08 12.13
N GLY B 63 -34.41 -35.46 11.68
CA GLY B 63 -34.86 -35.70 10.33
C GLY B 63 -35.60 -34.48 9.82
N LEU B 64 -35.45 -34.20 8.53
CA LEU B 64 -36.15 -33.05 7.99
C LEU B 64 -36.76 -33.18 6.59
N GLN B 65 -38.09 -33.22 6.54
CA GLN B 65 -38.87 -32.54 5.50
C GLN B 65 -38.25 -32.51 4.09
N ASN B 66 -38.07 -31.29 3.60
CA ASN B 66 -37.76 -31.02 2.20
C ASN B 66 -36.31 -30.82 1.76
N LEU B 67 -35.30 -31.06 2.60
CA LEU B 67 -33.94 -30.65 2.23
C LEU B 67 -33.53 -31.24 0.87
N THR B 68 -33.29 -30.36 -0.09
CA THR B 68 -32.91 -30.78 -1.43
C THR B 68 -31.40 -30.64 -1.65
N LYS B 69 -30.74 -29.99 -0.69
CA LYS B 69 -29.30 -29.75 -0.78
C LYS B 69 -28.67 -29.58 0.60
N ILE B 70 -27.45 -30.05 0.75
CA ILE B 70 -26.65 -29.82 1.95
C ILE B 70 -25.24 -29.53 1.49
N ASN B 71 -24.63 -28.49 2.04
CA ASN B 71 -23.23 -28.19 1.80
C ASN B 71 -22.45 -28.38 3.10
N LEU B 72 -21.69 -29.47 3.18
CA LEU B 72 -20.84 -29.75 4.34
C LEU B 72 -19.38 -29.32 4.18
N ASN B 73 -19.07 -28.58 3.12
CA ASN B 73 -17.67 -28.26 2.77
C ASN B 73 -16.84 -27.64 3.90
N HIS B 74 -15.57 -28.05 3.95
CA HIS B 74 -14.60 -27.62 4.96
C HIS B 74 -15.15 -27.60 6.38
N ASN B 75 -15.81 -28.68 6.76
CA ASN B 75 -16.18 -28.91 8.15
C ASN B 75 -15.33 -30.05 8.69
N PRO B 76 -14.43 -29.74 9.64
CA PRO B 76 -14.15 -28.45 10.27
C PRO B 76 -13.17 -27.62 9.45
N ASN B 77 -12.76 -26.47 10.00
CA ASN B 77 -11.88 -25.55 9.29
C ASN B 77 -10.45 -25.66 9.78
N VAL B 78 -9.59 -26.26 8.96
CA VAL B 78 -8.17 -26.44 9.28
C VAL B 78 -7.95 -26.97 10.70
N GLY B 91 -9.92 -34.87 10.88
CA GLY B 91 -10.94 -34.14 10.14
C GLY B 91 -12.35 -34.48 10.58
N LEU B 92 -13.23 -34.70 9.62
CA LEU B 92 -14.63 -34.98 9.91
C LEU B 92 -14.89 -36.46 10.10
N ASN B 93 -15.67 -36.81 11.12
CA ASN B 93 -16.15 -38.18 11.28
C ASN B 93 -17.63 -38.30 10.95
N ILE B 94 -17.93 -38.94 9.82
CA ILE B 94 -19.29 -39.35 9.50
C ILE B 94 -19.44 -40.87 9.67
N THR B 95 -20.24 -41.28 10.65
CA THR B 95 -20.49 -42.69 10.91
C THR B 95 -21.22 -43.30 9.72
N ASP B 96 -21.05 -44.60 9.51
CA ASP B 96 -21.74 -45.30 8.43
C ASP B 96 -23.24 -45.05 8.52
N GLY B 97 -23.82 -44.57 7.43
CA GLY B 97 -25.26 -44.35 7.34
C GLY B 97 -25.83 -43.13 8.04
N ALA B 98 -25.13 -42.00 7.95
CA ALA B 98 -25.59 -40.76 8.58
C ALA B 98 -26.72 -40.06 7.81
N PHE B 99 -26.55 -39.94 6.49
CA PHE B 99 -27.52 -39.23 5.64
C PHE B 99 -28.67 -40.15 5.23
N LEU B 100 -28.63 -41.36 5.78
CA LEU B 100 -29.42 -42.49 5.31
C LEU B 100 -30.92 -42.27 5.06
N ASN B 101 -31.66 -41.76 6.04
CA ASN B 101 -33.07 -41.62 5.78
C ASN B 101 -33.32 -40.17 5.43
N LEU B 102 -33.38 -39.92 4.13
CA LEU B 102 -33.60 -38.61 3.58
C LEU B 102 -34.59 -38.72 2.43
N LYS B 103 -34.13 -39.38 1.37
CA LYS B 103 -34.90 -39.66 0.15
C LYS B 103 -35.23 -38.41 -0.66
N ASN B 104 -35.06 -37.26 -0.01
CA ASN B 104 -35.17 -35.97 -0.64
C ASN B 104 -33.81 -35.42 -1.06
N LEU B 105 -32.73 -36.08 -0.65
CA LEU B 105 -31.44 -35.40 -0.77
C LEU B 105 -30.98 -35.60 -2.20
N ARG B 106 -31.00 -34.49 -2.94
CA ARG B 106 -30.57 -34.41 -4.34
C ARG B 106 -29.07 -34.11 -4.54
N GLU B 107 -28.54 -33.18 -3.74
CA GLU B 107 -27.18 -32.70 -3.91
C GLU B 107 -26.45 -32.63 -2.56
N LEU B 108 -25.23 -33.16 -2.53
CA LEU B 108 -24.48 -33.22 -1.28
C LEU B 108 -23.00 -32.85 -1.49
N LEU B 109 -22.54 -31.80 -0.83
CA LEU B 109 -21.17 -31.33 -1.07
C LEU B 109 -20.24 -31.57 0.13
N LEU B 110 -19.36 -32.56 0.00
CA LEU B 110 -18.42 -32.94 1.06
C LEU B 110 -16.96 -32.46 0.95
N GLU B 111 -16.70 -31.53 0.04
CA GLU B 111 -15.33 -31.09 -0.23
C GLU B 111 -14.52 -30.70 1.01
N ASP B 112 -13.24 -31.06 1.00
CA ASP B 112 -12.23 -30.54 1.93
C ASP B 112 -12.43 -30.95 3.39
N ASN B 113 -13.05 -32.10 3.60
CA ASN B 113 -13.28 -32.63 4.94
C ASN B 113 -12.29 -33.71 5.40
N GLN B 114 -11.27 -33.93 4.58
CA GLN B 114 -10.22 -34.93 4.87
C GLN B 114 -10.77 -36.35 4.99
N LEU B 115 -11.58 -36.75 4.04
CA LEU B 115 -12.22 -38.07 4.04
C LEU B 115 -11.27 -39.17 3.59
N PRO B 116 -11.01 -40.15 4.47
CA PRO B 116 -10.17 -41.30 4.15
C PRO B 116 -10.88 -42.23 3.17
N GLN B 117 -12.19 -42.16 3.14
CA GLN B 117 -13.00 -43.03 2.30
C GLN B 117 -14.29 -42.32 1.90
N ILE B 118 -14.92 -42.78 0.83
CA ILE B 118 -16.29 -42.42 0.51
C ILE B 118 -17.11 -42.93 1.68
N PRO B 119 -17.98 -42.09 2.26
CA PRO B 119 -18.84 -42.54 3.36
C PRO B 119 -19.69 -43.73 2.94
N SER B 120 -19.66 -44.79 3.76
CA SER B 120 -20.51 -45.96 3.54
C SER B 120 -21.95 -45.51 3.73
N GLY B 121 -22.88 -46.15 3.04
CA GLY B 121 -24.28 -45.83 3.25
C GLY B 121 -24.69 -44.44 2.83
N LEU B 122 -24.56 -44.13 1.54
CA LEU B 122 -25.09 -42.88 1.05
C LEU B 122 -26.58 -43.05 0.66
N PRO B 123 -27.37 -41.95 0.60
CA PRO B 123 -28.74 -42.17 0.13
C PRO B 123 -28.83 -42.53 -1.35
N GLU B 124 -29.90 -43.22 -1.74
CA GLU B 124 -30.14 -43.56 -3.15
C GLU B 124 -30.66 -42.37 -3.98
N SER B 125 -31.10 -41.33 -3.28
CA SER B 125 -31.67 -40.14 -3.92
C SER B 125 -30.68 -39.23 -4.68
N LEU B 126 -29.41 -39.24 -4.28
CA LEU B 126 -28.42 -38.27 -4.77
C LEU B 126 -28.27 -38.20 -6.29
N THR B 127 -28.45 -37.01 -6.87
CA THR B 127 -28.04 -36.78 -8.25
C THR B 127 -26.73 -35.99 -8.33
N GLU B 128 -26.25 -35.47 -7.21
CA GLU B 128 -25.01 -34.71 -7.20
C GLU B 128 -24.19 -34.98 -5.96
N LEU B 129 -22.92 -35.34 -6.16
CA LEU B 129 -22.04 -35.66 -5.05
C LEU B 129 -20.66 -35.10 -5.35
N SER B 130 -20.12 -34.29 -4.43
CA SER B 130 -18.76 -33.78 -4.61
C SER B 130 -17.83 -34.18 -3.47
N LEU B 131 -16.88 -35.03 -3.79
CA LEU B 131 -15.86 -35.49 -2.83
C LEU B 131 -14.52 -34.79 -2.96
N ILE B 132 -14.52 -33.72 -3.76
CA ILE B 132 -13.32 -32.96 -4.10
C ILE B 132 -12.45 -32.60 -2.89
N GLN B 133 -11.13 -32.72 -3.08
CA GLN B 133 -10.13 -32.31 -2.08
C GLN B 133 -10.19 -33.11 -0.80
N ASN B 134 -10.33 -34.42 -0.95
CA ASN B 134 -10.32 -35.36 0.15
C ASN B 134 -9.14 -36.34 0.07
N ASN B 135 -9.13 -37.29 0.99
CA ASN B 135 -8.11 -38.33 1.05
C ASN B 135 -8.51 -39.65 0.38
N ILE B 136 -9.58 -39.64 -0.41
CA ILE B 136 -10.14 -40.89 -0.92
C ILE B 136 -9.28 -41.49 -2.04
N TYR B 137 -8.65 -42.62 -1.72
CA TYR B 137 -7.77 -43.32 -2.64
C TYR B 137 -8.39 -44.58 -3.25
N ASN B 138 -9.60 -44.90 -2.82
CA ASN B 138 -10.27 -46.11 -3.23
C ASN B 138 -11.72 -45.80 -3.62
N ILE B 139 -12.06 -45.97 -4.90
CA ILE B 139 -13.42 -45.77 -5.35
C ILE B 139 -14.05 -47.15 -5.59
N THR B 140 -14.98 -47.52 -4.73
CA THR B 140 -15.43 -48.90 -4.63
C THR B 140 -16.92 -49.03 -4.87
N LYS B 141 -17.36 -50.26 -5.18
CA LYS B 141 -18.76 -50.54 -5.41
C LYS B 141 -19.60 -50.29 -4.15
N GLU B 142 -19.03 -50.56 -2.98
CA GLU B 142 -19.76 -50.41 -1.74
C GLU B 142 -20.03 -48.94 -1.39
N GLY B 143 -19.34 -48.03 -2.07
CA GLY B 143 -19.59 -46.61 -1.86
C GLY B 143 -20.40 -45.92 -2.94
N ILE B 144 -20.52 -46.55 -4.10
CA ILE B 144 -20.99 -45.86 -5.32
C ILE B 144 -22.13 -46.55 -6.05
N SER B 145 -21.94 -47.82 -6.42
CA SER B 145 -22.80 -48.51 -7.37
C SER B 145 -24.31 -48.49 -7.08
N ARG B 146 -24.71 -48.21 -5.84
CA ARG B 146 -26.13 -48.11 -5.50
C ARG B 146 -26.69 -46.71 -5.76
N LEU B 147 -25.85 -45.83 -6.27
CA LEU B 147 -26.14 -44.41 -6.45
C LEU B 147 -26.85 -44.09 -7.76
N ILE B 148 -27.53 -45.10 -8.33
CA ILE B 148 -28.00 -45.13 -9.70
C ILE B 148 -28.54 -43.79 -10.22
N ASN B 149 -29.10 -42.97 -9.34
CA ASN B 149 -29.63 -41.68 -9.76
C ASN B 149 -28.60 -40.59 -10.04
N LEU B 150 -27.31 -40.87 -9.81
CA LEU B 150 -26.27 -39.85 -9.93
C LEU B 150 -26.18 -39.18 -11.30
N LYS B 151 -26.08 -37.85 -11.28
CA LYS B 151 -25.91 -37.04 -12.48
C LYS B 151 -24.46 -36.58 -12.57
N ASN B 152 -24.05 -35.83 -11.56
CA ASN B 152 -22.70 -35.26 -11.51
C ASN B 152 -21.92 -35.82 -10.33
N LEU B 153 -20.70 -36.28 -10.59
CA LEU B 153 -19.87 -36.85 -9.53
C LEU B 153 -18.45 -36.29 -9.63
N TYR B 154 -18.02 -35.60 -8.57
CA TYR B 154 -16.72 -34.94 -8.55
C TYR B 154 -15.81 -35.62 -7.55
N LEU B 155 -14.82 -36.34 -8.05
CA LEU B 155 -13.77 -36.94 -7.23
C LEU B 155 -12.42 -36.23 -7.28
N ALA B 156 -12.36 -35.10 -7.98
CA ALA B 156 -11.11 -34.40 -8.26
C ALA B 156 -10.28 -33.99 -7.04
N TRP B 157 -8.96 -33.90 -7.25
CA TRP B 157 -8.02 -33.33 -6.28
C TRP B 157 -7.84 -34.10 -4.96
N ASN B 158 -7.95 -35.42 -5.03
CA ASN B 158 -7.61 -36.25 -3.87
C ASN B 158 -6.13 -36.61 -3.71
N CYS B 159 -5.45 -36.91 -4.82
CA CYS B 159 -4.02 -37.22 -4.77
C CYS B 159 -3.28 -36.49 -5.88
N TYR B 160 -2.37 -35.59 -5.50
CA TYR B 160 -1.74 -34.68 -6.47
C TYR B 160 -0.46 -34.07 -5.92
N PHE B 161 0.35 -33.51 -6.81
CA PHE B 161 1.57 -32.79 -6.45
C PHE B 161 2.47 -33.58 -5.49
N ASN B 162 3.00 -32.88 -4.49
CA ASN B 162 3.81 -33.52 -3.47
C ASN B 162 3.03 -34.02 -2.26
N LYS B 163 1.70 -33.92 -2.31
CA LYS B 163 0.86 -34.45 -1.24
C LYS B 163 1.19 -35.91 -1.02
N VAL B 164 1.45 -36.29 0.23
CA VAL B 164 1.63 -37.69 0.52
C VAL B 164 0.29 -38.36 0.34
N CYS B 165 0.25 -39.34 -0.57
CA CYS B 165 -0.98 -40.05 -0.91
C CYS B 165 -0.68 -41.29 -1.75
N GLU B 166 -1.72 -42.04 -2.07
CA GLU B 166 -1.55 -43.32 -2.75
C GLU B 166 -2.32 -43.33 -4.07
N LYS B 167 -1.82 -44.12 -5.01
CA LYS B 167 -2.41 -44.26 -6.33
C LYS B 167 -3.88 -44.66 -6.23
N THR B 168 -4.71 -44.10 -7.10
CA THR B 168 -6.14 -44.26 -6.98
C THR B 168 -6.62 -45.55 -7.62
N ASN B 169 -7.24 -46.40 -6.81
CA ASN B 169 -7.79 -47.64 -7.31
C ASN B 169 -9.29 -47.55 -7.58
N ILE B 170 -9.66 -47.70 -8.84
CA ILE B 170 -11.04 -47.70 -9.28
C ILE B 170 -11.52 -49.12 -9.48
N GLU B 171 -12.43 -49.57 -8.63
CA GLU B 171 -12.97 -50.92 -8.79
C GLU B 171 -13.64 -51.08 -10.14
N ASP B 172 -13.46 -52.27 -10.73
CA ASP B 172 -13.96 -52.57 -12.06
C ASP B 172 -15.49 -52.55 -12.10
N GLY B 173 -16.03 -51.73 -13.01
CA GLY B 173 -17.47 -51.57 -13.12
C GLY B 173 -18.15 -50.75 -12.03
N VAL B 174 -17.38 -49.94 -11.30
CA VAL B 174 -17.96 -49.11 -10.25
C VAL B 174 -18.93 -48.08 -10.85
N PHE B 175 -18.53 -47.45 -11.95
CA PHE B 175 -19.34 -46.43 -12.62
C PHE B 175 -20.37 -47.05 -13.57
N GLU B 176 -20.19 -48.34 -13.83
CA GLU B 176 -20.99 -49.10 -14.77
C GLU B 176 -22.47 -49.13 -14.40
N THR B 177 -22.73 -49.07 -13.11
CA THR B 177 -24.09 -49.17 -12.60
C THR B 177 -24.87 -47.88 -12.75
N LEU B 178 -24.18 -46.77 -12.95
CA LEU B 178 -24.88 -45.50 -13.01
C LEU B 178 -25.20 -45.21 -14.47
N THR B 179 -26.47 -45.37 -14.84
CA THR B 179 -26.88 -45.24 -16.24
C THR B 179 -27.44 -43.86 -16.53
N ASN B 180 -27.56 -43.04 -15.48
CA ASN B 180 -27.89 -41.63 -15.64
C ASN B 180 -26.70 -40.67 -15.53
N LEU B 181 -25.49 -41.21 -15.37
CA LEU B 181 -24.32 -40.39 -15.13
C LEU B 181 -23.94 -39.52 -16.33
N GLU B 182 -23.84 -38.21 -16.09
CA GLU B 182 -23.60 -37.21 -17.13
C GLU B 182 -22.19 -36.62 -17.05
N LEU B 183 -21.86 -36.02 -15.92
CA LEU B 183 -20.53 -35.48 -15.67
C LEU B 183 -19.78 -36.35 -14.68
N LEU B 184 -18.52 -36.63 -15.00
CA LEU B 184 -17.63 -37.34 -14.10
C LEU B 184 -16.27 -36.65 -14.05
N SER B 185 -15.82 -36.26 -12.86
CA SER B 185 -14.52 -35.59 -12.74
C SER B 185 -13.56 -36.35 -11.84
N LEU B 186 -12.55 -36.94 -12.47
CA LEU B 186 -11.47 -37.65 -11.78
C LEU B 186 -10.13 -36.90 -11.71
N SER B 187 -10.10 -35.65 -12.15
CA SER B 187 -8.85 -34.90 -12.31
C SER B 187 -8.03 -34.75 -11.04
N PHE B 188 -6.71 -34.58 -11.20
CA PHE B 188 -5.78 -34.42 -10.09
C PHE B 188 -5.86 -35.61 -9.13
N ASN B 189 -5.75 -36.79 -9.71
CA ASN B 189 -5.69 -38.06 -9.01
C ASN B 189 -4.77 -38.96 -9.80
N SER B 190 -4.14 -39.93 -9.16
CA SER B 190 -3.25 -40.81 -9.90
C SER B 190 -4.00 -42.04 -10.40
N LEU B 191 -4.23 -42.07 -11.71
CA LEU B 191 -5.06 -43.09 -12.38
C LEU B 191 -4.23 -44.07 -13.19
N SER B 192 -3.44 -43.53 -14.12
CA SER B 192 -2.57 -44.22 -15.08
C SER B 192 -3.30 -44.77 -16.30
N HIS B 193 -4.61 -44.94 -16.20
CA HIS B 193 -5.40 -45.44 -17.31
C HIS B 193 -6.80 -44.90 -17.21
N VAL B 194 -7.43 -44.65 -18.34
CA VAL B 194 -8.85 -44.34 -18.37
C VAL B 194 -9.57 -45.53 -17.77
N PRO B 195 -10.36 -45.30 -16.71
CA PRO B 195 -11.12 -46.43 -16.14
C PRO B 195 -12.04 -47.05 -17.19
N PRO B 196 -12.10 -48.39 -17.21
CA PRO B 196 -13.00 -49.01 -18.19
C PRO B 196 -14.43 -49.07 -17.68
N LYS B 197 -15.33 -49.53 -18.54
CA LYS B 197 -16.73 -49.70 -18.20
C LYS B 197 -17.38 -48.42 -17.69
N LEU B 198 -17.22 -47.36 -18.46
CA LEU B 198 -17.87 -46.09 -18.19
C LEU B 198 -19.23 -46.01 -18.91
N PRO B 199 -20.27 -45.57 -18.18
CA PRO B 199 -21.62 -45.46 -18.71
C PRO B 199 -21.71 -44.55 -19.94
N SER B 200 -22.54 -44.92 -20.90
CA SER B 200 -22.58 -44.22 -22.18
C SER B 200 -23.44 -42.97 -22.12
N SER B 201 -24.00 -42.71 -20.94
CA SER B 201 -24.80 -41.51 -20.73
C SER B 201 -23.93 -40.28 -20.51
N LEU B 202 -22.62 -40.48 -20.40
CA LEU B 202 -21.68 -39.40 -20.09
C LEU B 202 -21.71 -38.25 -21.09
N ARG B 203 -21.71 -37.04 -20.53
CA ARG B 203 -21.65 -35.80 -21.29
C ARG B 203 -20.25 -35.23 -21.22
N LYS B 204 -19.77 -35.07 -19.99
CA LYS B 204 -18.49 -34.44 -19.73
C LYS B 204 -17.63 -35.38 -18.90
N LEU B 205 -16.37 -35.55 -19.31
CA LEU B 205 -15.46 -36.43 -18.60
C LEU B 205 -14.16 -35.70 -18.32
N PHE B 206 -13.84 -35.50 -17.04
CA PHE B 206 -12.62 -34.77 -16.68
C PHE B 206 -11.52 -35.73 -16.19
N LEU B 207 -10.51 -35.91 -17.05
CA LEU B 207 -9.32 -36.71 -16.75
C LEU B 207 -8.00 -35.93 -16.51
N SER B 208 -8.10 -34.62 -16.33
CA SER B 208 -6.91 -33.76 -16.22
C SER B 208 -5.92 -34.23 -15.16
N ASN B 209 -4.62 -34.09 -15.45
CA ASN B 209 -3.55 -34.36 -14.49
C ASN B 209 -3.69 -35.72 -13.78
N THR B 210 -3.95 -36.76 -14.57
CA THR B 210 -4.14 -38.10 -14.05
C THR B 210 -3.03 -39.12 -14.24
N GLN B 211 -1.91 -38.69 -14.83
CA GLN B 211 -0.77 -39.56 -15.13
C GLN B 211 -1.14 -40.67 -16.10
N ILE B 212 -1.98 -40.36 -17.07
CA ILE B 212 -2.34 -41.29 -18.13
C ILE B 212 -1.45 -41.04 -19.34
N LYS B 213 -0.61 -42.02 -19.66
CA LYS B 213 0.35 -41.90 -20.78
C LYS B 213 -0.31 -42.20 -22.10
N TYR B 214 -1.22 -43.16 -22.11
CA TYR B 214 -1.70 -43.71 -23.36
C TYR B 214 -3.22 -43.70 -23.41
N ILE B 215 -3.75 -43.21 -24.53
CA ILE B 215 -5.17 -43.28 -24.82
C ILE B 215 -5.41 -44.25 -25.98
N SER B 216 -6.12 -45.34 -25.73
CA SER B 216 -6.36 -46.33 -26.77
C SER B 216 -7.67 -46.10 -27.51
N GLU B 217 -7.88 -46.92 -28.53
CA GLU B 217 -9.10 -46.88 -29.32
C GLU B 217 -10.33 -47.31 -28.49
N GLU B 218 -10.11 -48.11 -27.45
CA GLU B 218 -11.19 -48.61 -26.61
C GLU B 218 -11.57 -47.75 -25.38
N ASP B 219 -10.71 -46.79 -25.03
CA ASP B 219 -10.90 -46.02 -23.81
C ASP B 219 -12.21 -45.22 -23.83
N PHE B 220 -12.39 -44.43 -24.88
CA PHE B 220 -13.58 -43.62 -25.07
C PHE B 220 -14.62 -44.20 -26.04
N LYS B 221 -14.35 -45.40 -26.55
CA LYS B 221 -15.10 -45.97 -27.66
C LYS B 221 -16.63 -45.87 -27.57
N GLY B 222 -17.20 -46.23 -26.42
CA GLY B 222 -18.65 -46.32 -26.29
C GLY B 222 -19.40 -45.08 -25.84
N LEU B 223 -18.74 -43.92 -25.80
CA LEU B 223 -19.48 -42.75 -25.33
C LEU B 223 -19.85 -41.87 -26.51
N ILE B 224 -21.10 -41.99 -26.97
CA ILE B 224 -21.50 -41.26 -28.15
C ILE B 224 -22.21 -39.97 -27.78
N ASN B 225 -22.46 -39.79 -26.49
CA ASN B 225 -23.03 -38.54 -26.02
C ASN B 225 -22.03 -37.53 -25.45
N LEU B 226 -20.73 -37.86 -25.48
CA LEU B 226 -19.72 -36.97 -24.92
C LEU B 226 -19.68 -35.62 -25.61
N THR B 227 -19.87 -34.54 -24.85
CA THR B 227 -19.60 -33.20 -25.35
C THR B 227 -18.32 -32.57 -24.82
N LEU B 228 -17.78 -33.11 -23.74
CA LEU B 228 -16.53 -32.58 -23.19
C LEU B 228 -15.58 -33.70 -22.77
N LEU B 229 -14.32 -33.54 -23.11
CA LEU B 229 -13.28 -34.47 -22.65
C LEU B 229 -12.07 -33.66 -22.23
N ASP B 230 -11.65 -33.82 -20.99
CA ASP B 230 -10.46 -33.12 -20.51
C ASP B 230 -9.34 -34.12 -20.20
N LEU B 231 -8.35 -34.16 -21.08
CA LEU B 231 -7.11 -34.94 -20.93
C LEU B 231 -5.88 -34.12 -20.54
N SER B 232 -6.09 -32.83 -20.26
CA SER B 232 -5.00 -31.90 -20.01
C SER B 232 -4.09 -32.34 -18.87
N GLY B 233 -2.82 -31.95 -18.94
CA GLY B 233 -1.86 -32.24 -17.89
C GLY B 233 -1.36 -33.68 -17.82
N ASN B 234 -1.73 -34.50 -18.79
CA ASN B 234 -1.17 -35.84 -18.85
C ASN B 234 0.06 -35.82 -19.76
N CYS B 235 1.21 -36.25 -19.21
CA CYS B 235 2.54 -35.95 -19.79
C CYS B 235 2.75 -34.43 -19.90
N PRO B 236 2.84 -33.74 -18.76
CA PRO B 236 2.88 -32.27 -18.80
C PRO B 236 4.20 -31.73 -19.33
N ARG B 237 4.17 -30.48 -19.81
CA ARG B 237 5.40 -29.77 -20.14
C ARG B 237 5.77 -29.03 -18.87
N CYS B 238 6.83 -29.50 -18.22
CA CYS B 238 7.13 -29.06 -16.85
C CYS B 238 8.07 -27.87 -16.73
N PHE B 239 8.75 -27.48 -17.82
CA PHE B 239 9.70 -26.38 -17.72
C PHE B 239 9.01 -25.13 -17.18
N ASN B 240 9.61 -24.54 -16.14
CA ASN B 240 9.08 -23.35 -15.49
C ASN B 240 7.68 -23.52 -14.90
N ALA B 241 7.40 -24.68 -14.32
CA ALA B 241 6.10 -24.95 -13.71
C ALA B 241 5.89 -24.17 -12.41
N PRO B 242 4.71 -23.53 -12.25
CA PRO B 242 4.43 -22.93 -10.94
C PRO B 242 3.73 -23.92 -10.00
N PHE B 243 4.23 -25.15 -9.96
CA PHE B 243 3.65 -26.22 -9.17
C PHE B 243 4.53 -27.44 -9.40
N PRO B 244 4.55 -28.38 -8.44
CA PRO B 244 5.30 -29.63 -8.66
C PRO B 244 4.80 -30.34 -9.92
N CYS B 245 5.72 -30.66 -10.82
CA CYS B 245 5.37 -31.18 -12.14
C CYS B 245 6.24 -32.37 -12.49
N VAL B 246 5.60 -33.50 -12.77
CA VAL B 246 6.32 -34.72 -13.13
C VAL B 246 6.05 -35.07 -14.59
N PRO B 247 7.06 -34.91 -15.44
CA PRO B 247 6.95 -35.24 -16.86
C PRO B 247 6.92 -36.74 -17.13
N CYS B 248 6.42 -37.14 -18.29
CA CYS B 248 6.53 -38.51 -18.75
C CYS B 248 8.00 -38.77 -19.05
N ASP B 249 8.38 -40.04 -19.15
CA ASP B 249 9.77 -40.40 -19.40
C ASP B 249 10.31 -39.67 -20.62
N GLY B 250 11.42 -38.97 -20.44
CA GLY B 250 12.06 -38.25 -21.52
C GLY B 250 11.34 -36.96 -21.90
N GLY B 251 10.28 -36.63 -21.18
CA GLY B 251 9.49 -35.46 -21.52
C GLY B 251 8.59 -35.76 -22.71
N ALA B 252 8.31 -37.04 -22.92
CA ALA B 252 7.51 -37.51 -24.04
C ALA B 252 6.08 -36.95 -24.10
N SER B 253 5.59 -36.87 -25.33
CA SER B 253 4.22 -36.49 -25.64
C SER B 253 3.26 -37.52 -25.07
N ILE B 254 2.02 -37.11 -24.85
CA ILE B 254 0.96 -38.07 -24.56
C ILE B 254 0.83 -38.90 -25.83
N ASN B 255 0.40 -40.15 -25.70
CA ASN B 255 0.21 -40.98 -26.89
C ASN B 255 -1.26 -41.30 -27.10
N ILE B 256 -1.84 -40.66 -28.11
CA ILE B 256 -3.25 -40.83 -28.44
C ILE B 256 -3.39 -41.55 -29.78
N ASP B 257 -3.91 -42.77 -29.74
CA ASP B 257 -4.17 -43.55 -30.95
C ASP B 257 -5.07 -42.80 -31.92
N ARG B 258 -4.80 -42.91 -33.21
CA ARG B 258 -5.52 -42.10 -34.18
C ARG B 258 -7.02 -42.40 -34.26
N PHE B 259 -7.44 -43.55 -33.74
CA PHE B 259 -8.87 -43.87 -33.69
C PHE B 259 -9.54 -43.56 -32.34
N ALA B 260 -8.76 -43.05 -31.37
CA ALA B 260 -9.25 -42.78 -30.01
C ALA B 260 -10.56 -42.00 -29.93
N PHE B 261 -10.70 -41.00 -30.79
CA PHE B 261 -11.83 -40.07 -30.78
C PHE B 261 -12.95 -40.39 -31.79
N GLN B 262 -12.84 -41.54 -32.47
CA GLN B 262 -13.69 -41.89 -33.61
C GLN B 262 -15.21 -41.88 -33.40
N ASN B 263 -15.67 -42.34 -32.25
CA ASN B 263 -17.10 -42.38 -31.91
C ASN B 263 -17.56 -41.16 -31.10
N LEU B 264 -16.67 -40.19 -31.01
CA LEU B 264 -16.83 -38.97 -30.22
C LEU B 264 -17.59 -37.85 -30.95
N THR B 265 -18.44 -38.24 -31.91
CA THR B 265 -19.16 -37.31 -32.77
C THR B 265 -19.85 -36.13 -32.09
N GLN B 266 -20.23 -36.24 -30.82
CA GLN B 266 -20.86 -35.09 -30.15
C GLN B 266 -19.87 -34.14 -29.44
N LEU B 267 -18.57 -34.38 -29.57
CA LEU B 267 -17.62 -33.56 -28.78
C LEU B 267 -17.62 -32.06 -29.15
N ARG B 268 -17.61 -31.21 -28.13
CA ARG B 268 -17.61 -29.76 -28.25
C ARG B 268 -16.35 -29.14 -27.63
N TYR B 269 -16.10 -29.51 -26.38
CA TYR B 269 -14.90 -29.08 -25.69
C TYR B 269 -13.85 -30.23 -25.64
N LEU B 270 -12.60 -29.89 -25.94
CA LEU B 270 -11.48 -30.84 -25.87
C LEU B 270 -10.27 -30.13 -25.28
N ASN B 271 -9.80 -30.60 -24.13
CA ASN B 271 -8.70 -29.88 -23.47
C ASN B 271 -7.47 -30.76 -23.51
N LEU B 272 -6.53 -30.40 -24.39
CA LEU B 272 -5.26 -31.06 -24.57
C LEU B 272 -4.07 -30.33 -23.94
N SER B 273 -4.36 -29.30 -23.15
CA SER B 273 -3.31 -28.49 -22.55
C SER B 273 -2.25 -29.31 -21.80
N SER B 274 -0.99 -28.93 -22.00
CA SER B 274 0.11 -29.52 -21.27
C SER B 274 0.13 -31.04 -21.39
N THR B 275 -0.02 -31.51 -22.62
CA THR B 275 0.17 -32.91 -22.96
C THR B 275 1.53 -33.17 -23.64
N SER B 276 2.36 -32.13 -23.73
CA SER B 276 3.67 -32.22 -24.38
C SER B 276 3.61 -32.60 -25.86
N LEU B 277 2.51 -32.24 -26.52
CA LEU B 277 2.30 -32.54 -27.94
C LEU B 277 3.25 -31.75 -28.86
N ARG B 278 4.02 -32.43 -29.72
CA ARG B 278 4.67 -31.71 -30.83
C ARG B 278 3.99 -31.88 -32.18
N LYS B 279 3.00 -32.76 -32.22
CA LYS B 279 2.35 -33.10 -33.47
C LYS B 279 0.90 -33.43 -33.21
N ILE B 280 0.02 -32.99 -34.10
CA ILE B 280 -1.39 -33.21 -33.90
C ILE B 280 -2.00 -33.93 -35.09
N ASN B 281 -2.54 -35.11 -34.82
CA ASN B 281 -3.06 -35.97 -35.87
C ASN B 281 -4.38 -35.42 -36.35
N ALA B 282 -4.44 -35.08 -37.63
CA ALA B 282 -5.63 -34.50 -38.21
C ALA B 282 -6.81 -35.47 -38.12
N ALA B 283 -6.51 -36.77 -38.16
CA ALA B 283 -7.56 -37.79 -38.10
C ALA B 283 -8.32 -37.83 -36.76
N TRP B 284 -7.79 -37.20 -35.73
CA TRP B 284 -8.49 -37.11 -34.45
C TRP B 284 -9.78 -36.34 -34.58
N PHE B 285 -9.78 -35.34 -35.46
CA PHE B 285 -10.92 -34.44 -35.62
C PHE B 285 -11.88 -34.81 -36.76
N LYS B 286 -11.62 -35.96 -37.39
CA LYS B 286 -12.36 -36.39 -38.57
C LYS B 286 -13.84 -36.65 -38.30
N ASN B 287 -14.12 -37.27 -37.16
CA ASN B 287 -15.49 -37.57 -36.72
C ASN B 287 -16.08 -36.54 -35.76
N MET B 288 -15.42 -35.40 -35.63
CA MET B 288 -15.76 -34.43 -34.61
C MET B 288 -16.19 -33.10 -35.24
N PRO B 289 -17.32 -33.11 -35.98
CA PRO B 289 -17.73 -31.92 -36.74
C PRO B 289 -18.25 -30.76 -35.89
N HIS B 290 -18.64 -31.03 -34.64
CA HIS B 290 -19.20 -29.98 -33.80
C HIS B 290 -18.16 -29.30 -32.92
N LEU B 291 -16.89 -29.64 -33.09
CA LEU B 291 -15.86 -29.12 -32.19
C LEU B 291 -15.89 -27.60 -32.12
N LYS B 292 -15.81 -27.09 -30.90
CA LYS B 292 -16.10 -25.68 -30.63
C LYS B 292 -14.92 -25.01 -29.94
N VAL B 293 -14.54 -25.55 -28.79
CA VAL B 293 -13.38 -25.04 -28.04
C VAL B 293 -12.26 -26.07 -28.00
N LEU B 294 -11.07 -25.68 -28.45
CA LEU B 294 -9.91 -26.55 -28.42
C LEU B 294 -8.78 -25.88 -27.64
N ASP B 295 -8.36 -26.53 -26.56
CA ASP B 295 -7.27 -26.03 -25.74
C ASP B 295 -5.98 -26.83 -25.97
N LEU B 296 -5.05 -26.19 -26.66
CA LEU B 296 -3.71 -26.69 -26.99
C LEU B 296 -2.52 -26.09 -26.20
N GLU B 297 -2.81 -25.37 -25.13
CA GLU B 297 -1.82 -24.65 -24.33
C GLU B 297 -0.70 -25.50 -23.75
N PHE B 298 0.46 -24.86 -23.56
CA PHE B 298 1.58 -25.46 -22.85
C PHE B 298 2.02 -26.79 -23.48
N ASN B 299 2.24 -26.75 -24.78
CA ASN B 299 2.71 -27.89 -25.56
C ASN B 299 3.95 -27.46 -26.34
N TYR B 300 4.42 -28.26 -27.28
CA TYR B 300 5.39 -27.68 -28.21
C TYR B 300 4.79 -27.72 -29.60
N LEU B 301 4.01 -26.69 -29.92
CA LEU B 301 3.22 -26.67 -31.14
C LEU B 301 3.68 -25.72 -32.25
N VAL B 302 4.81 -25.06 -32.03
CA VAL B 302 5.35 -24.10 -32.98
C VAL B 302 5.39 -24.65 -34.41
N GLY B 303 5.86 -25.89 -34.56
CA GLY B 303 5.84 -26.54 -35.85
C GLY B 303 4.42 -26.68 -36.38
N GLU B 304 3.56 -27.25 -35.55
CA GLU B 304 2.15 -27.42 -35.91
C GLU B 304 1.45 -26.10 -36.22
N ILE B 305 1.79 -25.05 -35.49
CA ILE B 305 1.20 -23.74 -35.75
C ILE B 305 1.62 -23.24 -37.13
N ALA B 306 2.86 -23.52 -37.50
CA ALA B 306 3.44 -23.16 -38.80
C ALA B 306 2.87 -23.93 -40.00
N SER B 307 2.53 -25.21 -39.82
CA SER B 307 2.08 -26.03 -40.94
C SER B 307 0.64 -26.50 -40.72
N GLY B 308 0.45 -27.38 -39.73
CA GLY B 308 -0.88 -27.58 -39.18
C GLY B 308 -1.99 -28.20 -40.01
N ALA B 309 -1.80 -29.44 -40.44
CA ALA B 309 -2.87 -30.16 -41.12
C ALA B 309 -4.22 -30.16 -40.34
N PHE B 310 -4.14 -30.19 -39.01
CA PHE B 310 -5.35 -30.35 -38.19
C PHE B 310 -6.33 -29.17 -38.32
N LEU B 311 -5.80 -28.02 -38.73
CA LEU B 311 -6.60 -26.82 -38.87
C LEU B 311 -7.65 -26.95 -39.96
N THR B 312 -7.43 -27.86 -40.90
CA THR B 312 -8.37 -28.05 -42.00
C THR B 312 -9.62 -28.78 -41.54
N MET B 313 -9.54 -29.43 -40.38
CA MET B 313 -10.61 -30.31 -39.90
C MET B 313 -11.59 -29.67 -38.90
N LEU B 314 -11.44 -28.38 -38.64
CA LEU B 314 -12.25 -27.72 -37.60
C LEU B 314 -13.09 -26.54 -38.11
N PRO B 315 -14.06 -26.81 -39.01
CA PRO B 315 -14.82 -25.72 -39.59
C PRO B 315 -15.78 -25.00 -38.63
N ARG B 316 -16.21 -25.67 -37.57
CA ARG B 316 -17.11 -25.03 -36.60
C ARG B 316 -16.43 -24.49 -35.35
N LEU B 317 -15.10 -24.58 -35.30
CA LEU B 317 -14.36 -24.24 -34.10
C LEU B 317 -14.45 -22.74 -33.80
N GLU B 318 -14.91 -22.42 -32.60
CA GLU B 318 -15.02 -21.04 -32.16
C GLU B 318 -13.84 -20.42 -31.41
N ILE B 319 -13.27 -21.20 -30.50
CA ILE B 319 -12.22 -20.74 -29.61
C ILE B 319 -11.01 -21.67 -29.74
N LEU B 320 -9.85 -21.12 -30.08
CA LEU B 320 -8.64 -21.91 -30.18
C LEU B 320 -7.57 -21.32 -29.26
N ASP B 321 -7.13 -22.09 -28.28
CA ASP B 321 -6.10 -21.61 -27.36
C ASP B 321 -4.80 -22.37 -27.59
N LEU B 322 -3.86 -21.67 -28.23
CA LEU B 322 -2.50 -22.12 -28.52
C LEU B 322 -1.41 -21.55 -27.60
N SER B 323 -1.83 -20.93 -26.50
CA SER B 323 -0.92 -20.23 -25.59
C SER B 323 0.25 -21.05 -25.01
N PHE B 324 1.39 -20.38 -24.83
CA PHE B 324 2.57 -20.95 -24.18
C PHE B 324 3.16 -22.18 -24.89
N ASN B 325 3.26 -22.08 -26.20
CA ASN B 325 3.95 -23.07 -27.00
C ASN B 325 5.40 -22.71 -27.36
N TYR B 326 5.91 -21.62 -26.78
CA TYR B 326 7.25 -21.11 -27.06
C TYR B 326 8.32 -22.17 -26.97
N ILE B 327 9.27 -22.11 -27.87
CA ILE B 327 10.46 -22.94 -27.75
C ILE B 327 11.34 -22.33 -26.68
N LYS B 328 11.74 -23.14 -25.71
CA LYS B 328 12.55 -22.67 -24.61
C LYS B 328 13.81 -21.96 -25.11
N GLY B 329 14.05 -20.75 -24.59
CA GLY B 329 15.20 -19.96 -24.96
C GLY B 329 15.21 -19.46 -26.39
N SER B 330 14.08 -19.55 -27.08
CA SER B 330 14.01 -19.05 -28.44
C SER B 330 13.24 -17.72 -28.53
N TYR B 331 13.73 -16.82 -29.38
CA TYR B 331 13.16 -15.49 -29.55
C TYR B 331 13.17 -15.10 -31.02
N PRO B 332 12.35 -15.78 -31.85
CA PRO B 332 12.36 -15.55 -33.31
C PRO B 332 11.87 -14.14 -33.68
N GLN B 333 12.33 -13.66 -34.83
CA GLN B 333 11.98 -12.32 -35.31
C GLN B 333 10.47 -12.17 -35.49
N HIS B 334 9.82 -13.23 -35.96
CA HIS B 334 8.43 -13.16 -36.37
C HIS B 334 7.70 -14.41 -35.95
N ILE B 335 6.37 -14.34 -35.92
CA ILE B 335 5.55 -15.50 -35.61
C ILE B 335 5.11 -16.17 -36.91
N ASN B 336 5.10 -17.50 -36.93
CA ASN B 336 4.78 -18.20 -38.16
C ASN B 336 3.42 -18.89 -38.11
N ILE B 337 2.45 -18.30 -38.80
CA ILE B 337 1.08 -18.77 -38.79
C ILE B 337 0.78 -19.44 -40.11
N SER B 338 0.30 -20.68 -40.06
CA SER B 338 -0.01 -21.41 -41.28
C SER B 338 -1.20 -20.81 -42.00
N ARG B 339 -1.17 -20.88 -43.32
CA ARG B 339 -2.27 -20.39 -44.14
C ARG B 339 -3.54 -21.19 -43.86
N ASN B 340 -3.39 -22.39 -43.32
CA ASN B 340 -4.54 -23.21 -42.96
C ASN B 340 -5.43 -22.64 -41.84
N PHE B 341 -4.95 -21.59 -41.16
CA PHE B 341 -5.80 -20.90 -40.18
C PHE B 341 -6.99 -20.29 -40.90
N SER B 342 -6.81 -20.03 -42.20
CA SER B 342 -7.83 -19.42 -43.03
C SER B 342 -9.05 -20.33 -43.18
N LYS B 343 -8.89 -21.58 -42.76
CA LYS B 343 -9.95 -22.58 -42.87
C LYS B 343 -10.79 -22.71 -41.61
N LEU B 344 -10.49 -21.96 -40.56
CA LEU B 344 -11.41 -21.97 -39.44
C LEU B 344 -12.36 -20.83 -39.69
N LEU B 345 -13.52 -21.16 -40.23
CA LEU B 345 -14.43 -20.14 -40.73
C LEU B 345 -15.28 -19.61 -39.60
N SER B 346 -15.40 -20.39 -38.54
CA SER B 346 -16.24 -20.03 -37.40
C SER B 346 -15.45 -19.40 -36.26
N LEU B 347 -14.15 -19.25 -36.44
CA LEU B 347 -13.28 -18.78 -35.36
C LEU B 347 -13.74 -17.43 -34.79
N ARG B 348 -13.89 -17.38 -33.47
CA ARG B 348 -14.33 -16.20 -32.72
C ARG B 348 -13.20 -15.52 -31.94
N ALA B 349 -12.53 -16.28 -31.07
CA ALA B 349 -11.33 -15.80 -30.40
C ALA B 349 -10.12 -16.69 -30.70
N LEU B 350 -8.95 -16.06 -30.79
CA LEU B 350 -7.68 -16.79 -30.94
C LEU B 350 -6.71 -16.37 -29.85
N HIS B 351 -6.22 -17.32 -29.07
CA HIS B 351 -5.28 -16.99 -28.00
C HIS B 351 -3.87 -17.48 -28.29
N LEU B 352 -2.98 -16.55 -28.62
CA LEU B 352 -1.58 -16.92 -28.73
C LEU B 352 -0.77 -16.13 -27.73
N ARG B 353 -0.56 -16.70 -26.56
CA ARG B 353 0.23 -16.04 -25.55
C ARG B 353 1.46 -16.89 -25.41
N GLY B 354 2.53 -16.25 -24.96
CA GLY B 354 3.79 -16.94 -24.71
C GLY B 354 4.24 -17.74 -25.91
N TYR B 355 4.08 -17.17 -27.10
CA TYR B 355 4.73 -17.71 -28.29
C TYR B 355 6.17 -17.20 -28.28
N VAL B 356 6.36 -15.98 -27.78
CA VAL B 356 7.68 -15.34 -27.69
C VAL B 356 8.38 -15.01 -29.02
N PHE B 357 7.99 -13.88 -29.61
CA PHE B 357 8.62 -13.38 -30.83
C PHE B 357 8.85 -11.87 -30.79
N GLN B 358 9.72 -11.35 -31.65
CA GLN B 358 10.13 -9.95 -31.61
C GLN B 358 9.20 -8.95 -32.28
N GLU B 359 8.65 -9.32 -33.43
CA GLU B 359 7.93 -8.35 -34.23
C GLU B 359 6.74 -8.98 -34.95
N LEU B 360 5.64 -8.24 -35.02
CA LEU B 360 4.46 -8.70 -35.75
C LEU B 360 4.23 -7.88 -37.00
N ARG B 361 4.44 -8.49 -38.17
CA ARG B 361 4.30 -7.79 -39.43
C ARG B 361 2.92 -8.01 -40.06
N GLU B 362 2.66 -7.33 -41.17
CA GLU B 362 1.35 -7.41 -41.82
C GLU B 362 1.07 -8.78 -42.42
N ASP B 363 2.05 -9.36 -43.10
CA ASP B 363 1.85 -10.61 -43.81
C ASP B 363 1.71 -11.79 -42.86
N ASP B 364 2.25 -11.66 -41.65
CA ASP B 364 2.22 -12.76 -40.72
C ASP B 364 0.81 -13.14 -40.27
N PHE B 365 -0.07 -12.15 -40.18
CA PHE B 365 -1.46 -12.42 -39.80
C PHE B 365 -2.43 -12.54 -40.98
N GLN B 366 -1.90 -12.52 -42.20
CA GLN B 366 -2.73 -12.63 -43.41
C GLN B 366 -3.80 -13.75 -43.44
N PRO B 367 -3.50 -14.96 -42.91
CA PRO B 367 -4.52 -16.02 -42.92
C PRO B 367 -5.72 -15.81 -42.00
N LEU B 368 -5.63 -14.89 -41.05
CA LEU B 368 -6.75 -14.66 -40.14
C LEU B 368 -7.73 -13.60 -40.65
N MET B 369 -7.31 -12.82 -41.63
CA MET B 369 -7.98 -11.56 -41.98
C MET B 369 -9.36 -11.68 -42.63
N GLN B 370 -9.64 -12.81 -43.27
CA GLN B 370 -10.94 -13.02 -43.87
C GLN B 370 -11.90 -13.84 -42.99
N LEU B 371 -11.46 -14.22 -41.79
CA LEU B 371 -12.36 -14.92 -40.88
C LEU B 371 -13.46 -13.95 -40.44
N PRO B 372 -14.71 -14.24 -40.81
CA PRO B 372 -15.83 -13.32 -40.55
C PRO B 372 -16.10 -13.04 -39.07
N ASN B 373 -16.01 -14.07 -38.24
CA ASN B 373 -16.38 -13.95 -36.83
C ASN B 373 -15.26 -13.70 -35.81
N LEU B 374 -14.03 -13.45 -36.27
CA LEU B 374 -12.92 -13.45 -35.32
C LEU B 374 -12.88 -12.05 -34.71
N SER B 375 -13.38 -11.96 -33.48
CA SER B 375 -13.51 -10.68 -32.80
C SER B 375 -12.42 -10.41 -31.77
N THR B 376 -11.71 -11.46 -31.37
CA THR B 376 -10.71 -11.38 -30.32
C THR B 376 -9.40 -12.05 -30.72
N ILE B 377 -8.31 -11.28 -30.66
CA ILE B 377 -6.95 -11.82 -30.78
C ILE B 377 -6.15 -11.54 -29.50
N ASN B 378 -5.60 -12.58 -28.88
CA ASN B 378 -4.89 -12.40 -27.61
C ASN B 378 -3.38 -12.64 -27.78
N LEU B 379 -2.62 -11.53 -27.77
CA LEU B 379 -1.16 -11.50 -27.94
C LEU B 379 -0.31 -11.29 -26.66
N GLY B 380 -0.96 -11.34 -25.50
CA GLY B 380 -0.28 -11.14 -24.23
C GLY B 380 0.98 -11.96 -23.99
N ILE B 381 1.97 -11.35 -23.32
CA ILE B 381 3.18 -12.04 -22.84
C ILE B 381 4.00 -12.68 -23.96
N ASN B 382 4.22 -11.92 -25.04
CA ASN B 382 5.11 -12.34 -26.12
C ASN B 382 6.49 -11.66 -26.24
N PHE B 383 6.77 -10.68 -25.38
CA PHE B 383 7.96 -9.82 -25.52
C PHE B 383 8.10 -9.20 -26.91
N ILE B 384 6.95 -8.87 -27.51
CA ILE B 384 6.92 -8.23 -28.82
C ILE B 384 7.48 -6.82 -28.69
N LYS B 385 8.47 -6.49 -29.50
CA LYS B 385 9.02 -5.13 -29.55
C LYS B 385 8.25 -4.18 -30.47
N GLN B 386 7.86 -4.66 -31.64
CA GLN B 386 7.22 -3.80 -32.63
C GLN B 386 6.05 -4.50 -33.34
N ILE B 387 5.10 -3.70 -33.80
CA ILE B 387 3.93 -4.20 -34.52
C ILE B 387 3.58 -3.21 -35.63
N ASP B 388 3.15 -3.69 -36.79
CA ASP B 388 2.61 -2.75 -37.76
C ASP B 388 1.13 -2.74 -37.48
N PHE B 389 0.68 -1.65 -36.87
CA PHE B 389 -0.66 -1.61 -36.34
C PHE B 389 -1.70 -1.59 -37.44
N LYS B 390 -1.28 -1.21 -38.65
CA LYS B 390 -2.19 -1.06 -39.78
C LYS B 390 -2.77 -2.41 -40.24
N LEU B 391 -2.22 -3.51 -39.73
CA LEU B 391 -2.72 -4.83 -40.11
C LEU B 391 -4.11 -5.07 -39.54
N PHE B 392 -4.34 -4.57 -38.32
CA PHE B 392 -5.61 -4.82 -37.61
C PHE B 392 -6.83 -4.28 -38.36
N GLN B 393 -6.62 -3.26 -39.17
CA GLN B 393 -7.65 -2.72 -40.05
C GLN B 393 -8.15 -3.77 -41.04
N ASN B 394 -7.23 -4.54 -41.60
CA ASN B 394 -7.52 -5.49 -42.67
C ASN B 394 -8.42 -6.62 -42.19
N PHE B 395 -8.39 -6.88 -40.90
CA PHE B 395 -9.22 -7.94 -40.31
C PHE B 395 -10.68 -7.68 -40.59
N SER B 396 -11.46 -8.75 -40.71
CA SER B 396 -12.88 -8.62 -40.98
C SER B 396 -13.57 -7.76 -39.92
N ASN B 397 -13.78 -8.31 -38.73
CA ASN B 397 -14.22 -7.48 -37.62
C ASN B 397 -13.56 -7.84 -36.28
N LEU B 398 -12.57 -7.07 -35.86
CA LEU B 398 -11.93 -7.31 -34.57
C LEU B 398 -12.57 -6.39 -33.55
N GLU B 399 -13.08 -6.96 -32.46
CA GLU B 399 -13.58 -6.20 -31.30
C GLU B 399 -12.55 -5.94 -30.19
N ILE B 400 -11.70 -6.93 -29.96
CA ILE B 400 -10.76 -6.89 -28.84
C ILE B 400 -9.33 -7.21 -29.30
N ILE B 401 -8.46 -6.21 -29.23
CA ILE B 401 -7.09 -6.44 -29.64
C ILE B 401 -6.26 -6.38 -28.37
N TYR B 402 -5.86 -7.54 -27.86
CA TYR B 402 -5.22 -7.58 -26.55
C TYR B 402 -3.71 -7.78 -26.71
N LEU B 403 -2.98 -6.68 -26.55
CA LEU B 403 -1.51 -6.61 -26.60
C LEU B 403 -0.78 -6.46 -25.26
N SER B 404 -1.54 -6.59 -24.17
CA SER B 404 -0.99 -6.41 -22.84
C SER B 404 0.27 -7.27 -22.57
N GLU B 405 1.16 -6.70 -21.76
CA GLU B 405 2.37 -7.38 -21.31
C GLU B 405 3.33 -7.79 -22.43
N ASN B 406 3.94 -6.78 -23.05
CA ASN B 406 4.89 -6.99 -24.14
C ASN B 406 6.04 -5.97 -24.04
N ARG B 407 6.82 -5.86 -25.11
CA ARG B 407 7.90 -4.89 -25.22
C ARG B 407 7.64 -3.68 -26.12
N ILE B 408 6.40 -3.46 -26.53
CA ILE B 408 6.09 -2.40 -27.50
C ILE B 408 6.63 -1.06 -27.05
N SER B 409 7.38 -0.41 -27.94
CA SER B 409 7.98 0.89 -27.65
C SER B 409 7.44 1.90 -28.66
N PRO B 410 7.79 3.19 -28.52
CA PRO B 410 7.26 4.17 -29.48
C PRO B 410 7.51 3.84 -30.95
N LEU B 411 6.48 4.03 -31.78
CA LEU B 411 6.52 3.78 -33.22
C LEU B 411 7.67 4.49 -33.90
N VAL B 412 8.38 3.77 -34.78
CA VAL B 412 9.42 4.39 -35.59
C VAL B 412 9.03 4.45 -37.07
N PHE B 437 -5.07 -24.69 -0.03
CA PHE B 437 -4.56 -25.14 -1.31
C PHE B 437 -4.55 -24.01 -2.37
N GLU B 438 -3.49 -24.00 -3.18
CA GLU B 438 -3.14 -22.88 -4.05
C GLU B 438 -4.08 -22.64 -5.24
N PHE B 439 -4.71 -23.70 -5.74
CA PHE B 439 -5.45 -23.57 -6.98
C PHE B 439 -6.91 -23.89 -6.75
N ASP B 440 -7.77 -22.99 -7.19
CA ASP B 440 -9.19 -23.20 -7.06
C ASP B 440 -9.56 -24.42 -7.88
N PRO B 441 -10.03 -25.48 -7.21
CA PRO B 441 -10.41 -26.73 -7.90
C PRO B 441 -11.61 -26.55 -8.82
N HIS B 442 -12.37 -25.48 -8.63
CA HIS B 442 -13.53 -25.20 -9.48
C HIS B 442 -13.22 -24.23 -10.63
N SER B 443 -11.97 -23.84 -10.75
CA SER B 443 -11.56 -22.90 -11.80
C SER B 443 -10.65 -23.58 -12.82
N ASN B 444 -10.62 -23.01 -14.03
CA ASN B 444 -9.67 -23.44 -15.05
C ASN B 444 -8.26 -23.33 -14.52
N PHE B 445 -7.52 -24.42 -14.64
CA PHE B 445 -6.16 -24.51 -14.12
C PHE B 445 -5.13 -23.84 -15.02
N TYR B 446 -5.36 -23.90 -16.34
CA TYR B 446 -4.37 -23.39 -17.28
C TYR B 446 -4.41 -21.89 -17.62
N HIS B 447 -5.61 -21.32 -17.71
CA HIS B 447 -5.71 -19.88 -17.96
C HIS B 447 -6.88 -19.24 -17.23
N PHE B 448 -6.71 -17.97 -16.89
CA PHE B 448 -7.71 -17.25 -16.12
C PHE B 448 -8.95 -16.98 -16.95
N THR B 449 -10.10 -16.97 -16.28
CA THR B 449 -11.38 -16.84 -16.98
C THR B 449 -12.02 -15.44 -17.02
N ARG B 450 -11.41 -14.46 -16.35
CA ARG B 450 -11.93 -13.07 -16.37
C ARG B 450 -11.86 -12.52 -17.78
N PRO B 451 -12.73 -11.54 -18.11
CA PRO B 451 -12.65 -10.85 -19.40
C PRO B 451 -11.25 -10.27 -19.62
N LEU B 452 -10.78 -10.26 -20.86
CA LEU B 452 -9.45 -9.73 -21.16
C LEU B 452 -9.46 -8.24 -20.92
N ILE B 453 -10.57 -7.63 -21.30
CA ILE B 453 -10.73 -6.20 -21.20
C ILE B 453 -11.92 -5.92 -20.30
N LYS B 454 -11.76 -4.92 -19.43
CA LYS B 454 -12.83 -4.55 -18.52
C LYS B 454 -14.12 -4.33 -19.29
N PRO B 455 -15.22 -4.96 -18.85
CA PRO B 455 -16.50 -4.90 -19.56
C PRO B 455 -17.03 -3.49 -19.73
N GLN B 456 -16.79 -2.64 -18.74
CA GLN B 456 -17.29 -1.26 -18.83
C GLN B 456 -16.59 -0.52 -19.97
N CYS B 457 -15.35 -0.89 -20.24
CA CYS B 457 -14.58 -0.31 -21.33
C CYS B 457 -14.97 -0.91 -22.68
N ALA B 458 -15.07 -2.24 -22.75
CA ALA B 458 -15.44 -2.95 -23.98
C ALA B 458 -16.82 -2.60 -24.54
N ALA B 459 -17.77 -2.30 -23.67
CA ALA B 459 -19.15 -1.99 -24.10
C ALA B 459 -19.20 -0.78 -25.03
N TYR B 460 -18.23 0.11 -24.89
CA TYR B 460 -18.18 1.30 -25.75
C TYR B 460 -17.85 0.95 -27.19
N GLY B 461 -17.13 -0.13 -27.44
CA GLY B 461 -16.76 -0.46 -28.79
C GLY B 461 -15.45 -1.18 -28.93
N LYS B 462 -14.83 -1.02 -30.11
CA LYS B 462 -13.55 -1.63 -30.42
C LYS B 462 -12.48 -1.25 -29.38
N ALA B 463 -11.88 -2.28 -28.79
CA ALA B 463 -10.94 -2.09 -27.69
C ALA B 463 -9.53 -2.47 -28.09
N LEU B 464 -8.60 -1.58 -27.77
CA LEU B 464 -7.18 -1.84 -27.93
C LEU B 464 -6.50 -1.74 -26.55
N ASP B 465 -5.91 -2.85 -26.11
CA ASP B 465 -5.21 -2.86 -24.82
C ASP B 465 -3.71 -2.93 -25.05
N LEU B 466 -3.04 -1.80 -24.82
CA LEU B 466 -1.59 -1.66 -24.89
C LEU B 466 -0.90 -1.68 -23.52
N SER B 467 -1.65 -2.03 -22.47
CA SER B 467 -1.13 -1.98 -21.11
C SER B 467 0.12 -2.83 -20.85
N LEU B 468 0.92 -2.38 -19.89
CA LEU B 468 2.12 -3.09 -19.45
C LEU B 468 3.06 -3.30 -20.64
N ASN B 469 3.32 -2.19 -21.30
CA ASN B 469 4.27 -2.12 -22.39
C ASN B 469 5.24 -0.98 -22.14
N SER B 470 6.05 -0.69 -23.15
CA SER B 470 7.02 0.41 -23.14
C SER B 470 6.73 1.73 -23.86
N ILE B 471 5.48 2.06 -24.15
CA ILE B 471 5.31 3.25 -24.98
C ILE B 471 5.36 4.45 -24.04
N PHE B 472 6.55 5.04 -23.93
CA PHE B 472 6.83 6.04 -22.87
C PHE B 472 6.62 7.43 -23.40
N PHE B 473 6.48 7.53 -24.70
CA PHE B 473 6.20 8.78 -25.36
C PHE B 473 5.24 8.50 -26.51
N ILE B 474 4.12 9.21 -26.55
CA ILE B 474 3.22 9.06 -27.69
C ILE B 474 3.57 10.10 -28.75
N GLY B 475 4.08 9.61 -29.87
CA GLY B 475 4.46 10.48 -30.97
C GLY B 475 3.31 10.66 -31.95
N PRO B 476 3.43 11.66 -32.84
CA PRO B 476 2.32 12.08 -33.70
C PRO B 476 1.74 11.00 -34.59
N ASN B 477 2.54 9.98 -34.92
CA ASN B 477 2.10 8.87 -35.77
C ASN B 477 1.72 7.56 -35.07
N GLN B 478 1.86 7.51 -33.74
CA GLN B 478 1.70 6.27 -32.98
C GLN B 478 0.41 5.51 -33.28
N PHE B 479 -0.69 6.24 -33.34
CA PHE B 479 -2.01 5.63 -33.47
C PHE B 479 -2.60 5.63 -34.89
N GLU B 480 -1.81 6.03 -35.87
CA GLU B 480 -2.28 6.09 -37.24
C GLU B 480 -2.67 4.69 -37.78
N ASN B 481 -3.58 4.70 -38.76
CA ASN B 481 -4.04 3.49 -39.44
C ASN B 481 -4.74 2.47 -38.54
N LEU B 482 -5.28 2.94 -37.43
CA LEU B 482 -6.00 2.07 -36.51
C LEU B 482 -7.48 2.02 -36.87
N PRO B 483 -8.17 0.96 -36.43
CA PRO B 483 -9.64 0.95 -36.54
C PRO B 483 -10.20 2.05 -35.62
N ASP B 484 -11.52 2.19 -35.53
CA ASP B 484 -12.02 3.31 -34.75
C ASP B 484 -12.15 2.83 -33.32
N ILE B 485 -11.17 3.21 -32.51
CA ILE B 485 -11.01 2.64 -31.18
C ILE B 485 -11.89 3.37 -30.19
N ALA B 486 -12.81 2.65 -29.57
CA ALA B 486 -13.64 3.18 -28.50
C ALA B 486 -13.00 3.08 -27.11
N CYS B 487 -12.28 1.99 -26.88
CA CYS B 487 -11.74 1.64 -25.57
C CYS B 487 -10.24 1.42 -25.71
N LEU B 488 -9.46 2.26 -25.03
CA LEU B 488 -8.01 2.24 -25.15
C LEU B 488 -7.33 2.09 -23.78
N ASN B 489 -6.45 1.09 -23.66
CA ASN B 489 -5.75 0.89 -22.41
C ASN B 489 -4.26 1.15 -22.58
N LEU B 490 -3.80 2.30 -22.06
CA LEU B 490 -2.38 2.67 -22.02
C LEU B 490 -1.69 2.52 -20.65
N SER B 491 -2.37 1.88 -19.71
CA SER B 491 -1.84 1.69 -18.37
C SER B 491 -0.43 1.07 -18.33
N ALA B 492 0.37 1.52 -17.36
CA ALA B 492 1.71 0.99 -17.12
C ALA B 492 2.63 0.98 -18.34
N ASN B 493 2.72 2.13 -19.00
CA ASN B 493 3.70 2.37 -20.06
C ASN B 493 4.91 3.23 -19.71
N SER B 494 5.04 3.59 -18.43
CA SER B 494 6.11 4.46 -17.97
C SER B 494 6.11 5.78 -18.73
N ASN B 495 4.93 6.31 -18.99
CA ASN B 495 4.82 7.52 -19.81
C ASN B 495 5.00 8.77 -18.96
N ALA B 496 6.06 9.52 -19.28
CA ALA B 496 6.42 10.77 -18.59
C ALA B 496 6.05 12.05 -19.34
N GLN B 497 5.39 11.92 -20.46
CA GLN B 497 5.19 13.05 -21.37
C GLN B 497 4.16 14.08 -20.94
N VAL B 498 4.21 15.24 -21.58
CA VAL B 498 3.22 16.28 -21.36
C VAL B 498 2.20 16.18 -22.50
N LEU B 499 1.03 15.65 -22.20
CA LEU B 499 0.01 15.47 -23.23
C LEU B 499 -0.46 16.87 -23.61
N SER B 500 -0.35 17.18 -24.90
CA SER B 500 -0.60 18.53 -25.41
C SER B 500 -1.92 18.73 -26.14
N GLY B 501 -2.71 17.67 -26.28
CA GLY B 501 -3.96 17.75 -27.03
C GLY B 501 -3.89 17.26 -28.48
N THR B 502 -2.70 16.95 -28.98
CA THR B 502 -2.59 16.38 -30.33
C THR B 502 -2.34 14.87 -30.38
N GLU B 503 -2.15 14.22 -29.23
CA GLU B 503 -1.59 12.87 -29.22
C GLU B 503 -2.55 11.77 -29.66
N PHE B 504 -3.82 11.95 -29.36
CA PHE B 504 -4.87 11.00 -29.72
C PHE B 504 -5.67 11.34 -30.97
N SER B 505 -5.23 12.37 -31.70
CA SER B 505 -6.00 12.88 -32.84
C SER B 505 -6.35 11.85 -33.93
N ALA B 506 -5.57 10.78 -34.07
CA ALA B 506 -5.88 9.78 -35.10
C ALA B 506 -6.94 8.78 -34.62
N ILE B 507 -7.17 8.73 -33.32
CA ILE B 507 -8.28 7.95 -32.76
C ILE B 507 -9.17 8.85 -31.91
N PRO B 508 -9.78 9.88 -32.54
CA PRO B 508 -10.47 10.97 -31.85
C PRO B 508 -11.72 10.50 -31.13
N HIS B 509 -12.14 9.28 -31.45
CA HIS B 509 -13.41 8.76 -30.95
C HIS B 509 -13.33 7.91 -29.67
N VAL B 510 -12.15 7.86 -29.03
CA VAL B 510 -12.04 7.09 -27.78
C VAL B 510 -13.08 7.58 -26.75
N LYS B 511 -13.90 6.65 -26.29
CA LYS B 511 -14.89 6.86 -25.24
C LYS B 511 -14.33 6.64 -23.83
N TYR B 512 -13.47 5.63 -23.70
CA TYR B 512 -12.99 5.19 -22.40
C TYR B 512 -11.48 5.05 -22.46
N LEU B 513 -10.79 5.88 -21.68
CA LEU B 513 -9.35 5.94 -21.74
C LEU B 513 -8.72 5.61 -20.39
N ASP B 514 -7.88 4.56 -20.37
CA ASP B 514 -7.13 4.17 -19.18
C ASP B 514 -5.65 4.54 -19.32
N LEU B 515 -5.27 5.61 -18.61
CA LEU B 515 -3.88 6.06 -18.44
C LEU B 515 -3.21 5.75 -17.08
N THR B 516 -3.81 4.85 -16.32
CA THR B 516 -3.30 4.56 -14.97
C THR B 516 -1.85 4.04 -14.95
N ASN B 517 -1.22 4.19 -13.78
CA ASN B 517 0.12 3.68 -13.51
C ASN B 517 1.17 4.13 -14.50
N ASN B 518 1.11 5.42 -14.81
CA ASN B 518 2.17 6.06 -15.56
C ASN B 518 2.89 7.13 -14.72
N ARG B 519 3.79 7.87 -15.34
CA ARG B 519 4.42 9.08 -14.78
C ARG B 519 3.95 10.43 -15.31
N LEU B 520 2.76 10.49 -15.88
CA LEU B 520 2.33 11.64 -16.63
C LEU B 520 2.59 12.96 -15.93
N ASP B 521 3.07 13.92 -16.71
CA ASP B 521 3.38 15.24 -16.21
C ASP B 521 2.32 16.16 -16.76
N PHE B 522 1.35 16.57 -15.94
CA PHE B 522 0.27 17.32 -16.54
C PHE B 522 0.65 18.78 -16.46
N ASP B 523 1.28 19.22 -17.54
CA ASP B 523 1.78 20.58 -17.72
C ASP B 523 1.05 21.40 -18.77
N ASN B 524 -0.03 20.88 -19.32
CA ASN B 524 -0.71 21.55 -20.42
C ASN B 524 -2.22 21.56 -20.27
N ALA B 525 -2.82 22.73 -20.39
CA ALA B 525 -4.27 22.88 -20.18
C ALA B 525 -5.10 22.25 -21.30
N SER B 526 -4.47 21.98 -22.44
CA SER B 526 -5.18 21.40 -23.58
C SER B 526 -5.06 19.86 -23.68
N ALA B 527 -4.40 19.24 -22.71
CA ALA B 527 -4.21 17.78 -22.71
C ALA B 527 -5.53 17.01 -22.93
N LEU B 528 -5.52 16.06 -23.86
CA LEU B 528 -6.63 15.12 -24.03
C LEU B 528 -7.91 15.73 -24.61
N THR B 529 -7.91 17.05 -24.85
CA THR B 529 -9.12 17.71 -25.32
C THR B 529 -9.51 17.32 -26.76
N GLU B 530 -8.60 16.71 -27.51
CA GLU B 530 -8.90 16.23 -28.86
C GLU B 530 -9.90 15.08 -28.86
N LEU B 531 -10.09 14.46 -27.71
CA LEU B 531 -11.10 13.42 -27.62
C LEU B 531 -12.38 14.09 -27.19
N SER B 532 -13.29 14.29 -28.14
CA SER B 532 -14.49 15.08 -27.90
C SER B 532 -15.53 14.24 -27.21
N ASP B 533 -15.55 12.97 -27.57
CA ASP B 533 -16.57 12.05 -27.10
C ASP B 533 -16.18 11.36 -25.79
N LEU B 534 -15.07 11.80 -25.18
CA LEU B 534 -14.56 11.11 -23.99
C LEU B 534 -15.58 11.07 -22.86
N GLU B 535 -15.77 9.87 -22.31
CA GLU B 535 -16.76 9.63 -21.26
C GLU B 535 -16.13 9.23 -19.93
N VAL B 536 -15.30 8.19 -19.97
CA VAL B 536 -14.58 7.74 -18.81
C VAL B 536 -13.07 7.98 -18.95
N LEU B 537 -12.48 8.63 -17.95
CA LEU B 537 -11.06 8.86 -17.95
C LEU B 537 -10.48 8.35 -16.64
N ASP B 538 -9.51 7.45 -16.73
CA ASP B 538 -8.86 6.95 -15.52
C ASP B 538 -7.41 7.44 -15.45
N LEU B 539 -7.17 8.37 -14.55
CA LEU B 539 -5.84 8.94 -14.31
C LEU B 539 -5.09 8.36 -13.11
N SER B 540 -5.62 7.31 -12.48
CA SER B 540 -5.08 6.80 -11.20
C SER B 540 -3.58 6.46 -11.27
N TYR B 541 -2.91 6.61 -10.13
CA TYR B 541 -1.49 6.22 -9.98
C TYR B 541 -0.56 6.94 -10.96
N ASN B 542 -0.80 8.24 -11.13
CA ASN B 542 0.11 9.19 -11.81
C ASN B 542 0.90 10.15 -10.90
N SER B 543 1.08 9.74 -9.64
CA SER B 543 1.62 10.59 -8.59
C SER B 543 3.02 11.20 -8.84
N HIS B 544 3.76 10.69 -9.82
CA HIS B 544 5.17 11.03 -9.99
C HIS B 544 5.45 12.53 -9.91
N TYR B 545 4.77 13.30 -10.77
CA TYR B 545 4.96 14.75 -10.82
C TYR B 545 4.14 15.56 -9.81
N PHE B 546 2.91 15.12 -9.52
CA PHE B 546 2.07 15.79 -8.51
C PHE B 546 2.79 15.94 -7.17
N ARG B 547 3.68 14.99 -6.90
CA ARG B 547 4.42 14.93 -5.64
C ARG B 547 5.42 16.06 -5.47
N ILE B 548 5.85 16.64 -6.59
CA ILE B 548 6.90 17.62 -6.52
C ILE B 548 6.31 19.02 -6.53
N ALA B 549 6.42 19.70 -5.39
CA ALA B 549 5.84 21.02 -5.22
C ALA B 549 6.34 21.98 -6.29
N GLY B 550 7.61 21.87 -6.64
CA GLY B 550 8.26 22.82 -7.51
C GLY B 550 8.00 22.73 -9.00
N VAL B 551 7.48 21.61 -9.48
CA VAL B 551 7.02 21.53 -10.86
C VAL B 551 5.59 22.07 -11.02
N THR B 552 5.25 22.55 -12.20
CA THR B 552 3.89 23.02 -12.40
C THR B 552 2.94 21.85 -12.59
N HIS B 553 1.67 22.06 -12.23
CA HIS B 553 0.64 21.04 -12.36
C HIS B 553 -0.63 21.68 -12.91
N HIS B 554 -1.19 21.08 -13.96
CA HIS B 554 -2.36 21.66 -14.65
C HIS B 554 -3.47 20.65 -14.93
N LEU B 555 -4.60 20.82 -14.26
CA LEU B 555 -5.80 20.01 -14.46
C LEU B 555 -6.93 20.65 -15.25
N GLU B 556 -6.69 21.86 -15.76
CA GLU B 556 -7.73 22.66 -16.41
C GLU B 556 -8.44 21.93 -17.56
N PHE B 557 -7.77 20.97 -18.19
CA PHE B 557 -8.35 20.28 -19.35
C PHE B 557 -9.67 19.61 -19.05
N ILE B 558 -9.92 19.34 -17.76
CA ILE B 558 -11.10 18.61 -17.31
C ILE B 558 -12.41 19.23 -17.82
N GLN B 559 -12.44 20.56 -17.91
CA GLN B 559 -13.66 21.29 -18.28
C GLN B 559 -14.04 21.23 -19.77
N ASN B 560 -13.10 20.92 -20.64
CA ASN B 560 -13.36 21.01 -22.08
C ASN B 560 -14.30 19.94 -22.62
N PHE B 561 -14.38 18.82 -21.91
CA PHE B 561 -15.19 17.69 -22.34
C PHE B 561 -16.68 17.92 -22.08
N THR B 562 -17.51 17.81 -23.11
CA THR B 562 -18.95 17.93 -22.92
C THR B 562 -19.64 16.63 -22.53
N ASN B 563 -19.01 15.50 -22.84
CA ASN B 563 -19.55 14.19 -22.48
C ASN B 563 -18.90 13.48 -21.28
N LEU B 564 -17.88 14.07 -20.67
CA LEU B 564 -17.16 13.37 -19.59
C LEU B 564 -18.12 13.06 -18.43
N LYS B 565 -18.15 11.79 -18.04
CA LYS B 565 -19.05 11.29 -16.99
C LYS B 565 -18.27 10.94 -15.71
N VAL B 566 -17.32 10.03 -15.85
CA VAL B 566 -16.58 9.46 -14.74
C VAL B 566 -15.10 9.80 -14.89
N LEU B 567 -14.52 10.33 -13.81
CA LEU B 567 -13.11 10.70 -13.80
C LEU B 567 -12.45 10.16 -12.54
N ASN B 568 -11.39 9.38 -12.72
CA ASN B 568 -10.67 8.82 -11.59
C ASN B 568 -9.28 9.45 -11.40
N LEU B 569 -9.18 10.30 -10.38
CA LEU B 569 -7.90 10.93 -9.98
C LEU B 569 -7.17 10.24 -8.80
N SER B 570 -7.60 9.04 -8.43
CA SER B 570 -7.08 8.36 -7.24
C SER B 570 -5.57 8.13 -7.19
N HIS B 571 -5.03 8.20 -5.97
CA HIS B 571 -3.65 7.81 -5.66
C HIS B 571 -2.64 8.61 -6.43
N ASN B 572 -2.98 9.87 -6.68
CA ASN B 572 -2.08 10.76 -7.39
C ASN B 572 -1.27 11.68 -6.47
N ASN B 573 -1.55 11.60 -5.18
CA ASN B 573 -0.89 12.45 -4.20
C ASN B 573 -1.03 13.95 -4.47
N ILE B 574 -2.19 14.37 -4.96
CA ILE B 574 -2.36 15.77 -5.31
C ILE B 574 -2.45 16.60 -4.02
N TYR B 575 -1.44 17.46 -3.80
CA TYR B 575 -1.53 18.55 -2.84
C TYR B 575 -1.43 19.99 -3.36
N THR B 576 -1.06 20.18 -4.63
CA THR B 576 -0.85 21.52 -5.15
C THR B 576 -1.03 21.63 -6.67
N LEU B 577 -1.66 22.71 -7.11
CA LEU B 577 -1.88 22.93 -8.54
C LEU B 577 -1.46 24.34 -8.90
N THR B 578 -1.21 24.56 -10.18
CA THR B 578 -0.70 25.83 -10.67
C THR B 578 -1.80 26.71 -11.23
N ASP B 579 -1.99 27.88 -10.62
CA ASP B 579 -2.84 28.97 -11.11
C ASP B 579 -4.32 28.66 -11.14
N LYS B 580 -4.70 27.40 -11.23
CA LYS B 580 -6.10 27.02 -11.29
C LYS B 580 -6.37 25.98 -10.22
N TYR B 581 -7.08 26.38 -9.18
CA TYR B 581 -7.26 25.54 -8.01
C TYR B 581 -8.52 24.71 -8.05
N ASN B 582 -9.43 25.05 -8.96
CA ASN B 582 -10.73 24.42 -9.05
C ASN B 582 -10.86 23.41 -10.18
N LEU B 583 -11.57 22.33 -9.90
CA LEU B 583 -11.92 21.38 -10.94
C LEU B 583 -13.31 21.77 -11.44
N GLU B 584 -13.44 21.93 -12.75
CA GLU B 584 -14.69 22.37 -13.35
C GLU B 584 -15.13 21.45 -14.46
N SER B 585 -16.37 20.99 -14.39
CA SER B 585 -17.00 20.32 -15.52
C SER B 585 -18.50 20.51 -15.41
N LYS B 586 -19.14 20.76 -16.55
CA LYS B 586 -20.61 20.83 -16.58
C LYS B 586 -21.24 19.44 -16.73
N SER B 587 -20.49 18.52 -17.33
CA SER B 587 -20.93 17.14 -17.54
C SER B 587 -20.69 16.16 -16.38
N LEU B 588 -19.56 16.31 -15.69
CA LEU B 588 -19.03 15.26 -14.80
C LEU B 588 -20.03 14.72 -13.78
N VAL B 589 -20.07 13.39 -13.69
CA VAL B 589 -21.01 12.64 -12.85
C VAL B 589 -20.33 12.09 -11.60
N GLU B 590 -19.26 11.32 -11.81
CA GLU B 590 -18.54 10.72 -10.72
C GLU B 590 -17.05 11.13 -10.69
N LEU B 591 -16.57 11.53 -9.52
CA LEU B 591 -15.15 11.85 -9.35
C LEU B 591 -14.52 11.04 -8.23
N VAL B 592 -13.47 10.30 -8.55
CA VAL B 592 -12.79 9.52 -7.54
C VAL B 592 -11.53 10.29 -7.16
N PHE B 593 -11.54 10.88 -5.96
CA PHE B 593 -10.42 11.67 -5.47
C PHE B 593 -9.54 10.98 -4.43
N SER B 594 -9.75 9.69 -4.20
CA SER B 594 -9.07 9.01 -3.12
C SER B 594 -7.55 8.97 -3.27
N GLY B 595 -6.87 8.89 -2.12
CA GLY B 595 -5.42 8.81 -2.09
C GLY B 595 -4.71 10.07 -2.53
N ASN B 596 -5.22 11.22 -2.13
CA ASN B 596 -4.57 12.48 -2.42
C ASN B 596 -4.38 13.19 -1.09
N ARG B 597 -3.99 14.46 -1.10
CA ARG B 597 -3.94 15.11 0.20
C ARG B 597 -4.88 16.28 0.31
N LEU B 598 -6.09 16.00 0.76
CA LEU B 598 -7.06 17.05 0.96
C LEU B 598 -6.74 17.67 2.31
N ASP B 599 -6.00 16.93 3.14
CA ASP B 599 -5.55 17.46 4.42
C ASP B 599 -4.65 18.68 4.16
N ILE B 600 -3.81 18.60 3.13
CA ILE B 600 -3.02 19.75 2.71
C ILE B 600 -3.82 20.79 1.91
N LEU B 601 -4.52 20.35 0.88
CA LEU B 601 -5.33 21.26 0.06
C LEU B 601 -6.27 22.13 0.89
N TRP B 602 -6.93 21.51 1.86
CA TRP B 602 -7.89 22.17 2.76
C TRP B 602 -7.31 22.69 4.10
N ASN B 603 -5.99 22.72 4.23
CA ASN B 603 -5.36 23.23 5.46
C ASN B 603 -5.95 24.55 5.92
N ASP B 604 -6.15 24.70 7.23
CA ASP B 604 -6.93 25.83 7.76
C ASP B 604 -6.38 27.20 7.39
N ASP B 605 -5.07 27.30 7.22
CA ASP B 605 -4.43 28.59 6.91
C ASP B 605 -4.45 28.94 5.42
N ASP B 606 -5.03 28.06 4.60
CA ASP B 606 -5.01 28.23 3.15
C ASP B 606 -6.44 28.18 2.59
N ASN B 607 -6.87 29.28 1.98
CA ASN B 607 -8.19 29.29 1.37
C ASN B 607 -8.28 29.05 -0.15
N ARG B 608 -7.14 28.81 -0.80
CA ARG B 608 -7.15 28.70 -2.27
C ARG B 608 -8.00 27.52 -2.80
N TYR B 609 -8.00 26.41 -2.08
CA TYR B 609 -8.71 25.22 -2.52
C TYR B 609 -10.13 25.03 -1.92
N ILE B 610 -10.61 26.03 -1.19
CA ILE B 610 -11.95 25.98 -0.54
C ILE B 610 -13.08 25.59 -1.50
N SER B 611 -12.96 26.00 -2.76
CA SER B 611 -13.97 25.69 -3.78
C SER B 611 -13.68 24.54 -4.76
N ILE B 612 -12.61 23.78 -4.50
CA ILE B 612 -12.02 22.87 -5.48
C ILE B 612 -13.02 21.99 -6.26
N PHE B 613 -14.08 21.53 -5.61
CA PHE B 613 -15.08 20.67 -6.26
C PHE B 613 -16.39 21.36 -6.70
N LYS B 614 -16.55 22.64 -6.37
CA LYS B 614 -17.81 23.33 -6.59
C LYS B 614 -18.17 23.43 -8.05
N GLY B 615 -17.15 23.59 -8.89
CA GLY B 615 -17.34 23.72 -10.32
C GLY B 615 -17.75 22.44 -11.03
N LEU B 616 -17.95 21.35 -10.30
CA LEU B 616 -18.46 20.16 -10.96
C LEU B 616 -19.94 20.15 -10.67
N LYS B 617 -20.71 20.64 -11.63
CA LYS B 617 -22.07 21.05 -11.35
C LYS B 617 -23.09 19.94 -11.56
N ASN B 618 -22.64 18.87 -12.21
CA ASN B 618 -23.47 17.70 -12.45
C ASN B 618 -23.18 16.54 -11.48
N LEU B 619 -22.21 16.73 -10.58
CA LEU B 619 -21.61 15.59 -9.86
C LEU B 619 -22.58 14.93 -8.88
N THR B 620 -22.85 13.64 -9.07
CA THR B 620 -23.62 12.88 -8.09
C THR B 620 -22.86 11.92 -7.18
N ARG B 621 -21.60 11.64 -7.50
CA ARG B 621 -20.80 10.71 -6.73
C ARG B 621 -19.40 11.22 -6.53
N LEU B 622 -19.00 11.34 -5.27
CA LEU B 622 -17.70 11.88 -4.91
C LEU B 622 -17.05 10.98 -3.89
N ASP B 623 -15.84 10.54 -4.20
CA ASP B 623 -15.10 9.67 -3.29
C ASP B 623 -13.90 10.44 -2.72
N LEU B 624 -14.00 10.80 -1.44
CA LEU B 624 -12.96 11.51 -0.69
C LEU B 624 -12.06 10.65 0.20
N SER B 625 -12.14 9.33 0.06
CA SER B 625 -11.41 8.45 0.97
C SER B 625 -9.90 8.64 0.93
N LEU B 626 -9.22 8.22 1.99
CA LEU B 626 -7.75 8.11 2.01
C LEU B 626 -7.06 9.44 1.69
N ASN B 627 -7.66 10.53 2.13
CA ASN B 627 -7.04 11.85 2.07
C ASN B 627 -6.44 12.34 3.39
N ARG B 628 -6.37 11.47 4.39
CA ARG B 628 -5.74 11.78 5.67
C ARG B 628 -6.40 12.96 6.38
N LEU B 629 -7.72 13.09 6.20
CA LEU B 629 -8.44 14.20 6.79
C LEU B 629 -8.75 13.96 8.27
N LYS B 630 -8.30 14.89 9.11
CA LYS B 630 -8.71 14.95 10.51
C LYS B 630 -10.01 15.74 10.73
N HIS B 631 -10.23 16.73 9.88
CA HIS B 631 -11.49 17.48 9.87
C HIS B 631 -11.66 18.20 8.54
N ILE B 632 -12.90 18.50 8.18
CA ILE B 632 -13.17 19.27 6.98
C ILE B 632 -13.66 20.66 7.38
N PRO B 633 -12.98 21.72 6.90
CA PRO B 633 -13.46 23.06 7.26
C PRO B 633 -14.89 23.26 6.78
N ASN B 634 -15.73 23.88 7.63
CA ASN B 634 -17.15 24.06 7.32
C ASN B 634 -17.37 24.60 5.92
N GLU B 635 -16.61 25.65 5.59
CA GLU B 635 -16.74 26.32 4.31
C GLU B 635 -16.47 25.33 3.19
N ALA B 636 -15.43 24.53 3.36
CA ALA B 636 -15.05 23.56 2.35
C ALA B 636 -16.13 22.51 2.09
N PHE B 637 -16.73 22.01 3.17
CA PHE B 637 -17.79 21.01 3.05
C PHE B 637 -19.04 21.63 2.41
N LEU B 638 -19.35 22.86 2.80
CA LEU B 638 -20.49 23.56 2.21
C LEU B 638 -20.23 23.88 0.72
N ASN B 639 -18.97 23.83 0.32
CA ASN B 639 -18.65 24.06 -1.08
C ASN B 639 -18.66 22.81 -1.94
N LEU B 640 -19.08 21.68 -1.37
CA LEU B 640 -19.26 20.46 -2.17
C LEU B 640 -20.56 20.57 -2.99
N PRO B 641 -20.57 19.98 -4.20
CA PRO B 641 -21.70 20.22 -5.12
C PRO B 641 -23.04 19.85 -4.49
N ALA B 642 -24.01 20.76 -4.56
CA ALA B 642 -25.35 20.53 -4.01
C ALA B 642 -26.02 19.34 -4.67
N SER B 643 -25.53 18.98 -5.85
CA SER B 643 -26.11 17.89 -6.61
C SER B 643 -25.80 16.50 -6.04
N LEU B 644 -24.87 16.40 -5.09
CA LEU B 644 -24.39 15.08 -4.64
C LEU B 644 -25.52 14.19 -4.13
N THR B 645 -25.61 12.98 -4.70
CA THR B 645 -26.42 11.93 -4.10
C THR B 645 -25.63 10.93 -3.25
N GLU B 646 -24.31 10.88 -3.46
CA GLU B 646 -23.47 9.87 -2.81
C GLU B 646 -22.09 10.44 -2.45
N LEU B 647 -21.72 10.32 -1.19
CA LEU B 647 -20.49 10.94 -0.70
C LEU B 647 -19.69 9.96 0.16
N HIS B 648 -18.46 9.67 -0.25
CA HIS B 648 -17.59 8.78 0.50
C HIS B 648 -16.45 9.55 1.17
N ILE B 649 -16.51 9.63 2.49
CA ILE B 649 -15.40 10.13 3.30
C ILE B 649 -14.58 9.07 4.06
N ASN B 650 -14.79 7.80 3.71
CA ASN B 650 -14.26 6.69 4.50
C ASN B 650 -12.73 6.58 4.54
N ASP B 651 -12.21 5.88 5.54
CA ASP B 651 -10.78 5.65 5.73
C ASP B 651 -9.94 6.93 5.71
N ASN B 652 -10.45 7.95 6.37
CA ASN B 652 -9.68 9.12 6.77
C ASN B 652 -9.39 9.05 8.27
N MET B 653 -8.88 10.13 8.84
CA MET B 653 -8.71 10.29 10.29
C MET B 653 -9.77 11.13 11.04
N LEU B 654 -10.94 11.32 10.45
CA LEU B 654 -11.89 12.32 10.97
C LEU B 654 -12.23 12.18 12.45
N LYS B 655 -11.94 13.23 13.20
CA LYS B 655 -12.34 13.31 14.60
C LYS B 655 -13.54 14.22 14.82
N PHE B 656 -13.94 14.89 13.74
CA PHE B 656 -15.04 15.86 13.78
C PHE B 656 -15.85 15.79 12.47
N PHE B 657 -17.16 15.79 12.60
CA PHE B 657 -18.03 15.94 11.46
C PHE B 657 -19.23 16.78 11.83
N ASN B 658 -19.50 17.82 11.06
CA ASN B 658 -20.59 18.74 11.37
C ASN B 658 -21.86 18.24 10.68
N TRP B 659 -22.76 17.68 11.46
CA TRP B 659 -23.95 17.04 10.92
C TRP B 659 -24.94 18.05 10.35
N THR B 660 -24.86 19.28 10.86
CA THR B 660 -25.78 20.35 10.46
C THR B 660 -25.64 20.65 8.97
N LEU B 661 -24.42 20.48 8.46
CA LEU B 661 -24.10 20.87 7.09
C LEU B 661 -24.83 20.02 6.04
N LEU B 662 -25.36 18.87 6.47
CA LEU B 662 -26.14 18.00 5.59
C LEU B 662 -27.43 18.66 5.06
N GLN B 663 -27.81 19.80 5.65
CA GLN B 663 -28.97 20.57 5.21
C GLN B 663 -28.77 21.18 3.84
N GLN B 664 -27.52 21.29 3.41
CA GLN B 664 -27.23 21.91 2.13
C GLN B 664 -27.16 20.88 1.00
N PHE B 665 -27.47 19.64 1.33
CA PHE B 665 -27.39 18.56 0.35
C PHE B 665 -28.71 17.77 0.30
N PRO B 666 -29.74 18.39 -0.30
CA PRO B 666 -31.10 17.83 -0.29
C PRO B 666 -31.26 16.56 -1.11
N ARG B 667 -30.33 16.24 -1.99
CA ARG B 667 -30.39 14.98 -2.73
C ARG B 667 -29.51 13.85 -2.18
N LEU B 668 -28.82 14.12 -1.07
CA LEU B 668 -27.86 13.17 -0.53
C LEU B 668 -28.52 11.87 -0.08
N GLU B 669 -28.03 10.75 -0.62
CA GLU B 669 -28.62 9.44 -0.39
C GLU B 669 -27.76 8.55 0.48
N LEU B 670 -26.52 8.33 0.04
CA LEU B 670 -25.55 7.56 0.80
C LEU B 670 -24.48 8.50 1.36
N LEU B 671 -24.25 8.39 2.67
CA LEU B 671 -23.13 9.06 3.31
C LEU B 671 -22.22 8.01 3.97
N ASP B 672 -20.97 7.95 3.54
CA ASP B 672 -20.07 6.89 3.98
C ASP B 672 -18.92 7.44 4.83
N LEU B 673 -19.05 7.24 6.14
CA LEU B 673 -18.09 7.67 7.15
C LEU B 673 -17.21 6.57 7.77
N ARG B 674 -17.30 5.36 7.22
CA ARG B 674 -16.56 4.22 7.77
C ARG B 674 -15.06 4.52 7.95
N GLY B 675 -14.49 3.94 8.99
CA GLY B 675 -13.04 3.88 9.08
C GLY B 675 -12.43 5.22 9.44
N ASN B 676 -13.06 5.88 10.40
CA ASN B 676 -12.56 7.15 10.90
C ASN B 676 -12.40 7.05 12.41
N LYS B 677 -12.17 8.20 13.04
CA LYS B 677 -12.14 8.33 14.50
C LYS B 677 -13.39 8.93 15.19
N LEU B 678 -14.50 9.06 14.47
CA LEU B 678 -15.68 9.74 15.01
C LEU B 678 -16.26 9.21 16.35
N LEU B 679 -16.34 10.11 17.34
CA LEU B 679 -17.11 9.91 18.58
C LEU B 679 -18.57 10.37 18.55
N PHE B 680 -18.80 11.54 17.95
CA PHE B 680 -20.05 12.27 18.16
C PHE B 680 -21.12 11.96 17.11
N LEU B 681 -22.34 11.81 17.58
CA LEU B 681 -23.51 11.64 16.73
C LEU B 681 -24.55 12.68 17.11
N THR B 682 -25.04 13.44 16.13
CA THR B 682 -26.08 14.42 16.41
C THR B 682 -27.35 13.73 16.90
N ASP B 683 -28.09 14.39 17.78
CA ASP B 683 -29.37 13.83 18.19
C ASP B 683 -30.45 14.44 17.31
N SER B 684 -30.01 15.33 16.43
CA SER B 684 -30.88 16.13 15.58
C SER B 684 -31.06 15.71 14.11
N LEU B 685 -30.51 14.56 13.71
CA LEU B 685 -30.34 14.24 12.27
C LEU B 685 -31.56 14.54 11.39
N SER B 686 -32.75 14.25 11.88
CA SER B 686 -33.99 14.53 11.15
C SER B 686 -34.13 15.99 10.75
N ASP B 687 -33.47 16.88 11.51
CA ASP B 687 -33.50 18.28 11.18
C ASP B 687 -32.54 18.64 10.03
N PHE B 688 -31.51 17.84 9.82
CA PHE B 688 -30.58 18.15 8.73
C PHE B 688 -30.72 17.40 7.41
N THR B 689 -31.46 16.31 7.38
CA THR B 689 -31.68 15.60 6.14
C THR B 689 -33.06 14.94 6.06
N SER B 690 -33.76 15.14 4.94
CA SER B 690 -34.91 14.30 4.61
C SER B 690 -34.56 13.21 3.59
N SER B 691 -33.39 13.31 2.98
CA SER B 691 -33.01 12.44 1.87
C SER B 691 -32.10 11.27 2.20
N LEU B 692 -31.60 11.20 3.43
CA LEU B 692 -30.58 10.22 3.74
C LEU B 692 -31.14 8.79 3.77
N ARG B 693 -30.44 7.89 3.11
CA ARG B 693 -30.90 6.51 2.89
C ARG B 693 -29.94 5.52 3.54
N THR B 694 -28.68 5.59 3.13
CA THR B 694 -27.64 4.76 3.70
C THR B 694 -26.65 5.62 4.50
N LEU B 695 -26.39 5.20 5.73
CA LEU B 695 -25.39 5.86 6.55
C LEU B 695 -24.43 4.83 7.12
N LEU B 696 -23.17 4.91 6.71
CA LEU B 696 -22.19 3.90 7.10
C LEU B 696 -21.18 4.46 8.11
N LEU B 697 -21.35 4.06 9.36
CA LEU B 697 -20.52 4.49 10.50
C LEU B 697 -19.52 3.48 11.04
N SER B 698 -19.41 2.33 10.40
CA SER B 698 -18.58 1.26 10.93
C SER B 698 -17.10 1.64 11.05
N HIS B 699 -16.42 1.00 12.00
CA HIS B 699 -15.01 1.28 12.27
C HIS B 699 -14.78 2.73 12.68
N ASN B 700 -15.56 3.16 13.67
CA ASN B 700 -15.38 4.44 14.32
C ASN B 700 -15.25 4.24 15.82
N ARG B 701 -15.30 5.31 16.58
CA ARG B 701 -15.23 5.24 18.04
C ARG B 701 -16.55 5.37 18.82
N ILE B 702 -17.68 5.38 18.12
CA ILE B 702 -18.95 5.74 18.75
C ILE B 702 -19.35 4.82 19.91
N SER B 703 -19.40 5.37 21.11
CA SER B 703 -19.82 4.59 22.28
C SER B 703 -21.26 4.87 22.69
N HIS B 704 -21.88 5.85 22.05
CA HIS B 704 -23.17 6.34 22.51
C HIS B 704 -24.09 6.69 21.34
N LEU B 705 -25.28 6.10 21.34
CA LEU B 705 -26.33 6.51 20.42
C LEU B 705 -27.21 7.49 21.16
N PRO B 706 -27.39 8.69 20.60
CA PRO B 706 -28.21 9.69 21.28
C PRO B 706 -29.68 9.29 21.33
N SER B 707 -30.39 9.79 22.34
CA SER B 707 -31.81 9.53 22.45
C SER B 707 -32.55 10.06 21.23
N GLY B 708 -33.32 9.19 20.57
CA GLY B 708 -34.07 9.58 19.40
C GLY B 708 -33.27 9.60 18.11
N PHE B 709 -32.05 9.04 18.16
CA PHE B 709 -31.21 8.94 16.96
C PHE B 709 -31.81 8.12 15.81
N LEU B 710 -31.86 6.80 15.97
CA LEU B 710 -31.98 5.89 14.81
C LEU B 710 -33.24 6.01 13.97
N SER B 711 -34.38 6.22 14.64
CA SER B 711 -35.65 6.15 13.93
C SER B 711 -36.22 7.51 13.51
N GLU B 712 -35.54 8.61 13.83
CA GLU B 712 -36.10 9.92 13.51
C GLU B 712 -35.82 10.39 12.08
N VAL B 713 -34.91 9.70 11.40
CA VAL B 713 -34.72 9.93 9.98
C VAL B 713 -35.64 8.99 9.22
N SER B 714 -36.66 9.56 8.58
CA SER B 714 -37.69 8.78 7.92
C SER B 714 -37.18 8.05 6.69
N SER B 715 -36.22 8.65 6.00
CA SER B 715 -35.73 8.08 4.74
C SER B 715 -34.64 7.05 4.94
N LEU B 716 -34.20 6.86 6.17
CA LEU B 716 -33.09 5.95 6.44
C LEU B 716 -33.52 4.50 6.34
N LYS B 717 -32.79 3.74 5.53
CA LYS B 717 -33.01 2.31 5.32
C LYS B 717 -31.88 1.52 5.97
N HIS B 718 -30.65 1.81 5.53
CA HIS B 718 -29.45 1.08 5.94
C HIS B 718 -28.60 1.91 6.92
N LEU B 719 -28.47 1.41 8.15
CA LEU B 719 -27.62 2.05 9.15
C LEU B 719 -26.51 1.08 9.57
N ASP B 720 -25.26 1.52 9.48
CA ASP B 720 -24.17 0.62 9.81
C ASP B 720 -23.40 1.09 11.03
N LEU B 721 -23.66 0.47 12.16
CA LEU B 721 -22.95 0.78 13.41
C LEU B 721 -21.88 -0.23 13.79
N SER B 722 -21.61 -1.18 12.90
CA SER B 722 -20.69 -2.29 13.20
C SER B 722 -19.28 -1.80 13.55
N SER B 723 -18.60 -2.56 14.40
CA SER B 723 -17.21 -2.27 14.74
C SER B 723 -17.05 -0.88 15.34
N ASN B 724 -17.86 -0.60 16.36
CA ASN B 724 -17.72 0.61 17.16
C ASN B 724 -17.56 0.24 18.63
N LEU B 725 -17.64 1.23 19.50
CA LEU B 725 -17.47 1.04 20.95
C LEU B 725 -18.75 0.86 21.78
N LEU B 726 -19.89 0.69 21.12
CA LEU B 726 -21.19 0.61 21.82
C LEU B 726 -21.26 -0.46 22.92
N LYS B 727 -21.58 -0.03 24.15
CA LYS B 727 -21.80 -0.97 25.26
C LYS B 727 -23.26 -1.38 25.40
N THR B 728 -24.15 -0.63 24.75
CA THR B 728 -25.57 -0.93 24.82
C THR B 728 -26.36 -0.07 23.83
N ILE B 729 -27.66 -0.33 23.76
CA ILE B 729 -28.57 0.53 23.02
C ILE B 729 -29.83 0.76 23.85
N ASN B 730 -30.09 2.03 24.19
CA ASN B 730 -31.25 2.42 25.00
C ASN B 730 -32.59 2.40 24.28
N LYS B 731 -33.67 2.31 25.06
CA LYS B 731 -35.03 2.46 24.55
C LYS B 731 -35.19 3.85 23.94
N SER B 732 -34.44 4.81 24.48
CA SER B 732 -34.48 6.18 23.99
C SER B 732 -33.84 6.33 22.59
N ALA B 733 -32.87 5.49 22.27
CA ALA B 733 -32.21 5.57 20.97
C ALA B 733 -33.11 5.08 19.82
N LEU B 734 -33.97 4.11 20.14
CA LEU B 734 -34.83 3.45 19.15
C LEU B 734 -36.17 4.13 18.75
N GLU B 735 -36.81 4.86 19.68
CA GLU B 735 -38.07 5.54 19.36
C GLU B 735 -37.86 6.46 18.15
N THR B 736 -38.62 6.31 17.05
CA THR B 736 -39.98 5.74 16.89
C THR B 736 -41.17 6.46 17.52
N LYS B 737 -41.47 7.62 16.93
CA LYS B 737 -42.80 8.21 16.99
C LYS B 737 -43.50 7.80 15.70
N THR B 738 -43.06 8.37 14.58
CA THR B 738 -43.43 7.84 13.27
C THR B 738 -42.51 6.66 13.00
N THR B 739 -43.07 5.56 12.50
CA THR B 739 -42.33 4.32 12.34
C THR B 739 -41.12 4.47 11.42
N THR B 740 -40.07 3.70 11.68
CA THR B 740 -38.83 3.78 10.93
C THR B 740 -38.88 2.98 9.63
N LYS B 741 -38.41 3.62 8.56
CA LYS B 741 -38.32 2.99 7.25
C LYS B 741 -37.14 2.02 7.17
N LEU B 742 -36.37 1.96 8.26
CA LEU B 742 -35.13 1.21 8.29
C LEU B 742 -35.32 -0.28 7.94
N SER B 743 -34.64 -0.75 6.89
CA SER B 743 -34.65 -2.17 6.56
C SER B 743 -33.41 -2.98 6.99
N MET B 744 -32.32 -2.30 7.33
CA MET B 744 -31.07 -2.97 7.73
C MET B 744 -30.28 -2.21 8.81
N LEU B 745 -29.84 -2.94 9.83
CA LEU B 745 -29.08 -2.36 10.92
C LEU B 745 -27.91 -3.30 11.24
N GLU B 746 -26.69 -2.79 11.10
CA GLU B 746 -25.51 -3.60 11.36
C GLU B 746 -24.90 -3.24 12.70
N LEU B 747 -25.06 -4.13 13.66
CA LEU B 747 -24.48 -3.95 14.99
C LEU B 747 -23.25 -4.79 15.35
N HIS B 748 -22.79 -5.63 14.43
CA HIS B 748 -21.78 -6.63 14.76
C HIS B 748 -20.43 -6.03 15.11
N GLY B 749 -19.72 -6.68 16.04
CA GLY B 749 -18.40 -6.21 16.43
C GLY B 749 -18.40 -5.04 17.40
N ASN B 750 -19.40 -4.98 18.28
CA ASN B 750 -19.42 -4.00 19.38
C ASN B 750 -19.33 -4.74 20.71
N PRO B 751 -18.69 -4.12 21.71
CA PRO B 751 -18.56 -4.74 23.03
C PRO B 751 -19.83 -4.62 23.88
N PHE B 752 -20.93 -5.24 23.45
CA PHE B 752 -22.18 -5.16 24.21
C PHE B 752 -22.05 -5.73 25.62
N GLU B 753 -22.43 -4.94 26.61
CA GLU B 753 -22.39 -5.40 28.00
C GLU B 753 -23.69 -6.12 28.25
N CYS B 754 -23.61 -7.40 28.54
CA CYS B 754 -24.84 -8.18 28.64
C CYS B 754 -25.23 -8.36 30.09
N THR B 755 -26.26 -7.59 30.45
CA THR B 755 -26.86 -7.55 31.75
C THR B 755 -28.30 -7.31 31.36
N CYS B 756 -29.18 -7.08 32.33
CA CYS B 756 -30.57 -6.81 31.97
C CYS B 756 -30.72 -5.48 31.22
N ASP B 757 -29.63 -4.72 31.13
CA ASP B 757 -29.62 -3.44 30.41
C ASP B 757 -29.71 -3.57 28.90
N ILE B 758 -29.46 -4.76 28.35
CA ILE B 758 -29.66 -4.96 26.92
C ILE B 758 -31.03 -5.56 26.63
N GLY B 759 -31.81 -5.77 27.68
CA GLY B 759 -33.13 -6.36 27.58
C GLY B 759 -34.05 -5.64 26.62
N ASP B 760 -33.99 -4.31 26.63
CA ASP B 760 -34.86 -3.50 25.79
C ASP B 760 -34.49 -3.63 24.31
N PHE B 761 -33.20 -3.61 24.00
CA PHE B 761 -32.76 -3.80 22.63
C PHE B 761 -33.20 -5.18 22.13
N ARG B 762 -32.87 -6.19 22.91
CA ARG B 762 -33.28 -7.56 22.63
C ARG B 762 -34.80 -7.66 22.49
N ARG B 763 -35.51 -6.78 23.20
CA ARG B 763 -36.97 -6.70 23.06
C ARG B 763 -37.33 -6.04 21.73
N TRP B 764 -36.59 -4.98 21.37
CA TRP B 764 -36.84 -4.23 20.15
C TRP B 764 -36.64 -5.09 18.91
N MET B 765 -35.57 -5.90 18.92
CA MET B 765 -35.30 -6.84 17.85
C MET B 765 -36.48 -7.78 17.58
N ASP B 766 -37.08 -8.31 18.64
CA ASP B 766 -38.22 -9.21 18.50
C ASP B 766 -39.47 -8.48 18.01
N GLU B 767 -39.59 -7.21 18.38
CA GLU B 767 -40.73 -6.41 17.97
C GLU B 767 -40.60 -5.89 16.54
N HIS B 768 -39.38 -5.70 16.07
CA HIS B 768 -39.16 -5.39 14.66
C HIS B 768 -38.38 -6.53 14.00
N LEU B 769 -39.06 -7.38 13.25
CA LEU B 769 -38.37 -8.40 12.46
C LEU B 769 -38.22 -7.82 11.06
N ASN B 770 -38.88 -6.68 10.85
CA ASN B 770 -38.78 -5.88 9.66
C ASN B 770 -37.33 -5.43 9.43
N VAL B 771 -36.65 -5.18 10.55
CA VAL B 771 -35.27 -4.76 10.56
C VAL B 771 -34.38 -6.00 10.66
N LYS B 772 -33.57 -6.24 9.63
CA LYS B 772 -32.62 -7.34 9.75
C LYS B 772 -31.28 -6.85 10.24
N ILE B 773 -30.74 -7.59 11.21
CA ILE B 773 -29.40 -7.38 11.70
C ILE B 773 -28.59 -8.55 11.18
N PRO B 774 -27.73 -8.31 10.17
CA PRO B 774 -26.87 -9.36 9.63
C PRO B 774 -25.90 -9.86 10.68
N ARG B 775 -25.37 -11.05 10.46
CA ARG B 775 -24.31 -11.62 11.29
C ARG B 775 -24.66 -11.61 12.78
N LEU B 776 -25.83 -12.15 13.11
CA LEU B 776 -26.26 -12.27 14.48
C LEU B 776 -25.23 -13.02 15.33
N VAL B 777 -24.59 -14.03 14.74
CA VAL B 777 -23.54 -14.76 15.44
C VAL B 777 -22.35 -13.86 15.77
N ASP B 778 -22.26 -12.72 15.09
CA ASP B 778 -21.21 -11.74 15.37
C ASP B 778 -21.64 -10.57 16.27
N VAL B 779 -22.90 -10.49 16.66
CA VAL B 779 -23.29 -9.47 17.64
C VAL B 779 -23.21 -10.08 19.05
N ILE B 780 -22.18 -9.65 19.77
CA ILE B 780 -21.59 -10.46 20.82
C ILE B 780 -21.38 -9.70 22.12
N CYS B 781 -21.75 -10.33 23.24
CA CYS B 781 -21.51 -9.78 24.57
C CYS B 781 -20.02 -9.85 24.90
N ALA B 782 -19.41 -8.71 25.21
CA ALA B 782 -18.04 -8.71 25.70
C ALA B 782 -17.96 -8.80 27.22
N SER B 783 -19.07 -8.53 27.90
CA SER B 783 -19.09 -8.46 29.36
C SER B 783 -20.46 -8.89 29.92
N PRO B 784 -20.48 -9.35 31.18
CA PRO B 784 -19.32 -9.56 32.05
C PRO B 784 -18.64 -10.89 31.71
N GLY B 785 -17.63 -11.26 32.47
CA GLY B 785 -16.83 -12.44 32.20
C GLY B 785 -17.62 -13.71 31.95
N ASP B 786 -18.79 -13.81 32.60
CA ASP B 786 -19.61 -15.02 32.51
C ASP B 786 -20.30 -15.16 31.15
N GLN B 787 -20.70 -14.04 30.56
CA GLN B 787 -21.48 -14.06 29.33
C GLN B 787 -20.62 -13.90 28.07
N ARG B 788 -19.31 -13.75 28.27
CA ARG B 788 -18.37 -13.48 27.20
C ARG B 788 -18.49 -14.47 26.04
N GLY B 789 -18.59 -13.95 24.83
CA GLY B 789 -18.66 -14.78 23.64
C GLY B 789 -20.07 -15.18 23.26
N LYS B 790 -21.04 -14.92 24.14
CA LYS B 790 -22.41 -15.29 23.83
C LYS B 790 -23.06 -14.32 22.85
N SER B 791 -23.79 -14.87 21.89
CA SER B 791 -24.56 -14.05 20.96
C SER B 791 -25.68 -13.34 21.70
N ILE B 792 -25.99 -12.12 21.28
CA ILE B 792 -26.98 -11.30 21.93
C ILE B 792 -28.38 -11.94 21.96
N VAL B 793 -28.67 -12.78 20.96
CA VAL B 793 -29.95 -13.50 20.94
C VAL B 793 -29.89 -14.82 21.71
N SER B 794 -28.71 -15.15 22.24
CA SER B 794 -28.53 -16.34 23.06
C SER B 794 -28.70 -16.06 24.55
N LEU B 795 -29.00 -14.80 24.89
CA LEU B 795 -29.06 -14.40 26.28
C LEU B 795 -30.46 -14.51 26.87
N GLU B 796 -30.59 -15.24 27.96
CA GLU B 796 -31.86 -15.38 28.65
C GLU B 796 -31.72 -15.00 30.11
#